data_2HDN
#
_entry.id   2HDN
#
_cell.length_a   69.710
_cell.length_b   156.060
_cell.length_c   134.830
_cell.angle_alpha   90.000
_cell.angle_beta   95.380
_cell.angle_gamma   90.000
#
_symmetry.space_group_name_H-M   'P 1 21 1'
#
loop_
_entity.id
_entity.type
_entity.pdbx_description
1 polymer 'Elongation factor EF-Tu'
2 polymer 'Elongation factor EF-Tu'
3 non-polymer 'MAGNESIUM ION'
4 non-polymer "GUANOSINE-5'-DIPHOSPHATE"
5 non-polymer TETRACYCLINE
6 water water
#
loop_
_entity_poly.entity_id
_entity_poly.type
_entity_poly.pdbx_seq_one_letter_code
_entity_poly.pdbx_strand_id
1 'polypeptide(L)' TKPHVNVGTIGHVDHGKTTLTAAITTVLAKTYGGAAR A,C,E,G,I,K
2 'polypeptide(L)'
;GITINTSHVEYDTPTRHYAHVDCPGHADYVKNMITGAAQMDGAILVVAATDGPMPQTREHILLGRQVGVPYIIVFLNKCD
MVDDEELLELVEMEVRELLSQYDFPGDDTPIVRGSALKALEGDAEWEAKILELAGFLDSYIPEPERAIDKPFLLPIEDVF
SISGRGTVVTGRVERGIIKVGEEVEIVGIKETQKSTCTGVEMFRKLLDEGRAGENVGVLLRGIKREEIERGQVLAKPGTI
KPHTKFESEVYILSKDEGGRHTPFFKGYRPQFYFRTTDVTGTIELPEGVEMVMPGDNIKMVVTLIHPIAMDDGLRFAIRE
GGRTVGAGVVAKVLG
;
B,D,F,H,J,L
#
# COMPACT_ATOMS: atom_id res chain seq x y z
N THR A 1 55.46 -12.17 24.24
CA THR A 1 54.50 -12.95 23.39
C THR A 1 54.74 -14.46 23.39
N LYS A 2 53.65 -15.22 23.54
CA LYS A 2 53.63 -16.69 23.63
C LYS A 2 54.19 -17.47 22.47
N PRO A 3 54.85 -18.59 22.75
CA PRO A 3 55.39 -19.38 21.65
C PRO A 3 54.17 -19.91 20.89
N HIS A 4 54.36 -20.17 19.62
CA HIS A 4 53.31 -20.67 18.77
C HIS A 4 53.67 -22.07 18.29
N VAL A 5 52.76 -23.01 18.52
CA VAL A 5 52.99 -24.38 18.13
C VAL A 5 51.88 -24.90 17.23
N ASN A 6 52.24 -25.64 16.19
CA ASN A 6 51.23 -26.20 15.29
C ASN A 6 51.03 -27.66 15.59
N VAL A 7 49.78 -28.06 15.82
CA VAL A 7 49.48 -29.45 16.11
C VAL A 7 48.26 -29.84 15.31
N GLY A 8 47.80 -31.06 15.48
CA GLY A 8 46.65 -31.51 14.74
C GLY A 8 46.30 -32.89 15.23
N THR A 9 45.11 -33.35 14.88
CA THR A 9 44.66 -34.67 15.28
C THR A 9 44.73 -35.63 14.09
N ILE A 10 45.38 -36.77 14.24
CA ILE A 10 45.43 -37.77 13.18
C ILE A 10 44.79 -39.03 13.77
N GLY A 11 44.59 -40.03 12.92
CA GLY A 11 43.98 -41.25 13.40
C GLY A 11 42.90 -41.77 12.49
N HIS A 12 42.46 -42.99 12.76
CA HIS A 12 41.46 -43.65 11.97
C HIS A 12 40.14 -42.92 12.00
N VAL A 13 39.35 -43.09 10.96
CA VAL A 13 38.07 -42.39 10.88
C VAL A 13 37.17 -42.88 11.99
N ASP A 14 36.32 -41.95 12.43
CA ASP A 14 35.36 -42.18 13.51
C ASP A 14 35.89 -42.53 14.90
N HIS A 15 37.21 -42.42 15.08
CA HIS A 15 37.79 -42.66 16.38
C HIS A 15 37.66 -41.48 17.34
N GLY A 16 37.21 -40.33 16.84
CA GLY A 16 37.01 -39.19 17.73
C GLY A 16 37.84 -37.94 17.52
N LYS A 17 38.61 -37.88 16.44
CA LYS A 17 39.45 -36.72 16.18
C LYS A 17 38.74 -35.40 16.29
N THR A 18 37.58 -35.29 15.67
CA THR A 18 36.90 -34.01 15.70
C THR A 18 36.22 -33.67 17.03
N THR A 19 35.71 -34.70 17.68
CA THR A 19 35.04 -34.49 18.96
C THR A 19 36.11 -34.02 19.97
N LEU A 20 37.27 -34.67 19.96
CA LEU A 20 38.37 -34.30 20.84
C LEU A 20 38.79 -32.86 20.55
N THR A 21 38.82 -32.49 19.28
CA THR A 21 39.21 -31.14 18.93
C THR A 21 38.24 -30.17 19.62
N ALA A 22 36.94 -30.43 19.52
CA ALA A 22 35.97 -29.56 20.15
C ALA A 22 36.20 -29.51 21.68
N ALA A 23 36.41 -30.67 22.28
CA ALA A 23 36.64 -30.77 23.70
C ALA A 23 37.85 -29.93 24.15
N ILE A 24 38.95 -30.03 23.42
CA ILE A 24 40.12 -29.28 23.81
C ILE A 24 39.77 -27.82 23.89
N THR A 25 39.22 -27.33 22.80
CA THR A 25 38.83 -25.93 22.69
C THR A 25 37.93 -25.44 23.82
N THR A 26 36.93 -26.24 24.15
CA THR A 26 35.96 -25.94 25.18
C THR A 26 36.59 -25.93 26.55
N VAL A 27 37.02 -27.11 27.00
CA VAL A 27 37.66 -27.22 28.31
C VAL A 27 38.79 -26.19 28.56
N LEU A 28 39.59 -25.88 27.54
CA LEU A 28 40.66 -24.93 27.76
C LEU A 28 40.14 -23.53 28.02
N ALA A 29 39.17 -23.06 27.23
CA ALA A 29 38.63 -21.71 27.44
C ALA A 29 37.96 -21.63 28.81
N LYS A 30 37.14 -22.63 29.06
CA LYS A 30 36.41 -22.75 30.29
C LYS A 30 37.35 -22.71 31.47
N THR A 31 38.52 -23.32 31.34
CA THR A 31 39.47 -23.36 32.45
C THR A 31 40.53 -22.25 32.52
N TYR A 32 40.95 -21.71 31.39
CA TYR A 32 41.97 -20.69 31.43
C TYR A 32 41.63 -19.32 30.81
N GLY A 33 40.37 -19.07 30.44
CA GLY A 33 40.04 -17.77 29.88
C GLY A 33 38.57 -17.61 29.57
N GLY B 1 43.10 -27.96 -9.11
CA GLY B 1 44.16 -28.10 -8.14
C GLY B 1 43.83 -29.18 -7.12
N ILE B 2 44.71 -29.39 -6.15
CA ILE B 2 44.45 -30.38 -5.14
C ILE B 2 43.25 -29.99 -4.33
N THR B 3 42.41 -30.96 -4.05
CA THR B 3 41.22 -30.72 -3.28
C THR B 3 41.56 -30.93 -1.83
N ILE B 4 41.37 -29.93 -1.00
CA ILE B 4 41.69 -30.19 0.39
C ILE B 4 40.67 -29.73 1.44
N ASN B 5 40.30 -30.66 2.29
CA ASN B 5 39.31 -30.42 3.35
C ASN B 5 39.94 -30.32 4.72
N THR B 6 39.89 -29.14 5.33
CA THR B 6 40.52 -28.95 6.64
C THR B 6 39.78 -28.05 7.57
N SER B 7 40.09 -28.20 8.85
CA SER B 7 39.54 -27.39 9.93
C SER B 7 40.75 -26.78 10.59
N HIS B 8 40.67 -25.51 10.92
CA HIS B 8 41.77 -24.88 11.59
C HIS B 8 41.23 -24.12 12.80
N VAL B 9 41.65 -24.53 13.97
CA VAL B 9 41.21 -23.93 15.20
C VAL B 9 42.44 -23.47 16.02
N GLU B 10 42.29 -22.47 16.88
CA GLU B 10 43.40 -22.00 17.71
C GLU B 10 42.99 -21.98 19.16
N TYR B 11 43.93 -22.23 20.07
CA TYR B 11 43.61 -22.20 21.49
C TYR B 11 44.86 -21.98 22.33
N ASP B 12 44.63 -21.69 23.61
CA ASP B 12 45.73 -21.38 24.50
C ASP B 12 45.85 -22.17 25.78
N THR B 13 47.08 -22.37 26.20
CA THR B 13 47.32 -22.99 27.48
C THR B 13 48.02 -21.79 28.18
N PRO B 14 48.21 -21.87 29.49
CA PRO B 14 48.87 -20.73 30.13
C PRO B 14 50.17 -20.25 29.51
N THR B 15 50.93 -21.13 28.88
CA THR B 15 52.19 -20.69 28.34
C THR B 15 52.38 -20.69 26.85
N ARG B 16 51.52 -21.37 26.10
CA ARG B 16 51.70 -21.44 24.65
C ARG B 16 50.43 -21.21 23.89
N HIS B 17 50.60 -20.85 22.62
CA HIS B 17 49.47 -20.64 21.74
C HIS B 17 49.50 -21.75 20.69
N TYR B 18 48.36 -22.39 20.46
CA TYR B 18 48.28 -23.49 19.50
C TYR B 18 47.40 -23.28 18.28
N ALA B 19 47.89 -23.76 17.14
CA ALA B 19 47.15 -23.76 15.87
C ALA B 19 46.94 -25.25 15.62
N HIS B 20 45.70 -25.67 15.46
CA HIS B 20 45.40 -27.10 15.36
C HIS B 20 44.59 -27.50 14.13
N VAL B 21 45.09 -28.44 13.29
CA VAL B 21 44.30 -28.89 12.12
C VAL B 21 43.57 -30.20 12.39
N ASP B 22 42.46 -30.40 11.70
CA ASP B 22 41.64 -31.60 11.83
C ASP B 22 41.05 -31.77 10.43
N CYS B 23 41.14 -32.94 9.83
CA CYS B 23 40.61 -33.10 8.49
C CYS B 23 39.53 -34.17 8.58
N PRO B 24 38.55 -34.09 7.70
CA PRO B 24 37.48 -35.08 7.74
C PRO B 24 37.84 -36.48 7.33
N GLY B 25 38.41 -36.65 6.14
CA GLY B 25 38.75 -38.00 5.71
C GLY B 25 40.20 -38.41 5.54
N HIS B 26 40.43 -39.71 5.41
CA HIS B 26 41.79 -40.21 5.25
C HIS B 26 42.52 -39.55 4.10
N ALA B 27 41.86 -39.40 2.96
CA ALA B 27 42.45 -38.78 1.80
C ALA B 27 42.94 -37.37 2.13
N ASP B 28 42.20 -36.67 2.97
CA ASP B 28 42.56 -35.30 3.35
C ASP B 28 43.88 -35.33 4.10
N TYR B 29 43.97 -36.21 5.06
CA TYR B 29 45.21 -36.33 5.80
C TYR B 29 46.36 -36.58 4.85
N VAL B 30 46.17 -37.52 3.91
CA VAL B 30 47.24 -37.79 2.99
C VAL B 30 47.66 -36.56 2.22
N LYS B 31 46.71 -35.92 1.55
CA LYS B 31 47.03 -34.74 0.76
C LYS B 31 47.67 -33.64 1.57
N ASN B 32 47.09 -33.38 2.74
CA ASN B 32 47.58 -32.35 3.65
C ASN B 32 48.98 -32.53 4.16
N MET B 33 49.27 -33.73 4.64
CA MET B 33 50.56 -34.02 5.19
C MET B 33 51.63 -33.91 4.11
N ILE B 34 51.35 -34.45 2.94
CA ILE B 34 52.34 -34.39 1.90
C ILE B 34 52.54 -32.98 1.35
N THR B 35 51.48 -32.33 0.89
CA THR B 35 51.63 -30.98 0.35
C THR B 35 52.14 -29.98 1.35
N GLY B 36 52.23 -30.38 2.61
CA GLY B 36 52.72 -29.47 3.63
C GLY B 36 51.72 -28.35 3.93
N ALA B 37 50.51 -28.49 3.41
CA ALA B 37 49.49 -27.49 3.66
C ALA B 37 49.37 -27.32 5.16
N ALA B 38 49.22 -28.44 5.84
CA ALA B 38 49.08 -28.50 7.29
C ALA B 38 50.39 -29.01 7.87
N GLN B 39 51.30 -28.14 8.31
CA GLN B 39 52.58 -28.65 8.89
C GLN B 39 52.36 -28.78 10.39
N MET B 40 53.00 -29.75 11.02
CA MET B 40 52.78 -29.97 12.43
C MET B 40 54.07 -30.12 13.21
N ASP B 41 54.12 -29.48 14.36
CA ASP B 41 55.30 -29.57 15.20
C ASP B 41 55.15 -30.78 16.10
N GLY B 42 53.90 -31.24 16.21
CA GLY B 42 53.56 -32.40 17.00
C GLY B 42 52.16 -32.83 16.57
N ALA B 43 51.84 -34.11 16.74
CA ALA B 43 50.52 -34.57 16.33
C ALA B 43 49.89 -35.31 17.51
N ILE B 44 48.55 -35.34 17.54
CA ILE B 44 47.80 -36.02 18.58
C ILE B 44 47.18 -37.22 17.89
N LEU B 45 47.72 -38.41 18.13
CA LEU B 45 47.18 -39.62 17.53
C LEU B 45 46.00 -40.05 18.41
N VAL B 46 44.81 -40.08 17.82
CA VAL B 46 43.60 -40.46 18.50
C VAL B 46 43.28 -41.88 18.14
N VAL B 47 43.13 -42.72 19.15
CA VAL B 47 42.83 -44.14 18.94
C VAL B 47 41.66 -44.52 19.83
N ALA B 48 40.52 -44.88 19.24
CA ALA B 48 39.35 -45.31 20.04
C ALA B 48 39.73 -46.61 20.79
N ALA B 49 39.51 -46.62 22.11
CA ALA B 49 39.87 -47.79 22.92
C ALA B 49 38.99 -48.99 22.56
N THR B 50 37.77 -48.71 22.08
CA THR B 50 36.85 -49.76 21.67
C THR B 50 37.38 -50.51 20.44
N ASP B 51 37.84 -49.82 19.41
CA ASP B 51 38.34 -50.51 18.21
C ASP B 51 39.80 -50.86 18.24
N GLY B 52 40.60 -50.11 18.99
CA GLY B 52 42.03 -50.39 18.97
C GLY B 52 42.63 -49.84 17.67
N PRO B 53 43.92 -50.08 17.42
CA PRO B 53 44.49 -49.55 16.19
C PRO B 53 43.73 -50.03 14.97
N MET B 54 43.84 -49.31 13.88
CA MET B 54 43.17 -49.69 12.66
C MET B 54 44.09 -49.33 11.52
N PRO B 55 43.70 -49.66 10.29
CA PRO B 55 44.59 -49.33 9.17
C PRO B 55 45.07 -47.87 9.12
N GLN B 56 44.12 -46.93 9.09
CA GLN B 56 44.47 -45.51 9.03
C GLN B 56 45.38 -45.08 10.20
N THR B 57 45.21 -45.73 11.34
CA THR B 57 46.04 -45.44 12.50
C THR B 57 47.48 -45.67 12.10
N ARG B 58 47.70 -46.82 11.51
CA ARG B 58 49.04 -47.19 11.09
C ARG B 58 49.52 -46.26 9.97
N GLU B 59 48.68 -46.09 8.97
CA GLU B 59 49.04 -45.25 7.85
C GLU B 59 49.43 -43.81 8.26
N HIS B 60 48.65 -43.22 9.18
CA HIS B 60 48.95 -41.86 9.63
C HIS B 60 50.30 -41.79 10.30
N ILE B 61 50.62 -42.76 11.15
CA ILE B 61 51.91 -42.77 11.83
C ILE B 61 53.05 -42.87 10.82
N LEU B 62 52.85 -43.75 9.85
CA LEU B 62 53.86 -43.90 8.84
C LEU B 62 54.03 -42.59 8.09
N LEU B 63 52.91 -42.01 7.69
CA LEU B 63 52.96 -40.73 7.01
C LEU B 63 53.72 -39.68 7.81
N GLY B 64 53.47 -39.71 9.13
CA GLY B 64 54.12 -38.79 10.04
C GLY B 64 55.61 -38.94 9.97
N ARG B 65 56.09 -40.18 10.00
CA ARG B 65 57.53 -40.43 9.90
C ARG B 65 58.02 -39.87 8.60
N GLN B 66 57.32 -40.22 7.54
CA GLN B 66 57.68 -39.77 6.22
C GLN B 66 57.76 -38.25 6.04
N VAL B 67 56.70 -37.53 6.40
CA VAL B 67 56.69 -36.09 6.20
C VAL B 67 57.41 -35.26 7.24
N GLY B 68 57.89 -35.91 8.26
CA GLY B 68 58.65 -35.22 9.27
C GLY B 68 57.99 -34.73 10.54
N VAL B 69 56.91 -35.36 10.99
CA VAL B 69 56.30 -34.89 12.22
C VAL B 69 57.17 -35.50 13.28
N PRO B 70 57.85 -34.67 14.06
CA PRO B 70 58.76 -35.08 15.13
C PRO B 70 58.21 -35.74 16.41
N TYR B 71 57.01 -35.36 16.84
CA TYR B 71 56.47 -35.94 18.05
C TYR B 71 55.06 -36.35 17.94
N ILE B 72 54.69 -37.39 18.66
CA ILE B 72 53.32 -37.82 18.66
C ILE B 72 52.90 -38.17 20.05
N ILE B 73 51.76 -37.63 20.47
CA ILE B 73 51.18 -37.86 21.79
C ILE B 73 49.95 -38.68 21.53
N VAL B 74 49.62 -39.62 22.39
CA VAL B 74 48.44 -40.41 22.14
C VAL B 74 47.28 -40.15 23.08
N PHE B 75 46.07 -40.20 22.54
CA PHE B 75 44.86 -40.01 23.33
C PHE B 75 43.95 -41.20 23.08
N LEU B 76 43.85 -42.10 24.07
CA LEU B 76 42.96 -43.28 23.99
C LEU B 76 41.57 -42.75 24.24
N ASN B 77 40.75 -42.75 23.20
CA ASN B 77 39.43 -42.16 23.32
C ASN B 77 38.33 -43.18 23.54
N LYS B 78 37.16 -42.68 23.87
CA LYS B 78 36.02 -43.54 24.12
C LYS B 78 36.25 -44.51 25.34
N CYS B 79 37.04 -44.07 26.32
CA CYS B 79 37.26 -44.89 27.49
C CYS B 79 36.03 -44.90 28.36
N ASP B 80 35.06 -44.04 28.04
CA ASP B 80 33.83 -44.01 28.80
C ASP B 80 33.00 -45.21 28.35
N MET B 81 33.56 -46.05 27.49
CA MET B 81 32.88 -47.25 26.98
C MET B 81 33.50 -48.49 27.61
N VAL B 82 34.81 -48.53 27.67
CA VAL B 82 35.49 -49.68 28.25
C VAL B 82 35.51 -49.54 29.75
N ASP B 83 35.82 -50.63 30.45
CA ASP B 83 35.86 -50.65 31.92
C ASP B 83 36.70 -51.81 32.40
N ASP B 84 37.62 -52.26 31.54
CA ASP B 84 38.47 -53.37 31.89
C ASP B 84 39.90 -52.95 31.81
N GLU B 85 40.44 -52.55 32.95
CA GLU B 85 41.84 -52.13 33.10
C GLU B 85 42.73 -53.03 32.24
N GLU B 86 42.35 -54.29 32.17
CA GLU B 86 43.05 -55.28 31.40
C GLU B 86 43.06 -54.89 29.92
N LEU B 87 41.86 -54.72 29.36
CA LEU B 87 41.71 -54.36 27.94
C LEU B 87 42.51 -53.12 27.52
N LEU B 88 42.34 -52.03 28.26
CA LEU B 88 43.03 -50.80 27.98
C LEU B 88 44.54 -51.08 27.93
N GLU B 89 45.10 -51.70 28.96
CA GLU B 89 46.53 -52.01 28.98
C GLU B 89 46.94 -52.73 27.72
N LEU B 90 45.99 -53.50 27.19
CA LEU B 90 46.26 -54.25 25.99
C LEU B 90 46.42 -53.28 24.84
N VAL B 91 45.41 -52.46 24.60
CA VAL B 91 45.44 -51.48 23.52
C VAL B 91 46.71 -50.64 23.58
N GLU B 92 47.08 -50.15 24.77
CA GLU B 92 48.29 -49.34 24.93
C GLU B 92 49.51 -50.01 24.35
N MET B 93 49.73 -51.24 24.79
CA MET B 93 50.89 -52.02 24.37
C MET B 93 50.92 -52.13 22.86
N GLU B 94 49.73 -52.33 22.27
CA GLU B 94 49.62 -52.45 20.83
C GLU B 94 50.14 -51.16 20.17
N VAL B 95 49.57 -50.04 20.60
CA VAL B 95 49.93 -48.72 20.12
C VAL B 95 51.42 -48.39 20.29
N ARG B 96 51.97 -48.61 21.48
CA ARG B 96 53.38 -48.29 21.72
C ARG B 96 54.27 -49.10 20.78
N GLU B 97 53.85 -50.32 20.50
CA GLU B 97 54.59 -51.21 19.61
C GLU B 97 54.57 -50.59 18.21
N LEU B 98 53.34 -50.28 17.80
CA LEU B 98 53.05 -49.68 16.52
C LEU B 98 53.88 -48.39 16.27
N LEU B 99 54.00 -47.56 17.29
CA LEU B 99 54.80 -46.36 17.15
C LEU B 99 56.25 -46.72 16.99
N SER B 100 56.73 -47.64 17.83
CA SER B 100 58.14 -48.08 17.81
C SER B 100 58.48 -48.62 16.42
N GLN B 101 57.50 -49.29 15.81
CA GLN B 101 57.62 -49.84 14.48
C GLN B 101 58.12 -48.79 13.51
N TYR B 102 57.70 -47.56 13.71
CA TYR B 102 58.12 -46.53 12.78
C TYR B 102 59.08 -45.56 13.34
N ASP B 103 59.86 -46.01 14.30
CA ASP B 103 60.91 -45.19 14.91
C ASP B 103 60.50 -44.09 15.88
N PHE B 104 59.27 -44.17 16.38
CA PHE B 104 58.85 -43.20 17.34
C PHE B 104 59.07 -43.92 18.66
N PRO B 105 59.56 -43.22 19.72
CA PRO B 105 59.81 -43.82 21.02
C PRO B 105 58.54 -44.34 21.70
N GLY B 106 58.01 -45.45 21.23
CA GLY B 106 56.79 -46.00 21.78
C GLY B 106 56.77 -46.17 23.29
N ASP B 107 57.93 -46.21 23.92
CA ASP B 107 57.93 -46.39 25.37
C ASP B 107 57.74 -45.08 26.11
N ASP B 108 58.50 -44.06 25.71
CA ASP B 108 58.37 -42.73 26.32
C ASP B 108 57.18 -41.89 25.86
N THR B 109 56.41 -42.41 24.89
CA THR B 109 55.26 -41.69 24.35
C THR B 109 54.13 -41.55 25.36
N PRO B 110 53.66 -40.31 25.60
CA PRO B 110 52.57 -40.09 26.55
C PRO B 110 51.28 -40.63 26.01
N ILE B 111 50.51 -41.33 26.84
CA ILE B 111 49.21 -41.82 26.40
C ILE B 111 48.16 -41.44 27.44
N VAL B 112 47.18 -40.64 27.04
CA VAL B 112 46.16 -40.22 27.95
C VAL B 112 44.94 -41.04 27.68
N ARG B 113 44.26 -41.47 28.74
CA ARG B 113 43.03 -42.25 28.61
C ARG B 113 41.89 -41.29 28.92
N GLY B 114 41.01 -41.05 27.95
CA GLY B 114 39.94 -40.12 28.21
C GLY B 114 38.71 -40.35 27.39
N SER B 115 37.85 -39.34 27.38
CA SER B 115 36.62 -39.44 26.65
C SER B 115 36.30 -38.05 26.14
N ALA B 116 36.49 -37.86 24.84
CA ALA B 116 36.26 -36.60 24.22
C ALA B 116 34.80 -36.23 24.34
N LEU B 117 33.96 -37.24 24.31
CA LEU B 117 32.52 -37.00 24.36
C LEU B 117 32.08 -36.44 25.73
N LYS B 118 32.33 -37.21 26.77
CA LYS B 118 31.98 -36.82 28.12
C LYS B 118 32.57 -35.44 28.45
N ALA B 119 33.86 -35.27 28.19
CA ALA B 119 34.53 -34.00 28.47
C ALA B 119 33.77 -32.84 27.85
N LEU B 120 33.29 -33.06 26.65
CA LEU B 120 32.56 -32.05 25.94
C LEU B 120 31.21 -31.79 26.60
N GLU B 121 30.66 -32.84 27.22
CA GLU B 121 29.36 -32.72 27.88
C GLU B 121 29.46 -31.97 29.19
N GLY B 122 30.67 -31.83 29.72
CA GLY B 122 30.85 -31.12 30.98
C GLY B 122 31.29 -31.93 32.18
N ASP B 123 31.18 -33.25 32.07
CA ASP B 123 31.59 -34.10 33.16
C ASP B 123 33.07 -33.77 33.50
N ALA B 124 33.30 -33.11 34.62
CA ALA B 124 34.65 -32.69 35.03
C ALA B 124 35.65 -33.78 35.30
N GLU B 125 35.18 -34.98 35.62
CA GLU B 125 36.12 -36.06 35.90
C GLU B 125 36.85 -36.36 34.59
N TRP B 126 36.17 -36.11 33.49
CA TRP B 126 36.67 -36.35 32.13
C TRP B 126 37.39 -35.15 31.56
N GLU B 127 36.95 -33.97 31.96
CA GLU B 127 37.55 -32.74 31.48
C GLU B 127 39.00 -32.76 31.98
N ALA B 128 39.19 -33.45 33.11
CA ALA B 128 40.50 -33.55 33.72
C ALA B 128 41.49 -34.12 32.74
N LYS B 129 41.10 -35.19 32.07
CA LYS B 129 41.96 -35.83 31.09
C LYS B 129 42.34 -34.87 29.95
N ILE B 130 41.42 -33.98 29.56
CA ILE B 130 41.72 -33.01 28.52
C ILE B 130 42.86 -32.10 29.04
N LEU B 131 42.77 -31.71 30.30
CA LEU B 131 43.80 -30.86 30.85
C LEU B 131 45.15 -31.59 30.93
N GLU B 132 45.08 -32.91 31.12
CA GLU B 132 46.28 -33.72 31.21
C GLU B 132 46.95 -33.73 29.84
N LEU B 133 46.13 -33.87 28.80
CA LEU B 133 46.61 -33.88 27.43
C LEU B 133 47.32 -32.55 27.11
N ALA B 134 46.68 -31.47 27.48
CA ALA B 134 47.22 -30.14 27.25
C ALA B 134 48.57 -29.99 27.93
N GLY B 135 48.70 -30.63 29.08
CA GLY B 135 49.95 -30.58 29.82
C GLY B 135 51.05 -31.22 29.02
N PHE B 136 50.73 -32.34 28.37
CA PHE B 136 51.70 -33.00 27.54
C PHE B 136 52.01 -32.20 26.26
N LEU B 137 51.03 -31.48 25.72
CA LEU B 137 51.28 -30.67 24.55
C LEU B 137 52.34 -29.67 24.97
N ASP B 138 52.16 -29.09 26.16
CA ASP B 138 53.08 -28.09 26.70
C ASP B 138 54.45 -28.62 27.06
N SER B 139 54.52 -29.83 27.62
CA SER B 139 55.79 -30.37 28.07
C SER B 139 56.54 -31.25 27.09
N TYR B 140 55.81 -32.11 26.41
CA TYR B 140 56.39 -33.06 25.48
C TYR B 140 56.88 -32.48 24.16
N ILE B 141 56.11 -31.61 23.53
CA ILE B 141 56.53 -31.01 22.27
C ILE B 141 57.43 -29.85 22.61
N PRO B 142 58.68 -29.93 22.20
CA PRO B 142 59.57 -28.80 22.53
C PRO B 142 59.22 -27.63 21.66
N GLU B 143 59.48 -26.42 22.16
CA GLU B 143 59.21 -25.16 21.45
C GLU B 143 59.91 -25.26 20.10
N PRO B 144 59.17 -25.10 19.00
CA PRO B 144 59.78 -25.19 17.66
C PRO B 144 60.74 -24.03 17.32
N GLU B 145 61.68 -24.33 16.41
CA GLU B 145 62.72 -23.39 15.99
C GLU B 145 62.19 -22.42 14.95
N ARG B 146 62.42 -21.14 15.20
CA ARG B 146 61.98 -20.07 14.31
C ARG B 146 62.76 -19.96 13.00
N ALA B 147 62.11 -19.48 11.95
CA ALA B 147 62.74 -19.33 10.63
C ALA B 147 64.05 -18.53 10.65
N ILE B 148 64.02 -17.39 11.33
CA ILE B 148 65.18 -16.51 11.44
C ILE B 148 66.36 -17.10 12.16
N ASP B 149 66.11 -18.11 13.00
CA ASP B 149 67.19 -18.74 13.75
C ASP B 149 67.86 -19.85 12.95
N LYS B 150 67.24 -20.25 11.84
CA LYS B 150 67.83 -21.29 11.00
C LYS B 150 68.88 -20.68 10.09
N PRO B 151 69.73 -21.51 9.49
CA PRO B 151 70.79 -21.03 8.59
C PRO B 151 70.23 -20.33 7.38
N PHE B 152 70.91 -19.28 6.92
CA PHE B 152 70.50 -18.51 5.75
C PHE B 152 70.29 -19.38 4.50
N LEU B 153 69.14 -19.20 3.85
CA LEU B 153 68.83 -19.93 2.63
C LEU B 153 67.99 -18.94 1.78
N LEU B 154 68.38 -18.74 0.53
CA LEU B 154 67.64 -17.85 -0.34
C LEU B 154 67.49 -18.42 -1.76
N PRO B 155 66.28 -18.82 -2.15
CA PRO B 155 66.11 -19.37 -3.49
C PRO B 155 66.14 -18.22 -4.48
N ILE B 156 67.08 -18.27 -5.40
CA ILE B 156 67.28 -17.26 -6.40
C ILE B 156 66.14 -17.20 -7.40
N GLU B 157 65.47 -16.07 -7.47
CA GLU B 157 64.36 -15.97 -8.39
C GLU B 157 64.72 -15.27 -9.68
N ASP B 158 65.76 -14.44 -9.66
CA ASP B 158 66.16 -13.75 -10.87
C ASP B 158 67.55 -13.21 -10.64
N VAL B 159 68.21 -12.79 -11.73
CA VAL B 159 69.56 -12.24 -11.64
C VAL B 159 69.68 -11.01 -12.47
N PHE B 160 70.47 -10.06 -11.97
CA PHE B 160 70.69 -8.78 -12.63
C PHE B 160 72.10 -8.33 -12.43
N SER B 161 72.52 -7.43 -13.30
CA SER B 161 73.86 -6.91 -13.23
C SER B 161 73.68 -5.45 -13.23
N ILE B 162 73.91 -4.81 -12.09
CA ILE B 162 73.81 -3.37 -12.06
C ILE B 162 75.19 -2.77 -12.31
N SER B 163 75.23 -1.82 -13.25
CA SER B 163 76.47 -1.18 -13.66
C SER B 163 77.46 -0.70 -12.62
N GLY B 164 78.67 -1.17 -12.80
CA GLY B 164 79.74 -0.79 -11.91
C GLY B 164 79.68 -1.34 -10.50
N ARG B 165 78.53 -1.90 -10.10
CA ARG B 165 78.43 -2.43 -8.75
C ARG B 165 78.53 -3.95 -8.65
N GLY B 166 78.07 -4.66 -9.67
CA GLY B 166 78.15 -6.11 -9.59
C GLY B 166 76.89 -6.81 -9.98
N THR B 167 76.81 -8.08 -9.57
CA THR B 167 75.68 -8.97 -9.85
C THR B 167 74.71 -9.00 -8.67
N VAL B 168 73.41 -8.86 -8.96
CA VAL B 168 72.37 -8.86 -7.94
C VAL B 168 71.44 -10.04 -8.13
N VAL B 169 71.30 -10.87 -7.10
CA VAL B 169 70.37 -12.00 -7.18
C VAL B 169 69.17 -11.62 -6.36
N THR B 170 67.97 -11.89 -6.86
CA THR B 170 66.77 -11.56 -6.10
C THR B 170 65.97 -12.77 -5.62
N GLY B 171 65.16 -12.54 -4.59
CA GLY B 171 64.33 -13.59 -4.05
C GLY B 171 63.90 -13.32 -2.62
N ARG B 172 63.03 -14.16 -2.09
CA ARG B 172 62.60 -13.97 -0.73
C ARG B 172 63.45 -14.88 0.15
N VAL B 173 64.05 -14.29 1.18
CA VAL B 173 64.87 -15.09 2.10
C VAL B 173 63.95 -16.10 2.75
N GLU B 174 64.23 -17.39 2.57
CA GLU B 174 63.38 -18.44 3.13
C GLU B 174 63.61 -18.58 4.60
N ARG B 175 64.86 -18.45 4.99
CA ARG B 175 65.16 -18.55 6.39
C ARG B 175 66.52 -17.97 6.76
N GLY B 176 66.68 -17.62 8.04
CA GLY B 176 67.92 -17.05 8.49
C GLY B 176 68.08 -15.56 8.21
N ILE B 177 69.34 -15.11 8.27
CA ILE B 177 69.68 -13.72 8.05
C ILE B 177 70.95 -13.60 7.25
N ILE B 178 71.00 -12.62 6.36
CA ILE B 178 72.22 -12.38 5.59
C ILE B 178 72.64 -10.92 5.83
N LYS B 179 73.89 -10.74 6.24
CA LYS B 179 74.40 -9.41 6.50
C LYS B 179 75.53 -9.07 5.53
N VAL B 180 75.60 -7.80 5.14
CA VAL B 180 76.62 -7.36 4.18
C VAL B 180 77.98 -7.78 4.70
N GLY B 181 78.77 -8.38 3.82
CA GLY B 181 80.09 -8.80 4.25
C GLY B 181 80.20 -10.28 4.49
N GLU B 182 79.09 -10.91 4.86
CA GLU B 182 79.10 -12.37 5.09
C GLU B 182 79.38 -13.14 3.81
N GLU B 183 79.99 -14.31 3.98
CA GLU B 183 80.34 -15.17 2.85
C GLU B 183 79.16 -16.12 2.65
N VAL B 184 78.87 -16.41 1.38
CA VAL B 184 77.74 -17.27 1.04
C VAL B 184 78.14 -18.30 0.02
N GLU B 185 77.35 -19.37 -0.10
CA GLU B 185 77.63 -20.38 -1.11
C GLU B 185 76.45 -20.38 -2.07
N ILE B 186 76.73 -20.70 -3.33
CA ILE B 186 75.70 -20.80 -4.36
C ILE B 186 75.68 -22.29 -4.61
N VAL B 187 74.63 -22.98 -4.18
CA VAL B 187 74.61 -24.43 -4.39
C VAL B 187 73.48 -24.95 -5.28
N GLY B 188 73.79 -26.03 -5.99
CA GLY B 188 72.85 -26.65 -6.90
C GLY B 188 73.23 -26.53 -8.37
N ILE B 189 72.78 -27.50 -9.18
CA ILE B 189 73.01 -27.56 -10.61
C ILE B 189 74.48 -27.74 -10.93
N LYS B 190 75.24 -26.65 -10.88
CA LYS B 190 76.68 -26.63 -11.16
C LYS B 190 77.43 -27.09 -9.89
N GLU B 191 78.70 -26.70 -9.76
CA GLU B 191 79.48 -27.07 -8.59
C GLU B 191 79.35 -25.94 -7.64
N THR B 192 79.32 -26.26 -6.36
CA THR B 192 79.18 -25.20 -5.36
C THR B 192 80.26 -24.12 -5.52
N GLN B 193 79.81 -22.87 -5.64
CA GLN B 193 80.70 -21.70 -5.77
C GLN B 193 80.58 -20.92 -4.49
N LYS B 194 81.64 -20.20 -4.13
CA LYS B 194 81.65 -19.40 -2.90
C LYS B 194 81.72 -17.93 -3.30
N SER B 195 81.23 -17.04 -2.46
CA SER B 195 81.29 -15.62 -2.76
C SER B 195 81.06 -14.81 -1.49
N THR B 196 81.06 -13.49 -1.65
CA THR B 196 80.85 -12.64 -0.50
C THR B 196 79.72 -11.67 -0.78
N CYS B 197 78.86 -11.48 0.22
CA CYS B 197 77.77 -10.54 0.07
C CYS B 197 78.37 -9.15 0.23
N THR B 198 78.30 -8.37 -0.84
CA THR B 198 78.83 -7.03 -0.78
C THR B 198 77.70 -6.01 -0.65
N GLY B 199 76.49 -6.49 -0.38
CA GLY B 199 75.36 -5.60 -0.22
C GLY B 199 73.98 -6.24 -0.29
N VAL B 200 73.01 -5.54 0.29
CA VAL B 200 71.64 -5.98 0.33
C VAL B 200 70.81 -4.76 -0.01
N GLU B 201 70.04 -4.81 -1.09
CA GLU B 201 69.22 -3.68 -1.51
C GLU B 201 67.78 -4.13 -1.55
N MET B 202 66.85 -3.18 -1.45
CA MET B 202 65.43 -3.50 -1.53
C MET B 202 64.76 -2.25 -2.05
N PHE B 203 64.46 -2.22 -3.34
CA PHE B 203 63.85 -1.05 -3.98
C PHE B 203 64.68 0.20 -3.78
N ARG B 204 65.96 0.04 -4.08
CA ARG B 204 66.97 1.05 -4.00
C ARG B 204 67.39 1.42 -2.59
N LYS B 205 66.54 1.15 -1.59
CA LYS B 205 66.92 1.44 -0.21
C LYS B 205 68.01 0.46 0.23
N LEU B 206 69.15 1.01 0.64
CA LEU B 206 70.33 0.27 1.08
C LEU B 206 70.08 -0.37 2.42
N LEU B 207 70.34 -1.67 2.53
CA LEU B 207 70.15 -2.35 3.78
C LEU B 207 71.41 -2.91 4.36
N ASP B 208 71.20 -3.18 5.63
CA ASP B 208 72.11 -3.67 6.59
C ASP B 208 72.26 -5.21 6.46
N GLU B 209 71.08 -5.82 6.43
CA GLU B 209 70.91 -7.26 6.41
C GLU B 209 69.59 -7.61 5.75
N GLY B 210 69.48 -8.87 5.32
CA GLY B 210 68.26 -9.38 4.72
C GLY B 210 67.73 -10.42 5.70
N ARG B 211 66.46 -10.33 6.05
CA ARG B 211 65.92 -11.28 7.00
C ARG B 211 64.81 -12.18 6.47
N ALA B 212 64.71 -13.36 7.07
CA ALA B 212 63.72 -14.33 6.67
C ALA B 212 62.39 -13.64 6.40
N GLY B 213 61.79 -13.90 5.25
CA GLY B 213 60.50 -13.32 4.93
C GLY B 213 60.54 -12.14 4.00
N GLU B 214 61.69 -11.45 3.99
CA GLU B 214 61.87 -10.29 3.15
C GLU B 214 62.31 -10.61 1.73
N ASN B 215 61.70 -9.90 0.80
CA ASN B 215 62.00 -10.03 -0.60
C ASN B 215 63.15 -9.01 -0.83
N VAL B 216 64.37 -9.51 -0.90
CA VAL B 216 65.53 -8.63 -1.08
C VAL B 216 66.37 -8.92 -2.35
N GLY B 217 67.40 -8.12 -2.55
CA GLY B 217 68.29 -8.30 -3.68
C GLY B 217 69.66 -8.41 -3.02
N VAL B 218 70.42 -9.45 -3.33
CA VAL B 218 71.72 -9.60 -2.72
C VAL B 218 72.80 -9.36 -3.77
N LEU B 219 73.77 -8.53 -3.39
CA LEU B 219 74.90 -8.15 -4.23
C LEU B 219 76.05 -9.10 -4.00
N LEU B 220 76.58 -9.66 -5.07
CA LEU B 220 77.68 -10.61 -4.94
C LEU B 220 79.02 -10.13 -5.55
N ARG B 221 80.10 -10.43 -4.82
CA ARG B 221 81.44 -10.06 -5.25
C ARG B 221 81.92 -10.92 -6.41
N GLY B 222 82.27 -10.26 -7.51
CA GLY B 222 82.79 -10.96 -8.66
C GLY B 222 82.25 -12.33 -9.01
N ILE B 223 81.09 -12.35 -9.64
CA ILE B 223 80.50 -13.59 -10.08
C ILE B 223 79.55 -13.12 -11.17
N LYS B 224 79.90 -13.42 -12.40
CA LYS B 224 79.11 -13.01 -13.58
C LYS B 224 77.65 -13.41 -13.55
N ARG B 225 76.79 -12.48 -13.98
CA ARG B 225 75.36 -12.73 -14.04
C ARG B 225 75.02 -13.99 -14.86
N GLU B 226 76.00 -14.53 -15.55
CA GLU B 226 75.73 -15.70 -16.36
C GLU B 226 76.17 -17.00 -15.67
N GLU B 227 76.86 -16.88 -14.55
CA GLU B 227 77.31 -18.06 -13.83
C GLU B 227 76.23 -18.59 -12.88
N ILE B 228 75.11 -17.89 -12.83
CA ILE B 228 73.99 -18.28 -11.99
C ILE B 228 72.95 -19.02 -12.81
N GLU B 229 72.72 -20.28 -12.43
CA GLU B 229 71.75 -21.13 -13.12
C GLU B 229 70.43 -21.21 -12.33
N ARG B 230 69.33 -21.26 -13.07
CA ARG B 230 68.03 -21.40 -12.46
C ARG B 230 67.98 -22.64 -11.54
N GLY B 231 67.44 -22.53 -10.34
CA GLY B 231 67.36 -23.67 -9.47
C GLY B 231 68.42 -23.62 -8.38
N GLN B 232 69.37 -22.73 -8.52
CA GLN B 232 70.39 -22.62 -7.49
C GLN B 232 69.87 -21.81 -6.28
N VAL B 233 70.52 -21.96 -5.13
CA VAL B 233 70.13 -21.20 -3.97
C VAL B 233 71.35 -20.58 -3.32
N LEU B 234 71.13 -19.52 -2.56
CA LEU B 234 72.15 -18.83 -1.80
C LEU B 234 72.05 -19.41 -0.38
N ALA B 235 73.17 -19.76 0.24
CA ALA B 235 73.06 -20.33 1.59
C ALA B 235 74.29 -20.12 2.45
N LYS B 236 74.12 -20.11 3.77
CA LYS B 236 75.24 -19.99 4.72
C LYS B 236 76.15 -21.16 4.33
N PRO B 237 77.44 -20.91 4.12
CA PRO B 237 78.35 -21.98 3.73
C PRO B 237 78.27 -23.23 4.58
N GLY B 238 78.26 -24.36 3.89
CA GLY B 238 78.22 -25.66 4.54
C GLY B 238 76.95 -26.00 5.31
N THR B 239 75.86 -25.32 5.03
CA THR B 239 74.66 -25.62 5.77
C THR B 239 73.69 -26.48 4.97
N ILE B 240 73.84 -26.50 3.64
CA ILE B 240 72.97 -27.33 2.81
C ILE B 240 73.79 -27.87 1.64
N LYS B 241 73.71 -29.17 1.36
CA LYS B 241 74.50 -29.80 0.29
C LYS B 241 73.65 -30.29 -0.87
N PRO B 242 74.18 -30.27 -2.09
CA PRO B 242 73.44 -30.72 -3.27
C PRO B 242 73.31 -32.23 -3.33
N HIS B 243 72.17 -32.73 -3.79
CA HIS B 243 71.94 -34.16 -3.89
C HIS B 243 71.20 -34.50 -5.17
N THR B 244 71.15 -35.81 -5.48
CA THR B 244 70.47 -36.25 -6.68
C THR B 244 69.55 -37.43 -6.46
N LYS B 245 69.85 -38.22 -5.43
CA LYS B 245 69.03 -39.41 -5.12
C LYS B 245 68.39 -39.25 -3.75
N PHE B 246 67.06 -39.39 -3.70
CA PHE B 246 66.34 -39.26 -2.43
C PHE B 246 65.13 -40.18 -2.44
N GLU B 247 64.67 -40.46 -1.25
CA GLU B 247 63.50 -41.28 -1.08
C GLU B 247 62.39 -40.26 -0.77
N SER B 248 61.15 -40.53 -1.16
CA SER B 248 60.09 -39.58 -0.90
C SER B 248 58.72 -40.23 -0.90
N GLU B 249 57.75 -39.47 -0.39
CA GLU B 249 56.36 -39.88 -0.34
C GLU B 249 55.68 -38.94 -1.33
N VAL B 250 54.84 -39.49 -2.23
CA VAL B 250 54.16 -38.62 -3.19
C VAL B 250 52.71 -38.91 -3.34
N TYR B 251 51.98 -37.87 -3.73
CA TYR B 251 50.56 -37.96 -3.96
C TYR B 251 50.40 -37.61 -5.41
N ILE B 252 49.66 -38.46 -6.10
CA ILE B 252 49.40 -38.28 -7.53
C ILE B 252 47.98 -37.78 -7.71
N LEU B 253 47.82 -36.54 -8.19
CA LEU B 253 46.51 -35.96 -8.37
C LEU B 253 45.64 -36.88 -9.14
N SER B 254 44.35 -36.82 -8.80
CA SER B 254 43.32 -37.60 -9.46
C SER B 254 43.01 -36.87 -10.73
N LYS B 255 42.19 -37.48 -11.59
CA LYS B 255 41.85 -36.86 -12.87
C LYS B 255 41.13 -35.52 -12.59
N ASP B 256 40.18 -35.56 -11.65
CA ASP B 256 39.38 -34.40 -11.28
C ASP B 256 40.22 -33.27 -10.76
N GLU B 257 41.30 -33.58 -10.06
CA GLU B 257 42.15 -32.51 -9.52
C GLU B 257 42.98 -31.92 -10.63
N GLY B 258 42.78 -32.45 -11.84
CA GLY B 258 43.49 -31.98 -13.00
C GLY B 258 44.80 -32.69 -13.27
N GLY B 259 44.90 -33.93 -12.80
CA GLY B 259 46.10 -34.70 -12.99
C GLY B 259 45.96 -35.59 -14.21
N ARG B 260 46.77 -36.65 -14.24
CA ARG B 260 46.76 -37.61 -15.33
C ARG B 260 45.47 -38.37 -15.44
N HIS B 261 45.17 -38.88 -16.63
CA HIS B 261 43.93 -39.66 -16.86
C HIS B 261 44.27 -41.13 -16.72
N THR B 262 45.51 -41.43 -17.06
CA THR B 262 45.99 -42.79 -17.07
C THR B 262 47.12 -42.99 -16.10
N PRO B 263 47.24 -44.21 -15.59
CA PRO B 263 48.32 -44.52 -14.64
C PRO B 263 49.62 -44.43 -15.35
N PHE B 264 50.72 -44.43 -14.61
CA PHE B 264 52.02 -44.42 -15.25
C PHE B 264 52.74 -45.67 -14.77
N PHE B 265 53.79 -46.11 -15.47
CA PHE B 265 54.47 -47.35 -15.07
C PHE B 265 55.95 -47.13 -14.83
N LYS B 266 56.69 -48.18 -14.48
CA LYS B 266 58.11 -48.00 -14.23
C LYS B 266 58.71 -47.34 -15.48
N GLY B 267 59.76 -46.56 -15.29
CA GLY B 267 60.34 -45.93 -16.45
C GLY B 267 59.74 -44.59 -16.80
N TYR B 268 58.87 -44.11 -15.93
CA TYR B 268 58.23 -42.80 -16.06
C TYR B 268 59.35 -41.79 -15.71
N ARG B 269 59.56 -40.79 -16.56
CA ARG B 269 60.62 -39.83 -16.29
C ARG B 269 60.04 -38.44 -16.40
N PRO B 270 59.39 -38.00 -15.32
CA PRO B 270 58.77 -36.68 -15.31
C PRO B 270 59.72 -35.59 -14.82
N GLN B 271 59.19 -34.38 -14.67
CA GLN B 271 60.01 -33.31 -14.18
C GLN B 271 59.61 -33.01 -12.69
N PHE B 272 60.62 -32.74 -11.88
CA PHE B 272 60.44 -32.46 -10.48
C PHE B 272 60.68 -30.95 -10.21
N TYR B 273 59.63 -30.26 -9.77
CA TYR B 273 59.75 -28.86 -9.50
C TYR B 273 60.27 -28.62 -8.06
N PHE B 274 61.48 -28.07 -7.99
CA PHE B 274 62.14 -27.73 -6.72
C PHE B 274 62.34 -26.23 -6.63
N ARG B 275 61.50 -25.57 -5.85
CA ARG B 275 61.56 -24.13 -5.66
C ARG B 275 61.36 -23.29 -6.93
N THR B 276 62.30 -23.36 -7.87
CA THR B 276 62.19 -22.53 -9.06
C THR B 276 62.28 -23.18 -10.42
N THR B 277 62.72 -24.44 -10.52
CA THR B 277 62.77 -25.10 -11.84
C THR B 277 62.39 -26.54 -11.82
N ASP B 278 62.24 -27.07 -13.03
CA ASP B 278 61.94 -28.46 -13.21
C ASP B 278 63.29 -29.11 -13.35
N VAL B 279 63.38 -30.34 -12.91
CA VAL B 279 64.61 -31.10 -13.05
C VAL B 279 64.16 -32.52 -13.35
N THR B 280 64.57 -33.08 -14.50
CA THR B 280 64.12 -34.43 -14.86
C THR B 280 64.70 -35.50 -13.97
N GLY B 281 63.94 -36.56 -13.76
CA GLY B 281 64.44 -37.62 -12.91
C GLY B 281 63.86 -39.00 -13.20
N THR B 282 64.54 -40.02 -12.72
CA THR B 282 64.04 -41.37 -12.94
C THR B 282 63.36 -41.84 -11.66
N ILE B 283 62.47 -42.81 -11.83
CA ILE B 283 61.66 -43.30 -10.74
C ILE B 283 61.79 -44.79 -10.44
N GLU B 284 62.02 -45.11 -9.16
CA GLU B 284 62.08 -46.50 -8.73
C GLU B 284 60.87 -46.74 -7.85
N LEU B 285 59.91 -47.51 -8.31
CA LEU B 285 58.77 -47.78 -7.47
C LEU B 285 59.11 -48.89 -6.49
N PRO B 286 58.30 -49.09 -5.44
CA PRO B 286 58.62 -50.16 -4.49
C PRO B 286 58.41 -51.51 -5.16
N GLU B 287 58.99 -52.56 -4.56
CA GLU B 287 58.84 -53.87 -5.15
C GLU B 287 57.39 -54.32 -5.12
N GLY B 288 56.93 -54.78 -6.27
CA GLY B 288 55.59 -55.28 -6.34
C GLY B 288 54.65 -54.39 -7.09
N VAL B 289 55.00 -53.10 -7.17
CA VAL B 289 54.15 -52.15 -7.87
C VAL B 289 54.68 -51.89 -9.26
N GLU B 290 53.83 -52.09 -10.26
CA GLU B 290 54.30 -51.84 -11.59
C GLU B 290 53.61 -50.68 -12.25
N MET B 291 52.52 -50.21 -11.63
CA MET B 291 51.81 -49.03 -12.12
C MET B 291 51.19 -48.21 -10.98
N VAL B 292 51.25 -46.88 -11.10
CA VAL B 292 50.69 -45.98 -10.10
C VAL B 292 49.44 -45.32 -10.68
N MET B 293 48.33 -45.41 -9.96
CA MET B 293 47.03 -44.83 -10.35
C MET B 293 46.84 -43.36 -10.01
N PRO B 294 46.04 -42.62 -10.78
CA PRO B 294 45.89 -41.21 -10.37
C PRO B 294 45.11 -41.24 -9.06
N GLY B 295 45.52 -40.45 -8.10
CA GLY B 295 44.86 -40.44 -6.81
C GLY B 295 45.57 -41.25 -5.73
N ASP B 296 46.65 -41.94 -6.09
CA ASP B 296 47.38 -42.77 -5.13
C ASP B 296 48.52 -42.01 -4.48
N ASN B 297 48.94 -42.46 -3.31
CA ASN B 297 50.12 -41.89 -2.71
C ASN B 297 51.09 -43.10 -2.62
N ILE B 298 52.35 -42.88 -2.91
CA ILE B 298 53.26 -44.01 -2.93
C ILE B 298 54.70 -43.64 -2.55
N LYS B 299 55.43 -44.58 -1.93
CA LYS B 299 56.83 -44.33 -1.57
C LYS B 299 57.52 -44.35 -2.91
N MET B 300 58.54 -43.51 -3.10
CA MET B 300 59.17 -43.47 -4.41
C MET B 300 60.61 -42.97 -4.32
N VAL B 301 61.54 -43.71 -4.89
CA VAL B 301 62.94 -43.30 -4.89
C VAL B 301 63.21 -42.59 -6.21
N VAL B 302 63.74 -41.38 -6.12
CA VAL B 302 63.99 -40.57 -7.29
C VAL B 302 65.44 -40.23 -7.51
N THR B 303 65.83 -40.23 -8.78
CA THR B 303 67.22 -39.89 -9.14
C THR B 303 67.16 -38.75 -10.13
N LEU B 304 67.75 -37.63 -9.72
CA LEU B 304 67.77 -36.43 -10.54
C LEU B 304 68.93 -36.39 -11.50
N ILE B 305 68.69 -35.75 -12.64
CA ILE B 305 69.66 -35.59 -13.70
C ILE B 305 70.67 -34.52 -13.28
N HIS B 306 70.25 -33.51 -12.52
CA HIS B 306 71.20 -32.51 -12.01
C HIS B 306 71.02 -32.44 -10.51
N PRO B 307 72.06 -32.03 -9.78
CA PRO B 307 71.92 -31.95 -8.32
C PRO B 307 71.19 -30.71 -7.86
N ILE B 308 70.41 -30.85 -6.80
CA ILE B 308 69.60 -29.77 -6.25
C ILE B 308 69.90 -29.63 -4.75
N ALA B 309 70.01 -28.40 -4.26
CA ALA B 309 70.26 -28.20 -2.82
C ALA B 309 69.02 -28.70 -2.04
N MET B 310 69.18 -29.71 -1.20
CA MET B 310 68.00 -30.22 -0.48
C MET B 310 68.32 -30.91 0.83
N ASP B 311 67.33 -30.91 1.71
CA ASP B 311 67.43 -31.60 2.99
C ASP B 311 66.09 -32.27 3.27
N ASP B 312 66.07 -33.19 4.23
CA ASP B 312 64.87 -33.93 4.56
C ASP B 312 63.70 -32.95 4.72
N GLY B 313 62.52 -33.36 4.28
CA GLY B 313 61.36 -32.50 4.39
C GLY B 313 61.07 -31.49 3.28
N LEU B 314 61.99 -31.24 2.35
CA LEU B 314 61.70 -30.29 1.29
C LEU B 314 60.51 -30.78 0.42
N ARG B 315 59.61 -29.88 0.06
CA ARG B 315 58.46 -30.24 -0.75
C ARG B 315 58.76 -29.99 -2.21
N PHE B 316 58.03 -30.63 -3.11
CA PHE B 316 58.23 -30.46 -4.55
C PHE B 316 57.00 -30.89 -5.32
N ALA B 317 56.94 -30.50 -6.59
CA ALA B 317 55.82 -30.89 -7.45
C ALA B 317 56.35 -31.79 -8.58
N ILE B 318 55.47 -32.60 -9.13
CA ILE B 318 55.87 -33.44 -10.23
C ILE B 318 55.04 -32.88 -11.33
N ARG B 319 55.72 -32.51 -12.40
CA ARG B 319 55.06 -31.90 -13.54
C ARG B 319 55.33 -32.65 -14.85
N GLU B 320 54.33 -32.66 -15.72
CA GLU B 320 54.41 -33.27 -17.04
C GLU B 320 54.16 -32.12 -18.01
N GLY B 321 55.25 -31.53 -18.49
CA GLY B 321 55.13 -30.42 -19.40
C GLY B 321 54.28 -29.31 -18.79
N GLY B 322 54.82 -28.63 -17.79
CA GLY B 322 54.11 -27.53 -17.17
C GLY B 322 52.96 -27.92 -16.27
N ARG B 323 52.19 -28.94 -16.68
CA ARG B 323 51.06 -29.41 -15.89
C ARG B 323 51.53 -30.12 -14.62
N THR B 324 50.86 -29.84 -13.51
CA THR B 324 51.19 -30.50 -12.26
C THR B 324 50.41 -31.80 -12.12
N VAL B 325 51.15 -32.89 -11.91
CA VAL B 325 50.50 -34.18 -11.80
C VAL B 325 50.61 -34.81 -10.44
N GLY B 326 51.52 -34.30 -9.62
CA GLY B 326 51.69 -34.87 -8.29
C GLY B 326 52.48 -33.96 -7.37
N ALA B 327 52.46 -34.30 -6.08
CA ALA B 327 53.18 -33.51 -5.09
C ALA B 327 53.85 -34.47 -4.18
N GLY B 328 55.03 -34.09 -3.70
CA GLY B 328 55.75 -34.94 -2.77
C GLY B 328 56.64 -34.18 -1.80
N VAL B 329 57.17 -34.93 -0.84
CA VAL B 329 58.06 -34.41 0.15
C VAL B 329 59.28 -35.37 0.19
N VAL B 330 60.45 -34.79 0.39
CA VAL B 330 61.68 -35.55 0.46
C VAL B 330 61.72 -36.23 1.82
N ALA B 331 61.53 -37.54 1.84
CA ALA B 331 61.54 -38.25 3.11
C ALA B 331 62.95 -38.42 3.64
N LYS B 332 63.93 -38.71 2.78
CA LYS B 332 65.33 -38.83 3.23
C LYS B 332 66.23 -38.77 2.03
N VAL B 333 67.31 -37.99 2.12
CA VAL B 333 68.21 -37.93 0.96
C VAL B 333 69.16 -39.14 0.99
N LEU B 334 69.61 -39.58 -0.18
CA LEU B 334 70.48 -40.73 -0.26
C LEU B 334 71.83 -40.38 -0.86
N GLY B 335 71.89 -39.37 -1.72
CA GLY B 335 73.18 -39.04 -2.29
C GLY B 335 73.12 -37.79 -3.13
N THR C 1 38.09 -28.20 -17.98
CA THR C 1 38.38 -27.58 -16.65
C THR C 1 37.16 -26.81 -16.06
N LYS C 2 36.56 -27.35 -14.99
CA LYS C 2 35.41 -26.73 -14.32
C LYS C 2 35.66 -25.36 -13.72
N PRO C 3 34.67 -24.45 -13.78
CA PRO C 3 34.90 -23.14 -13.19
C PRO C 3 34.98 -23.37 -11.67
N HIS C 4 35.70 -22.49 -11.01
CA HIS C 4 35.87 -22.60 -9.58
C HIS C 4 35.21 -21.41 -8.91
N VAL C 5 34.33 -21.70 -7.96
CA VAL C 5 33.62 -20.64 -7.25
C VAL C 5 33.82 -20.74 -5.74
N ASN C 6 34.02 -19.60 -5.08
CA ASN C 6 34.21 -19.59 -3.63
C ASN C 6 32.97 -19.12 -2.95
N VAL C 7 32.45 -19.94 -2.06
CA VAL C 7 31.25 -19.60 -1.34
C VAL C 7 31.49 -19.83 0.15
N GLY C 8 30.46 -19.66 0.96
CA GLY C 8 30.60 -19.87 2.38
C GLY C 8 29.26 -19.69 3.05
N THR C 9 29.12 -20.16 4.28
CA THR C 9 27.88 -20.02 5.00
C THR C 9 28.01 -18.92 6.03
N ILE C 10 27.07 -17.98 6.06
CA ILE C 10 27.10 -16.91 7.04
C ILE C 10 25.79 -16.99 7.78
N GLY C 11 25.66 -16.20 8.83
CA GLY C 11 24.43 -16.26 9.60
C GLY C 11 24.62 -16.35 11.09
N HIS C 12 23.53 -16.20 11.82
CA HIS C 12 23.57 -16.19 13.28
C HIS C 12 24.03 -17.48 13.86
N VAL C 13 24.65 -17.43 15.03
CA VAL C 13 25.14 -18.64 15.63
C VAL C 13 23.98 -19.60 15.90
N ASP C 14 24.30 -20.88 15.82
CA ASP C 14 23.36 -21.97 16.03
C ASP C 14 22.16 -22.09 15.08
N HIS C 15 22.19 -21.32 13.99
CA HIS C 15 21.12 -21.44 13.00
C HIS C 15 21.31 -22.59 12.03
N GLY C 16 22.47 -23.27 12.11
CA GLY C 16 22.71 -24.41 11.25
C GLY C 16 23.74 -24.33 10.14
N LYS C 17 24.53 -23.27 10.11
CA LYS C 17 25.55 -23.13 9.08
C LYS C 17 26.44 -24.38 8.91
N THR C 18 26.96 -24.93 10.01
CA THR C 18 27.84 -26.09 9.91
C THR C 18 27.11 -27.38 9.53
N THR C 19 25.88 -27.55 10.00
CA THR C 19 25.13 -28.75 9.67
C THR C 19 24.80 -28.75 8.17
N LEU C 20 24.39 -27.58 7.67
CA LEU C 20 24.08 -27.40 6.24
C LEU C 20 25.34 -27.68 5.41
N THR C 21 26.49 -27.22 5.91
CA THR C 21 27.71 -27.46 5.19
C THR C 21 27.91 -28.99 5.01
N ALA C 22 27.74 -29.75 6.10
CA ALA C 22 27.89 -31.20 6.04
C ALA C 22 26.88 -31.80 5.05
N ALA C 23 25.63 -31.35 5.15
CA ALA C 23 24.59 -31.84 4.26
C ALA C 23 24.93 -31.60 2.79
N ILE C 24 25.39 -30.41 2.44
CA ILE C 24 25.70 -30.13 1.06
C ILE C 24 26.72 -31.15 0.60
N THR C 25 27.84 -31.24 1.31
CA THR C 25 28.90 -32.18 0.91
C THR C 25 28.41 -33.63 0.76
N THR C 26 27.58 -34.07 1.70
CA THR C 26 27.02 -35.41 1.67
C THR C 26 26.10 -35.65 0.48
N VAL C 27 24.97 -34.95 0.47
CA VAL C 27 24.01 -35.08 -0.60
C VAL C 27 24.59 -34.92 -2.00
N LEU C 28 25.56 -34.02 -2.17
CA LEU C 28 26.14 -33.85 -3.51
C LEU C 28 26.95 -35.05 -3.94
N ALA C 29 27.84 -35.57 -3.09
CA ALA C 29 28.64 -36.74 -3.45
C ALA C 29 27.70 -37.95 -3.72
N LYS C 30 26.76 -38.14 -2.79
CA LYS C 30 25.81 -39.22 -2.87
C LYS C 30 25.06 -39.14 -4.18
N THR C 31 24.77 -37.93 -4.65
CA THR C 31 24.00 -37.77 -5.89
C THR C 31 24.77 -37.63 -7.20
N TYR C 32 25.96 -37.03 -7.16
CA TYR C 32 26.72 -36.84 -8.39
C TYR C 32 28.13 -37.49 -8.47
N GLY C 33 28.51 -38.34 -7.53
CA GLY C 33 29.82 -38.97 -7.60
C GLY C 33 30.10 -39.91 -6.45
N GLY D 1 49.62 -12.73 15.77
CA GLY D 1 48.87 -12.37 14.58
C GLY D 1 47.37 -12.56 14.78
N ILE D 2 46.58 -12.28 13.75
CA ILE D 2 45.14 -12.42 13.85
C ILE D 2 44.82 -13.86 14.14
N THR D 3 43.88 -14.11 15.04
CA THR D 3 43.48 -15.46 15.35
C THR D 3 42.31 -15.80 14.49
N ILE D 4 42.45 -16.85 13.72
CA ILE D 4 41.34 -17.18 12.86
C ILE D 4 40.88 -18.62 12.85
N ASN D 5 39.61 -18.84 13.12
CA ASN D 5 39.08 -20.21 13.11
C ASN D 5 38.20 -20.47 11.90
N THR D 6 38.59 -21.41 11.05
CA THR D 6 37.81 -21.65 9.84
C THR D 6 37.79 -23.07 9.40
N SER D 7 36.80 -23.40 8.58
CA SER D 7 36.63 -24.72 7.96
C SER D 7 36.66 -24.50 6.47
N HIS D 8 37.33 -25.36 5.74
CA HIS D 8 37.38 -25.20 4.31
C HIS D 8 37.08 -26.56 3.70
N VAL D 9 36.01 -26.64 2.96
CA VAL D 9 35.61 -27.88 2.35
C VAL D 9 35.39 -27.62 0.83
N GLU D 10 35.49 -28.66 0.01
CA GLU D 10 35.32 -28.48 -1.43
C GLU D 10 34.31 -29.50 -1.93
N TYR D 11 33.54 -29.13 -2.95
CA TYR D 11 32.55 -30.05 -3.50
C TYR D 11 32.19 -29.67 -4.93
N ASP D 12 31.53 -30.61 -5.61
CA ASP D 12 31.15 -30.42 -7.00
C ASP D 12 29.68 -30.56 -7.38
N THR D 13 29.28 -29.83 -8.39
CA THR D 13 27.94 -29.96 -8.94
C THR D 13 28.35 -30.39 -10.35
N PRO D 14 27.42 -30.84 -11.18
CA PRO D 14 27.81 -31.26 -12.52
C PRO D 14 28.65 -30.28 -13.32
N THR D 15 28.45 -28.99 -13.09
CA THR D 15 29.21 -28.04 -13.89
C THR D 15 30.26 -27.16 -13.21
N ARG D 16 30.24 -27.06 -11.88
CA ARG D 16 31.19 -26.19 -11.19
C ARG D 16 31.83 -26.84 -10.00
N HIS D 17 32.95 -26.24 -9.60
CA HIS D 17 33.67 -26.75 -8.46
C HIS D 17 33.63 -25.68 -7.41
N TYR D 18 33.23 -26.06 -6.20
CA TYR D 18 33.14 -25.09 -5.11
C TYR D 18 34.10 -25.24 -3.94
N ALA D 19 34.59 -24.10 -3.43
CA ALA D 19 35.45 -24.02 -2.23
C ALA D 19 34.51 -23.30 -1.27
N HIS D 20 34.32 -23.87 -0.09
CA HIS D 20 33.34 -23.34 0.85
C HIS D 20 33.88 -23.11 2.26
N VAL D 21 33.85 -21.88 2.79
CA VAL D 21 34.27 -21.63 4.18
C VAL D 21 33.10 -21.63 5.17
N ASP D 22 33.39 -21.97 6.42
CA ASP D 22 32.40 -22.00 7.50
C ASP D 22 33.21 -21.63 8.72
N CYS D 23 32.78 -20.67 9.50
CA CYS D 23 33.56 -20.34 10.67
C CYS D 23 32.70 -20.64 11.90
N PRO D 24 33.33 -20.95 13.02
CA PRO D 24 32.54 -21.26 14.22
C PRO D 24 31.83 -20.08 14.86
N GLY D 25 32.55 -19.00 15.15
CA GLY D 25 31.88 -17.87 15.76
C GLY D 25 31.76 -16.55 15.05
N HIS D 26 30.90 -15.68 15.56
CA HIS D 26 30.72 -14.39 14.95
C HIS D 26 32.04 -13.64 14.76
N ALA D 27 32.91 -13.65 15.77
CA ALA D 27 34.20 -12.95 15.67
C ALA D 27 35.01 -13.44 14.49
N ASP D 28 34.88 -14.74 14.21
CA ASP D 28 35.63 -15.35 13.12
C ASP D 28 35.14 -14.78 11.82
N TYR D 29 33.84 -14.68 11.67
CA TYR D 29 33.28 -14.12 10.46
C TYR D 29 33.80 -12.72 10.27
N VAL D 30 33.72 -11.92 11.31
CA VAL D 30 34.20 -10.56 11.17
C VAL D 30 35.67 -10.52 10.73
N LYS D 31 36.57 -11.22 11.42
CA LYS D 31 37.97 -11.19 11.07
C LYS D 31 38.23 -11.70 9.68
N ASN D 32 37.56 -12.80 9.33
CA ASN D 32 37.71 -13.43 8.02
C ASN D 32 37.28 -12.61 6.85
N MET D 33 36.11 -12.01 6.97
CA MET D 33 35.59 -11.22 5.89
C MET D 33 36.45 -9.99 5.68
N ILE D 34 36.83 -9.33 6.75
CA ILE D 34 37.66 -8.15 6.61
C ILE D 34 39.07 -8.45 6.11
N THR D 35 39.82 -9.31 6.80
CA THR D 35 41.16 -9.58 6.33
C THR D 35 41.20 -10.24 4.95
N GLY D 36 40.04 -10.57 4.41
CA GLY D 36 39.99 -11.19 3.10
C GLY D 36 40.54 -12.60 3.10
N ALA D 37 40.75 -13.16 4.29
CA ALA D 37 41.27 -14.53 4.36
C ALA D 37 40.34 -15.44 3.56
N ALA D 38 39.04 -15.29 3.81
CA ALA D 38 37.99 -16.05 3.15
C ALA D 38 37.27 -15.09 2.23
N GLN D 39 37.65 -15.07 0.95
CA GLN D 39 37.04 -14.21 -0.08
C GLN D 39 35.86 -15.00 -0.65
N MET D 40 34.73 -14.35 -0.92
CA MET D 40 33.55 -15.06 -1.41
C MET D 40 32.97 -14.49 -2.67
N ASP D 41 32.61 -15.37 -3.59
CA ASP D 41 31.99 -14.95 -4.84
C ASP D 41 30.50 -14.88 -4.61
N GLY D 42 30.06 -15.55 -3.56
CA GLY D 42 28.67 -15.59 -3.18
C GLY D 42 28.60 -16.17 -1.79
N ALA D 43 27.58 -15.82 -1.04
CA ALA D 43 27.43 -16.37 0.30
C ALA D 43 26.07 -17.06 0.48
N ILE D 44 25.98 -18.00 1.40
CA ILE D 44 24.73 -18.68 1.68
C ILE D 44 24.33 -18.19 3.06
N LEU D 45 23.32 -17.32 3.13
CA LEU D 45 22.85 -16.83 4.41
C LEU D 45 21.89 -17.87 4.98
N VAL D 46 22.23 -18.43 6.13
CA VAL D 46 21.43 -19.45 6.78
C VAL D 46 20.66 -18.77 7.88
N VAL D 47 19.35 -18.94 7.86
CA VAL D 47 18.46 -18.34 8.83
C VAL D 47 17.52 -19.42 9.37
N ALA D 48 17.61 -19.73 10.66
CA ALA D 48 16.73 -20.74 11.21
C ALA D 48 15.29 -20.18 11.17
N ALA D 49 14.36 -20.97 10.64
CA ALA D 49 12.95 -20.56 10.52
C ALA D 49 12.32 -20.41 11.90
N THR D 50 12.81 -21.18 12.86
CA THR D 50 12.33 -21.10 14.23
C THR D 50 12.64 -19.73 14.86
N ASP D 51 13.88 -19.26 14.79
CA ASP D 51 14.22 -17.97 15.41
C ASP D 51 13.99 -16.76 14.52
N GLY D 52 14.02 -16.95 13.21
CA GLY D 52 13.90 -15.80 12.32
C GLY D 52 15.22 -15.01 12.35
N PRO D 53 15.30 -13.85 11.67
CA PRO D 53 16.55 -13.09 11.69
C PRO D 53 17.01 -12.84 13.10
N MET D 54 18.30 -12.54 13.28
CA MET D 54 18.86 -12.26 14.60
C MET D 54 19.92 -11.24 14.38
N PRO D 55 20.50 -10.75 15.45
CA PRO D 55 21.54 -9.73 15.27
C PRO D 55 22.63 -10.09 14.25
N GLN D 56 23.32 -11.21 14.48
CA GLN D 56 24.39 -11.64 13.60
C GLN D 56 23.94 -11.78 12.13
N THR D 57 22.68 -12.15 11.94
CA THR D 57 22.12 -12.27 10.62
C THR D 57 22.25 -10.94 9.94
N ARG D 58 21.83 -9.90 10.64
CA ARG D 58 21.90 -8.56 10.08
C ARG D 58 23.36 -8.12 9.93
N GLU D 59 24.16 -8.36 10.96
CA GLU D 59 25.54 -7.95 10.90
C GLU D 59 26.32 -8.60 9.75
N HIS D 60 26.08 -9.89 9.53
CA HIS D 60 26.77 -10.57 8.44
C HIS D 60 26.41 -9.95 7.10
N ILE D 61 25.11 -9.67 6.87
CA ILE D 61 24.68 -9.07 5.60
C ILE D 61 25.35 -7.74 5.38
N LEU D 62 25.38 -6.95 6.44
CA LEU D 62 26.03 -5.65 6.38
C LEU D 62 27.50 -5.82 6.01
N LEU D 63 28.15 -6.73 6.73
CA LEU D 63 29.55 -7.00 6.46
C LEU D 63 29.75 -7.41 5.01
N GLY D 64 28.81 -8.19 4.49
CA GLY D 64 28.88 -8.63 3.11
C GLY D 64 28.89 -7.43 2.18
N ARG D 65 27.97 -6.49 2.41
CA ARG D 65 27.90 -5.30 1.57
C ARG D 65 29.23 -4.61 1.67
N GLN D 66 29.67 -4.41 2.89
CA GLN D 66 30.93 -3.76 3.13
C GLN D 66 32.16 -4.36 2.43
N VAL D 67 32.44 -5.64 2.63
CA VAL D 67 33.64 -6.24 2.04
C VAL D 67 33.52 -6.68 0.61
N GLY D 68 32.34 -6.49 0.03
CA GLY D 68 32.16 -6.82 -1.37
C GLY D 68 31.58 -8.15 -1.79
N VAL D 69 30.82 -8.86 -0.97
CA VAL D 69 30.26 -10.12 -1.42
C VAL D 69 29.11 -9.71 -2.31
N PRO D 70 29.22 -10.01 -3.60
CA PRO D 70 28.19 -9.67 -4.61
C PRO D 70 26.85 -10.35 -4.60
N TYR D 71 26.77 -11.61 -4.15
CA TYR D 71 25.49 -12.30 -4.14
C TYR D 71 25.21 -13.05 -2.87
N ILE D 72 23.94 -13.16 -2.52
CA ILE D 72 23.58 -13.92 -1.34
C ILE D 72 22.36 -14.74 -1.65
N ILE D 73 22.44 -16.02 -1.34
CA ILE D 73 21.34 -16.96 -1.54
C ILE D 73 20.88 -17.27 -0.11
N VAL D 74 19.58 -17.50 0.10
CA VAL D 74 19.12 -17.78 1.46
C VAL D 74 18.62 -19.18 1.63
N PHE D 75 18.90 -19.74 2.79
CA PHE D 75 18.46 -21.09 3.10
C PHE D 75 17.75 -21.03 4.45
N LEU D 76 16.42 -21.13 4.42
CA LEU D 76 15.60 -21.14 5.65
C LEU D 76 15.77 -22.53 6.20
N ASN D 77 16.45 -22.62 7.34
CA ASN D 77 16.75 -23.89 7.96
C ASN D 77 15.81 -24.29 9.09
N LYS D 78 15.90 -25.55 9.48
CA LYS D 78 15.07 -26.05 10.55
C LYS D 78 13.58 -25.98 10.21
N CYS D 79 13.23 -26.14 8.94
CA CYS D 79 11.81 -26.12 8.55
C CYS D 79 11.16 -27.44 8.96
N ASP D 80 11.97 -28.38 9.42
CA ASP D 80 11.43 -29.65 9.85
C ASP D 80 10.84 -29.42 11.24
N MET D 81 10.82 -28.17 11.69
CA MET D 81 10.28 -27.84 12.99
C MET D 81 9.00 -27.08 12.82
N VAL D 82 8.97 -26.16 11.87
CA VAL D 82 7.79 -25.38 11.63
C VAL D 82 6.86 -26.19 10.73
N ASP D 83 5.58 -25.78 10.67
CA ASP D 83 4.56 -26.46 9.86
C ASP D 83 3.40 -25.47 9.67
N ASP D 84 3.74 -24.19 9.64
CA ASP D 84 2.75 -23.18 9.45
C ASP D 84 3.20 -22.35 8.26
N GLU D 85 2.66 -22.67 7.10
CA GLU D 85 2.97 -21.98 5.86
C GLU D 85 3.01 -20.47 6.08
N GLU D 86 2.07 -19.99 6.88
CA GLU D 86 1.99 -18.56 7.15
C GLU D 86 3.23 -18.07 7.92
N LEU D 87 3.67 -18.82 8.94
CA LEU D 87 4.84 -18.43 9.73
C LEU D 87 6.08 -18.26 8.83
N LEU D 88 6.32 -19.27 8.00
CA LEU D 88 7.42 -19.28 7.08
C LEU D 88 7.34 -18.07 6.17
N GLU D 89 6.17 -17.86 5.55
CA GLU D 89 5.98 -16.73 4.66
C GLU D 89 6.40 -15.43 5.35
N LEU D 90 6.14 -15.36 6.66
CA LEU D 90 6.46 -14.16 7.42
C LEU D 90 7.95 -14.00 7.51
N VAL D 91 8.63 -15.07 7.92
CA VAL D 91 10.09 -15.04 8.04
C VAL D 91 10.72 -14.58 6.71
N GLU D 92 10.28 -15.15 5.60
CA GLU D 92 10.81 -14.77 4.30
C GLU D 92 10.72 -13.27 4.06
N MET D 93 9.54 -12.71 4.26
CA MET D 93 9.32 -11.29 4.05
C MET D 93 10.32 -10.47 4.86
N GLU D 94 10.50 -10.88 6.12
CA GLU D 94 11.40 -10.22 7.03
C GLU D 94 12.78 -10.15 6.39
N VAL D 95 13.27 -11.33 6.05
CA VAL D 95 14.59 -11.52 5.42
C VAL D 95 14.75 -10.73 4.11
N ARG D 96 13.78 -10.80 3.21
CA ARG D 96 13.91 -10.08 1.95
C ARG D 96 14.00 -8.57 2.18
N GLU D 97 13.32 -8.10 3.22
CA GLU D 97 13.33 -6.68 3.54
C GLU D 97 14.73 -6.36 4.07
N LEU D 98 15.17 -7.22 4.99
CA LEU D 98 16.48 -7.12 5.60
C LEU D 98 17.60 -7.05 4.55
N LEU D 99 17.47 -7.84 3.49
CA LEU D 99 18.48 -7.81 2.45
C LEU D 99 18.42 -6.50 1.69
N SER D 100 17.20 -6.12 1.34
CA SER D 100 16.95 -4.88 0.58
C SER D 100 17.50 -3.68 1.32
N GLN D 101 17.43 -3.74 2.66
CA GLN D 101 17.94 -2.68 3.50
C GLN D 101 19.40 -2.42 3.23
N TYR D 102 20.16 -3.44 2.86
CA TYR D 102 21.56 -3.23 2.58
C TYR D 102 21.92 -3.27 1.12
N ASP D 103 20.95 -2.97 0.27
CA ASP D 103 21.13 -2.91 -1.18
C ASP D 103 21.21 -4.25 -1.94
N PHE D 104 20.78 -5.33 -1.31
CA PHE D 104 20.80 -6.61 -2.01
C PHE D 104 19.37 -6.74 -2.53
N PRO D 105 19.22 -7.28 -3.73
CA PRO D 105 17.90 -7.47 -4.34
C PRO D 105 16.97 -8.41 -3.55
N GLY D 106 16.50 -7.97 -2.39
CA GLY D 106 15.66 -8.81 -1.56
C GLY D 106 14.48 -9.49 -2.24
N ASP D 107 14.07 -8.98 -3.39
CA ASP D 107 12.92 -9.58 -4.08
C ASP D 107 13.34 -10.73 -4.97
N ASP D 108 14.40 -10.53 -5.74
CA ASP D 108 14.89 -11.58 -6.64
C ASP D 108 15.78 -12.60 -5.95
N THR D 109 16.05 -12.43 -4.66
CA THR D 109 16.92 -13.35 -3.93
C THR D 109 16.27 -14.72 -3.76
N PRO D 110 16.98 -15.78 -4.12
CA PRO D 110 16.41 -17.12 -3.98
C PRO D 110 16.36 -17.49 -2.51
N ILE D 111 15.30 -18.17 -2.09
CA ILE D 111 15.24 -18.62 -0.71
C ILE D 111 14.75 -20.05 -0.71
N VAL D 112 15.56 -20.95 -0.21
CA VAL D 112 15.17 -22.34 -0.17
C VAL D 112 14.70 -22.67 1.23
N ARG D 113 13.65 -23.46 1.34
CA ARG D 113 13.16 -23.88 2.66
C ARG D 113 13.59 -25.32 2.84
N GLY D 114 14.39 -25.60 3.86
CA GLY D 114 14.85 -26.96 4.01
C GLY D 114 15.20 -27.32 5.43
N SER D 115 15.91 -28.43 5.56
CA SER D 115 16.31 -28.88 6.87
C SER D 115 17.65 -29.55 6.68
N ALA D 116 18.68 -28.88 7.17
CA ALA D 116 20.03 -29.40 7.05
C ALA D 116 20.18 -30.68 7.80
N LEU D 117 19.44 -30.77 8.90
CA LEU D 117 19.50 -31.95 9.77
C LEU D 117 18.93 -33.19 9.08
N LYS D 118 17.65 -33.12 8.74
CA LYS D 118 17.02 -34.24 8.08
C LYS D 118 17.78 -34.67 6.81
N ALA D 119 18.18 -33.71 5.99
CA ALA D 119 18.91 -34.02 4.77
C ALA D 119 20.11 -34.82 5.06
N LEU D 120 20.78 -34.45 6.14
CA LEU D 120 21.99 -35.15 6.54
C LEU D 120 21.66 -36.56 7.02
N GLU D 121 20.47 -36.73 7.60
CA GLU D 121 20.03 -38.05 8.08
C GLU D 121 19.66 -39.00 6.94
N GLY D 122 19.42 -38.48 5.75
CA GLY D 122 19.10 -39.36 4.64
C GLY D 122 17.72 -39.19 4.08
N ASP D 123 16.82 -38.56 4.83
CA ASP D 123 15.45 -38.32 4.37
C ASP D 123 15.52 -37.63 2.98
N ALA D 124 15.22 -38.38 1.92
CA ALA D 124 15.28 -37.86 0.56
C ALA D 124 14.35 -36.70 0.21
N GLU D 125 13.26 -36.57 0.94
CA GLU D 125 12.32 -35.48 0.69
C GLU D 125 13.03 -34.15 1.02
N TRP D 126 13.96 -34.22 1.96
CA TRP D 126 14.73 -33.06 2.40
C TRP D 126 16.03 -32.89 1.63
N GLU D 127 16.61 -34.02 1.20
CA GLU D 127 17.84 -33.99 0.43
C GLU D 127 17.54 -33.19 -0.84
N ALA D 128 16.29 -33.27 -1.28
CA ALA D 128 15.84 -32.56 -2.46
C ALA D 128 16.12 -31.06 -2.35
N LYS D 129 15.82 -30.48 -1.19
CA LYS D 129 16.04 -29.07 -0.99
C LYS D 129 17.52 -28.73 -1.07
N ILE D 130 18.37 -29.65 -0.66
CA ILE D 130 19.81 -29.42 -0.78
C ILE D 130 20.18 -29.29 -2.28
N LEU D 131 19.63 -30.18 -3.09
CA LEU D 131 19.90 -30.13 -4.52
C LEU D 131 19.34 -28.85 -5.13
N GLU D 132 18.23 -28.34 -4.58
CA GLU D 132 17.62 -27.12 -5.08
C GLU D 132 18.57 -25.96 -4.81
N LEU D 133 19.17 -25.99 -3.62
CA LEU D 133 20.12 -24.96 -3.22
C LEU D 133 21.32 -24.95 -4.16
N ALA D 134 21.83 -26.14 -4.43
CA ALA D 134 22.96 -26.32 -5.32
C ALA D 134 22.64 -25.76 -6.69
N GLY D 135 21.39 -25.91 -7.10
CA GLY D 135 20.97 -25.42 -8.39
C GLY D 135 21.12 -23.91 -8.41
N PHE D 136 20.73 -23.27 -7.32
CA PHE D 136 20.86 -21.83 -7.25
C PHE D 136 22.32 -21.38 -7.19
N LEU D 137 23.20 -22.15 -6.55
CA LEU D 137 24.59 -21.80 -6.48
C LEU D 137 25.05 -21.75 -7.92
N ASP D 138 24.62 -22.75 -8.70
CA ASP D 138 25.01 -22.88 -10.12
C ASP D 138 24.46 -21.81 -11.03
N SER D 139 23.19 -21.45 -10.83
CA SER D 139 22.53 -20.47 -11.67
C SER D 139 22.59 -19.01 -11.22
N TYR D 140 22.43 -18.78 -9.93
CA TYR D 140 22.40 -17.44 -9.41
C TYR D 140 23.73 -16.75 -9.34
N ILE D 141 24.76 -17.43 -8.88
CA ILE D 141 26.08 -16.82 -8.80
C ILE D 141 26.72 -16.94 -10.16
N PRO D 142 26.97 -15.82 -10.80
CA PRO D 142 27.60 -15.92 -12.12
C PRO D 142 29.05 -16.31 -11.99
N GLU D 143 29.58 -16.99 -13.01
CA GLU D 143 30.99 -17.43 -13.06
C GLU D 143 31.87 -16.25 -12.75
N PRO D 144 32.74 -16.36 -11.73
CA PRO D 144 33.60 -15.22 -11.41
C PRO D 144 34.62 -15.04 -12.51
N GLU D 145 34.87 -13.80 -12.85
CA GLU D 145 35.80 -13.47 -13.89
C GLU D 145 37.21 -13.97 -13.51
N ARG D 146 37.88 -14.66 -14.44
CA ARG D 146 39.22 -15.18 -14.22
C ARG D 146 40.33 -14.09 -14.21
N ALA D 147 41.43 -14.35 -13.50
CA ALA D 147 42.52 -13.39 -13.39
C ALA D 147 43.08 -12.91 -14.73
N ILE D 148 43.33 -13.85 -15.62
CA ILE D 148 43.86 -13.54 -16.94
C ILE D 148 42.96 -12.73 -17.82
N ASP D 149 41.66 -12.76 -17.55
CA ASP D 149 40.73 -12.00 -18.37
C ASP D 149 40.61 -10.54 -17.90
N LYS D 150 41.18 -10.24 -16.72
CA LYS D 150 41.12 -8.89 -16.21
C LYS D 150 42.25 -8.08 -16.81
N PRO D 151 42.17 -6.76 -16.71
CA PRO D 151 43.21 -5.88 -17.25
C PRO D 151 44.52 -6.10 -16.55
N PHE D 152 45.60 -5.96 -17.29
CA PHE D 152 46.94 -6.11 -16.72
C PHE D 152 47.18 -5.20 -15.50
N LEU D 153 47.76 -5.78 -14.46
CA LEU D 153 48.09 -5.05 -13.24
C LEU D 153 49.31 -5.75 -12.65
N LEU D 154 50.36 -4.99 -12.38
CA LEU D 154 51.56 -5.55 -11.82
C LEU D 154 52.16 -4.66 -10.77
N PRO D 155 52.13 -5.11 -9.52
CA PRO D 155 52.71 -4.30 -8.43
C PRO D 155 54.22 -4.41 -8.52
N ILE D 156 54.88 -3.26 -8.69
CA ILE D 156 56.32 -3.25 -8.81
C ILE D 156 57.01 -3.57 -7.51
N GLU D 157 57.80 -4.64 -7.52
CA GLU D 157 58.52 -5.02 -6.32
C GLU D 157 59.97 -4.50 -6.26
N ASP D 158 60.59 -4.25 -7.40
CA ASP D 158 61.94 -3.74 -7.43
C ASP D 158 62.23 -3.20 -8.79
N VAL D 159 63.33 -2.47 -8.91
CA VAL D 159 63.70 -1.87 -10.19
C VAL D 159 65.17 -2.04 -10.43
N PHE D 160 65.50 -2.29 -11.70
CA PHE D 160 66.88 -2.46 -12.10
C PHE D 160 67.11 -1.85 -13.47
N SER D 161 68.38 -1.68 -13.81
CA SER D 161 68.70 -1.13 -15.07
C SER D 161 69.68 -2.10 -15.61
N ILE D 162 69.26 -2.81 -16.64
CA ILE D 162 70.09 -3.81 -17.28
C ILE D 162 70.93 -3.15 -18.44
N SER D 163 72.25 -3.33 -18.41
CA SER D 163 73.23 -2.80 -19.39
C SER D 163 72.79 -2.59 -20.85
N GLY D 164 72.71 -1.33 -21.25
CA GLY D 164 72.34 -1.00 -22.62
C GLY D 164 70.95 -1.41 -23.09
N ARG D 165 70.23 -2.21 -22.31
CA ARG D 165 68.91 -2.61 -22.74
C ARG D 165 67.80 -1.75 -22.14
N GLY D 166 68.01 -1.20 -20.94
CA GLY D 166 66.99 -0.34 -20.32
C GLY D 166 66.63 -0.59 -18.85
N THR D 167 65.50 -0.03 -18.42
CA THR D 167 65.00 -0.20 -17.05
C THR D 167 64.08 -1.44 -16.96
N VAL D 168 64.30 -2.27 -15.94
CA VAL D 168 63.51 -3.47 -15.69
C VAL D 168 62.77 -3.38 -14.37
N VAL D 169 61.44 -3.51 -14.41
CA VAL D 169 60.68 -3.54 -13.16
C VAL D 169 60.29 -4.99 -12.88
N THR D 170 60.38 -5.43 -11.63
CA THR D 170 60.02 -6.79 -11.33
C THR D 170 58.83 -6.92 -10.41
N GLY D 171 58.23 -8.10 -10.43
CA GLY D 171 57.07 -8.36 -9.61
C GLY D 171 56.24 -9.49 -10.16
N ARG D 172 55.20 -9.88 -9.42
CA ARG D 172 54.31 -10.94 -9.86
C ARG D 172 53.10 -10.28 -10.53
N VAL D 173 52.78 -10.69 -11.76
CA VAL D 173 51.64 -10.12 -12.43
C VAL D 173 50.43 -10.52 -11.61
N GLU D 174 49.69 -9.54 -11.12
CA GLU D 174 48.54 -9.84 -10.28
C GLU D 174 47.38 -10.31 -11.14
N ARG D 175 47.21 -9.70 -12.30
CA ARG D 175 46.13 -10.07 -13.19
C ARG D 175 46.33 -9.59 -14.64
N GLY D 176 45.71 -10.30 -15.58
CA GLY D 176 45.83 -9.94 -16.98
C GLY D 176 47.04 -10.54 -17.65
N ILE D 177 47.41 -9.92 -18.77
CA ILE D 177 48.55 -10.34 -19.56
C ILE D 177 49.25 -9.14 -20.13
N ILE D 178 50.58 -9.20 -20.20
CA ILE D 178 51.36 -8.11 -20.79
C ILE D 178 52.21 -8.69 -21.92
N LYS D 179 52.08 -8.10 -23.11
CA LYS D 179 52.81 -8.54 -24.31
C LYS D 179 53.85 -7.53 -24.72
N VAL D 180 55.02 -8.00 -25.15
CA VAL D 180 56.06 -7.09 -25.60
C VAL D 180 55.47 -6.17 -26.66
N GLY D 181 55.72 -4.89 -26.53
CA GLY D 181 55.18 -3.96 -27.50
C GLY D 181 53.97 -3.19 -27.00
N GLU D 182 53.20 -3.78 -26.08
CA GLU D 182 52.03 -3.08 -25.53
C GLU D 182 52.43 -1.88 -24.68
N GLU D 183 51.55 -0.90 -24.65
CA GLU D 183 51.77 0.31 -23.89
C GLU D 183 51.20 0.12 -22.48
N VAL D 184 51.89 0.67 -21.48
CA VAL D 184 51.45 0.52 -20.10
C VAL D 184 51.48 1.85 -19.39
N GLU D 185 50.82 1.92 -18.24
CA GLU D 185 50.85 3.14 -17.44
C GLU D 185 51.47 2.78 -16.11
N ILE D 186 52.14 3.76 -15.52
CA ILE D 186 52.77 3.60 -14.22
C ILE D 186 51.94 4.51 -13.36
N VAL D 187 51.10 3.95 -12.49
CA VAL D 187 50.24 4.80 -11.70
C VAL D 187 50.45 4.72 -10.20
N GLY D 188 50.24 5.86 -9.54
CA GLY D 188 50.40 5.96 -8.10
C GLY D 188 51.56 6.86 -7.68
N ILE D 189 51.43 7.45 -6.49
CA ILE D 189 52.44 8.34 -5.90
C ILE D 189 52.64 9.59 -6.73
N LYS D 190 53.38 9.48 -7.82
CA LYS D 190 53.66 10.60 -8.72
C LYS D 190 52.47 10.77 -9.64
N GLU D 191 52.73 11.38 -10.78
CA GLU D 191 51.71 11.64 -11.79
C GLU D 191 51.75 10.45 -12.73
N THR D 192 50.60 10.00 -13.21
CA THR D 192 50.61 8.87 -14.12
C THR D 192 51.53 9.12 -15.31
N GLN D 193 52.44 8.17 -15.54
CA GLN D 193 53.42 8.19 -16.64
C GLN D 193 53.03 7.10 -17.61
N LYS D 194 53.30 7.28 -18.91
CA LYS D 194 52.99 6.21 -19.85
C LYS D 194 54.29 5.69 -20.43
N SER D 195 54.29 4.47 -20.93
CA SER D 195 55.50 3.91 -21.50
C SER D 195 55.15 2.71 -22.35
N THR D 196 56.17 2.08 -22.91
CA THR D 196 55.94 0.92 -23.77
C THR D 196 56.77 -0.27 -23.28
N CYS D 197 56.14 -1.45 -23.27
CA CYS D 197 56.83 -2.64 -22.85
C CYS D 197 57.74 -3.06 -24.00
N THR D 198 59.04 -3.02 -23.78
CA THR D 198 59.95 -3.40 -24.85
C THR D 198 60.52 -4.77 -24.58
N GLY D 199 59.93 -5.48 -23.62
CA GLY D 199 60.41 -6.81 -23.29
C GLY D 199 59.91 -7.41 -21.99
N VAL D 200 59.94 -8.74 -21.93
CA VAL D 200 59.54 -9.46 -20.75
C VAL D 200 60.58 -10.54 -20.56
N GLU D 201 61.25 -10.54 -19.42
CA GLU D 201 62.29 -11.51 -19.18
C GLU D 201 61.98 -12.19 -17.89
N MET D 202 62.49 -13.39 -17.74
CA MET D 202 62.27 -14.19 -16.55
C MET D 202 63.48 -15.07 -16.40
N PHE D 203 64.40 -14.65 -15.56
CA PHE D 203 65.61 -15.40 -15.33
C PHE D 203 66.33 -15.66 -16.64
N ARG D 204 66.59 -14.54 -17.31
CA ARG D 204 67.25 -14.47 -18.60
C ARG D 204 66.48 -14.99 -19.81
N LYS D 205 65.68 -16.04 -19.69
CA LYS D 205 64.94 -16.51 -20.86
C LYS D 205 63.95 -15.40 -21.24
N LEU D 206 64.00 -14.97 -22.49
CA LEU D 206 63.09 -13.92 -22.95
C LEU D 206 61.70 -14.42 -23.32
N LEU D 207 60.72 -13.74 -22.81
CA LEU D 207 59.37 -14.13 -23.08
C LEU D 207 58.68 -13.18 -24.04
N ASP D 208 57.57 -13.69 -24.54
CA ASP D 208 56.73 -13.01 -25.48
C ASP D 208 55.76 -12.14 -24.69
N GLU D 209 55.31 -12.73 -23.58
CA GLU D 209 54.34 -12.13 -22.70
C GLU D 209 54.45 -12.60 -21.25
N GLY D 210 53.87 -11.81 -20.35
CA GLY D 210 53.86 -12.13 -18.94
C GLY D 210 52.40 -12.38 -18.57
N ARG D 211 52.16 -13.48 -17.88
CA ARG D 211 50.80 -13.82 -17.50
C ARG D 211 50.52 -13.76 -16.00
N ALA D 212 49.27 -13.48 -15.68
CA ALA D 212 48.83 -13.46 -14.30
C ALA D 212 49.44 -14.65 -13.52
N GLY D 213 50.08 -14.37 -12.38
CA GLY D 213 50.63 -15.42 -11.55
C GLY D 213 52.13 -15.62 -11.72
N GLU D 214 52.66 -15.15 -12.86
CA GLU D 214 54.09 -15.29 -13.13
C GLU D 214 54.90 -14.14 -12.55
N ASN D 215 56.06 -14.49 -12.03
CA ASN D 215 56.97 -13.54 -11.45
C ASN D 215 57.87 -13.16 -12.62
N VAL D 216 57.62 -12.02 -13.22
CA VAL D 216 58.41 -11.61 -14.37
C VAL D 216 59.16 -10.27 -14.20
N GLY D 217 59.92 -9.89 -15.23
CA GLY D 217 60.63 -8.63 -15.23
C GLY D 217 60.16 -7.93 -16.49
N VAL D 218 59.68 -6.70 -16.37
CA VAL D 218 59.20 -6.00 -17.54
C VAL D 218 60.16 -4.87 -17.90
N LEU D 219 60.54 -4.83 -19.19
CA LEU D 219 61.47 -3.81 -19.70
C LEU D 219 60.67 -2.66 -20.21
N LEU D 220 61.08 -1.46 -19.80
CA LEU D 220 60.40 -0.25 -20.22
C LEU D 220 61.24 0.69 -21.10
N ARG D 221 60.58 1.27 -22.10
CA ARG D 221 61.26 2.19 -23.00
C ARG D 221 61.45 3.55 -22.35
N GLY D 222 62.70 3.98 -22.35
CA GLY D 222 63.08 5.27 -21.81
C GLY D 222 62.38 5.73 -20.57
N ILE D 223 62.79 5.17 -19.45
CA ILE D 223 62.23 5.51 -18.17
C ILE D 223 63.34 5.23 -17.18
N LYS D 224 63.94 6.27 -16.64
CA LYS D 224 65.04 6.11 -15.69
C LYS D 224 64.67 5.24 -14.50
N ARG D 225 65.62 4.43 -14.05
CA ARG D 225 65.44 3.60 -12.88
C ARG D 225 65.06 4.42 -11.64
N GLU D 226 65.22 5.74 -11.70
CA GLU D 226 64.91 6.55 -10.54
C GLU D 226 63.57 7.24 -10.61
N GLU D 227 62.91 7.08 -11.74
CA GLU D 227 61.58 7.64 -12.00
C GLU D 227 60.49 6.79 -11.33
N ILE D 228 60.89 5.60 -10.88
CA ILE D 228 59.97 4.67 -10.30
C ILE D 228 59.98 4.74 -8.79
N GLU D 229 58.81 5.04 -8.21
CA GLU D 229 58.66 5.15 -6.76
C GLU D 229 58.02 3.91 -6.19
N ARG D 230 58.42 3.54 -4.99
CA ARG D 230 57.84 2.38 -4.30
C ARG D 230 56.33 2.60 -4.16
N GLY D 231 55.52 1.58 -4.43
CA GLY D 231 54.09 1.75 -4.29
C GLY D 231 53.38 1.97 -5.61
N GLN D 232 54.14 2.15 -6.66
CA GLN D 232 53.52 2.32 -7.97
C GLN D 232 53.20 0.96 -8.59
N VAL D 233 52.29 0.94 -9.54
CA VAL D 233 51.96 -0.30 -10.25
C VAL D 233 51.96 -0.10 -11.77
N LEU D 234 52.16 -1.18 -12.49
CA LEU D 234 52.15 -1.14 -13.94
C LEU D 234 50.75 -1.62 -14.31
N ALA D 235 50.08 -0.95 -15.23
CA ALA D 235 48.71 -1.38 -15.57
C ALA D 235 48.29 -1.03 -16.99
N LYS D 236 47.33 -1.79 -17.53
CA LYS D 236 46.79 -1.52 -18.85
C LYS D 236 46.31 -0.08 -18.76
N PRO D 237 46.71 0.77 -19.70
CA PRO D 237 46.29 2.17 -19.63
C PRO D 237 44.80 2.40 -19.39
N GLY D 238 44.52 3.36 -18.53
CA GLY D 238 43.15 3.70 -18.22
C GLY D 238 42.32 2.62 -17.56
N THR D 239 42.94 1.61 -16.97
CA THR D 239 42.13 0.59 -16.33
C THR D 239 42.06 0.76 -14.84
N ILE D 240 43.01 1.48 -14.26
CA ILE D 240 42.98 1.72 -12.83
C ILE D 240 43.42 3.13 -12.52
N LYS D 241 42.62 3.77 -11.67
CA LYS D 241 42.92 5.15 -11.33
C LYS D 241 43.40 5.32 -9.91
N PRO D 242 44.36 6.23 -9.71
CA PRO D 242 44.93 6.53 -8.40
C PRO D 242 43.95 7.34 -7.55
N HIS D 243 43.90 7.05 -6.25
CA HIS D 243 43.02 7.74 -5.34
C HIS D 243 43.73 8.03 -4.04
N THR D 244 43.12 8.85 -3.19
CA THR D 244 43.70 9.17 -1.90
C THR D 244 42.71 9.12 -0.78
N LYS D 245 41.44 9.24 -1.09
CA LYS D 245 40.42 9.21 -0.04
C LYS D 245 39.47 8.04 -0.28
N PHE D 246 39.27 7.22 0.74
CA PHE D 246 38.38 6.09 0.61
C PHE D 246 37.74 5.75 1.93
N GLU D 247 36.65 5.03 1.85
CA GLU D 247 35.93 4.62 3.02
C GLU D 247 36.36 3.16 3.17
N SER D 248 36.38 2.65 4.40
CA SER D 248 36.80 1.27 4.60
C SER D 248 36.35 0.70 5.91
N GLU D 249 36.41 -0.63 5.99
CA GLU D 249 36.05 -1.38 7.19
C GLU D 249 37.41 -1.92 7.70
N VAL D 250 37.70 -1.77 8.97
CA VAL D 250 38.95 -2.28 9.49
C VAL D 250 38.80 -3.07 10.76
N TYR D 251 39.77 -3.96 10.97
CA TYR D 251 39.84 -4.77 12.17
C TYR D 251 41.15 -4.39 12.82
N ILE D 252 41.07 -4.07 14.12
CA ILE D 252 42.24 -3.68 14.88
C ILE D 252 42.67 -4.85 15.73
N LEU D 253 43.84 -5.41 15.45
CA LEU D 253 44.30 -6.55 16.23
C LEU D 253 44.24 -6.29 17.72
N SER D 254 43.98 -7.36 18.46
CA SER D 254 43.92 -7.30 19.90
C SER D 254 45.35 -7.33 20.38
N LYS D 255 45.57 -7.16 21.67
CA LYS D 255 46.94 -7.17 22.19
C LYS D 255 47.58 -8.52 21.94
N ASP D 256 46.81 -9.56 22.23
CA ASP D 256 47.26 -10.94 22.04
C ASP D 256 47.65 -11.25 20.63
N GLU D 257 46.96 -10.69 19.65
CA GLU D 257 47.30 -10.94 18.27
C GLU D 257 48.55 -10.19 17.90
N GLY D 258 49.10 -9.46 18.88
CA GLY D 258 50.32 -8.70 18.67
C GLY D 258 50.10 -7.30 18.17
N GLY D 259 48.93 -6.75 18.49
CA GLY D 259 48.59 -5.40 18.09
C GLY D 259 48.89 -4.43 19.21
N ARG D 260 48.29 -3.24 19.14
CA ARG D 260 48.46 -2.20 20.14
C ARG D 260 47.98 -2.63 21.52
N HIS D 261 48.49 -1.96 22.56
CA HIS D 261 48.13 -2.26 23.97
C HIS D 261 47.09 -1.26 24.38
N THR D 262 47.20 -0.09 23.78
CA THR D 262 46.30 0.99 24.09
C THR D 262 45.47 1.42 22.92
N PRO D 263 44.26 1.95 23.18
CA PRO D 263 43.38 2.40 22.12
C PRO D 263 44.00 3.61 21.44
N PHE D 264 43.51 3.98 20.28
CA PHE D 264 44.05 5.18 19.64
C PHE D 264 42.87 6.16 19.48
N PHE D 265 43.17 7.45 19.25
CA PHE D 265 42.12 8.47 19.15
C PHE D 265 42.11 9.17 17.84
N LYS D 266 41.17 10.11 17.66
CA LYS D 266 41.15 10.83 16.40
C LYS D 266 42.51 11.45 16.26
N GLY D 267 42.93 11.68 15.04
CA GLY D 267 44.24 12.26 14.86
C GLY D 267 45.38 11.25 14.78
N TYR D 268 45.02 9.97 14.79
CA TYR D 268 45.99 8.89 14.67
C TYR D 268 46.41 8.94 13.21
N ARG D 269 47.71 8.92 12.97
CA ARG D 269 48.22 9.00 11.61
C ARG D 269 49.16 7.82 11.39
N PRO D 270 48.62 6.62 11.13
CA PRO D 270 49.46 5.44 10.91
C PRO D 270 49.86 5.26 9.46
N GLN D 271 50.44 4.11 9.18
CA GLN D 271 50.88 3.77 7.84
C GLN D 271 49.91 2.73 7.26
N PHE D 272 49.58 2.86 5.99
CA PHE D 272 48.68 1.92 5.35
C PHE D 272 49.49 1.15 4.30
N TYR D 273 49.56 -0.16 4.48
CA TYR D 273 50.31 -1.03 3.58
C TYR D 273 49.46 -1.47 2.43
N PHE D 274 49.81 -0.98 1.25
CA PHE D 274 49.12 -1.30 0.00
C PHE D 274 50.06 -2.05 -0.93
N ARG D 275 49.88 -3.35 -1.02
CA ARG D 275 50.68 -4.22 -1.88
C ARG D 275 52.16 -4.23 -1.53
N THR D 276 52.84 -3.11 -1.77
CA THR D 276 54.27 -3.07 -1.54
C THR D 276 54.87 -2.02 -0.63
N THR D 277 54.14 -0.98 -0.27
CA THR D 277 54.71 0.04 0.63
C THR D 277 53.72 0.56 1.61
N ASP D 278 54.26 1.34 2.53
CA ASP D 278 53.47 1.99 3.54
C ASP D 278 53.20 3.37 2.96
N VAL D 279 52.04 3.93 3.29
CA VAL D 279 51.68 5.27 2.84
C VAL D 279 50.95 5.87 4.00
N THR D 280 51.46 6.96 4.55
CA THR D 280 50.79 7.57 5.70
C THR D 280 49.43 8.18 5.36
N GLY D 281 48.53 8.14 6.34
CA GLY D 281 47.22 8.70 6.11
C GLY D 281 46.54 9.20 7.38
N THR D 282 45.51 10.02 7.18
CA THR D 282 44.77 10.56 8.29
C THR D 282 43.49 9.75 8.43
N ILE D 283 42.94 9.75 9.64
CA ILE D 283 41.77 8.99 9.96
C ILE D 283 40.56 9.77 10.46
N GLU D 284 39.41 9.51 9.85
CA GLU D 284 38.16 10.15 10.27
C GLU D 284 37.30 9.05 10.84
N LEU D 285 37.08 9.05 12.15
CA LEU D 285 36.22 8.02 12.72
C LEU D 285 34.76 8.43 12.56
N PRO D 286 33.82 7.49 12.74
CA PRO D 286 32.42 7.88 12.60
C PRO D 286 32.01 8.80 13.73
N GLU D 287 30.91 9.51 13.56
CA GLU D 287 30.46 10.45 14.58
C GLU D 287 30.09 9.70 15.84
N GLY D 288 30.62 10.19 16.95
CA GLY D 288 30.32 9.54 18.21
C GLY D 288 31.46 8.73 18.78
N VAL D 289 32.38 8.28 17.93
CA VAL D 289 33.51 7.50 18.43
C VAL D 289 34.74 8.39 18.57
N GLU D 290 35.28 8.39 19.78
CA GLU D 290 36.44 9.21 20.09
C GLU D 290 37.72 8.39 20.14
N MET D 291 37.58 7.10 20.44
CA MET D 291 38.73 6.20 20.49
C MET D 291 38.36 4.76 20.07
N VAL D 292 39.34 4.11 19.44
CA VAL D 292 39.18 2.73 18.96
C VAL D 292 40.01 1.78 19.81
N MET D 293 39.35 0.76 20.35
CA MET D 293 39.98 -0.24 21.21
C MET D 293 40.67 -1.38 20.43
N PRO D 294 41.73 -1.99 20.99
CA PRO D 294 42.33 -3.08 20.23
C PRO D 294 41.30 -4.19 20.19
N GLY D 295 41.11 -4.82 19.03
CA GLY D 295 40.12 -5.88 18.88
C GLY D 295 38.77 -5.45 18.30
N ASP D 296 38.62 -4.15 18.00
CA ASP D 296 37.37 -3.64 17.44
C ASP D 296 37.46 -3.59 15.96
N ASN D 297 36.31 -3.59 15.30
CA ASN D 297 36.27 -3.40 13.85
C ASN D 297 35.44 -2.12 13.71
N ILE D 298 35.84 -1.24 12.80
CA ILE D 298 35.15 0.02 12.70
C ILE D 298 35.15 0.59 11.27
N LYS D 299 34.13 1.37 10.95
CA LYS D 299 34.01 2.03 9.64
C LYS D 299 35.03 3.14 9.76
N MET D 300 35.75 3.47 8.71
CA MET D 300 36.78 4.48 8.87
C MET D 300 37.10 5.15 7.53
N VAL D 301 37.11 6.47 7.49
CA VAL D 301 37.43 7.18 6.25
C VAL D 301 38.87 7.56 6.30
N VAL D 302 39.62 7.21 5.26
CA VAL D 302 41.05 7.48 5.25
C VAL D 302 41.50 8.39 4.12
N THR D 303 42.47 9.25 4.42
CA THR D 303 43.00 10.16 3.42
C THR D 303 44.50 9.95 3.38
N LEU D 304 44.98 9.50 2.23
CA LEU D 304 46.39 9.22 2.04
C LEU D 304 47.18 10.41 1.63
N ILE D 305 48.44 10.42 2.02
CA ILE D 305 49.32 11.50 1.67
C ILE D 305 49.72 11.42 0.20
N HIS D 306 49.84 10.22 -0.36
CA HIS D 306 50.14 10.12 -1.79
C HIS D 306 49.07 9.25 -2.37
N PRO D 307 48.83 9.37 -3.68
CA PRO D 307 47.79 8.54 -4.28
C PRO D 307 48.29 7.12 -4.62
N ILE D 308 47.37 6.17 -4.50
CA ILE D 308 47.66 4.77 -4.77
C ILE D 308 46.63 4.20 -5.71
N ALA D 309 47.06 3.33 -6.61
CA ALA D 309 46.11 2.72 -7.54
C ALA D 309 45.20 1.81 -6.73
N MET D 310 43.91 2.08 -6.74
CA MET D 310 42.99 1.25 -5.99
C MET D 310 41.57 1.21 -6.52
N ASP D 311 40.84 0.14 -6.18
CA ASP D 311 39.43 -0.01 -6.53
C ASP D 311 38.75 -0.69 -5.35
N ASP D 312 37.43 -0.64 -5.35
CA ASP D 312 36.64 -1.20 -4.28
C ASP D 312 37.15 -2.60 -4.01
N GLY D 313 37.17 -2.98 -2.73
CA GLY D 313 37.60 -4.32 -2.34
C GLY D 313 39.08 -4.60 -2.12
N LEU D 314 39.96 -3.67 -2.45
CA LEU D 314 41.38 -3.89 -2.23
C LEU D 314 41.62 -4.03 -0.73
N ARG D 315 42.46 -4.98 -0.34
CA ARG D 315 42.80 -5.20 1.08
C ARG D 315 44.09 -4.43 1.45
N PHE D 316 44.26 -4.11 2.73
CA PHE D 316 45.47 -3.39 3.17
C PHE D 316 45.72 -3.64 4.65
N ALA D 317 46.91 -3.29 5.09
CA ALA D 317 47.27 -3.47 6.49
C ALA D 317 47.55 -2.12 7.08
N ILE D 318 47.36 -2.00 8.38
CA ILE D 318 47.68 -0.76 9.06
C ILE D 318 48.86 -1.11 9.92
N ARG D 319 49.92 -0.36 9.73
CA ARG D 319 51.16 -0.61 10.44
C ARG D 319 51.66 0.59 11.22
N GLU D 320 52.28 0.30 12.35
CA GLU D 320 52.87 1.31 13.21
C GLU D 320 54.36 0.96 13.28
N GLY D 321 55.13 1.61 12.41
CA GLY D 321 56.56 1.34 12.38
C GLY D 321 56.82 -0.15 12.20
N GLY D 322 56.55 -0.62 10.99
CA GLY D 322 56.78 -2.03 10.69
C GLY D 322 55.80 -3.02 11.31
N ARG D 323 55.39 -2.79 12.56
CA ARG D 323 54.44 -3.68 13.23
C ARG D 323 53.03 -3.53 12.65
N THR D 324 52.35 -4.65 12.48
CA THR D 324 51.00 -4.65 11.96
C THR D 324 50.00 -4.51 13.09
N VAL D 325 49.16 -3.50 13.02
CA VAL D 325 48.20 -3.25 14.09
C VAL D 325 46.76 -3.46 13.66
N GLY D 326 46.54 -3.48 12.35
CA GLY D 326 45.17 -3.70 11.90
C GLY D 326 45.09 -4.08 10.44
N ALA D 327 43.92 -4.54 10.01
CA ALA D 327 43.73 -4.92 8.63
C ALA D 327 42.40 -4.37 8.15
N GLY D 328 42.33 -4.03 6.87
CA GLY D 328 41.10 -3.52 6.34
C GLY D 328 40.92 -3.76 4.87
N VAL D 329 39.75 -3.41 4.37
CA VAL D 329 39.39 -3.54 2.98
C VAL D 329 38.76 -2.20 2.54
N VAL D 330 39.07 -1.78 1.34
CA VAL D 330 38.53 -0.54 0.81
C VAL D 330 37.07 -0.79 0.48
N ALA D 331 36.16 -0.18 1.24
CA ALA D 331 34.74 -0.38 0.95
C ALA D 331 34.27 0.43 -0.24
N LYS D 332 34.77 1.65 -0.41
CA LYS D 332 34.41 2.47 -1.57
C LYS D 332 35.40 3.64 -1.68
N VAL D 333 35.92 3.90 -2.87
CA VAL D 333 36.84 5.01 -3.04
C VAL D 333 36.03 6.30 -3.10
N LEU D 334 36.61 7.40 -2.67
CA LEU D 334 35.91 8.68 -2.70
C LEU D 334 36.65 9.71 -3.59
N GLY D 335 37.98 9.64 -3.67
CA GLY D 335 38.70 10.58 -4.51
C GLY D 335 40.18 10.29 -4.57
N THR E 1 -8.23 15.47 -12.38
CA THR E 1 -8.13 15.53 -10.89
C THR E 1 -9.31 16.21 -10.19
N LYS E 2 -9.71 15.58 -9.08
CA LYS E 2 -10.81 15.96 -8.18
C LYS E 2 -10.80 17.38 -7.70
N PRO E 3 -11.98 17.92 -7.44
CA PRO E 3 -12.00 19.31 -6.95
C PRO E 3 -11.41 19.27 -5.55
N HIS E 4 -10.82 20.38 -5.15
CA HIS E 4 -10.21 20.47 -3.85
C HIS E 4 -10.98 21.47 -2.98
N VAL E 5 -11.39 21.05 -1.80
CA VAL E 5 -12.14 21.90 -0.91
C VAL E 5 -11.47 22.00 0.47
N ASN E 6 -11.47 23.19 1.04
CA ASN E 6 -10.86 23.38 2.35
C ASN E 6 -11.95 23.51 3.36
N VAL E 7 -11.90 22.68 4.40
CA VAL E 7 -12.88 22.73 5.47
C VAL E 7 -12.15 22.69 6.80
N GLY E 8 -12.90 22.68 7.89
CA GLY E 8 -12.29 22.63 9.18
C GLY E 8 -13.38 22.47 10.21
N THR E 9 -13.00 22.14 11.44
CA THR E 9 -13.94 21.98 12.52
C THR E 9 -13.83 23.16 13.46
N ILE E 10 -14.94 23.79 13.76
CA ILE E 10 -14.95 24.91 14.71
C ILE E 10 -15.91 24.51 15.81
N GLY E 11 -15.96 25.32 16.87
CA GLY E 11 -16.83 25.03 17.98
C GLY E 11 -16.16 25.14 19.33
N HIS E 12 -16.99 25.01 20.37
CA HIS E 12 -16.52 25.14 21.74
C HIS E 12 -15.54 24.07 22.15
N VAL E 13 -14.64 24.41 23.05
CA VAL E 13 -13.67 23.43 23.48
C VAL E 13 -14.35 22.22 24.10
N ASP E 14 -13.72 21.07 23.94
CA ASP E 14 -14.21 19.81 24.46
C ASP E 14 -15.51 19.24 23.88
N HIS E 15 -16.06 19.90 22.87
CA HIS E 15 -17.28 19.41 22.24
C HIS E 15 -17.03 18.26 21.26
N GLY E 16 -15.75 17.97 20.98
CA GLY E 16 -15.42 16.85 20.11
C GLY E 16 -14.85 17.12 18.75
N LYS E 17 -14.44 18.37 18.48
CA LYS E 17 -13.86 18.72 17.17
C LYS E 17 -12.73 17.76 16.70
N THR E 18 -11.80 17.44 17.56
CA THR E 18 -10.72 16.59 17.16
C THR E 18 -11.13 15.13 17.02
N THR E 19 -12.00 14.64 17.90
CA THR E 19 -12.36 13.24 17.76
C THR E 19 -13.17 13.05 16.50
N LEU E 20 -13.99 14.04 16.14
CA LEU E 20 -14.77 13.97 14.90
C LEU E 20 -13.79 13.96 13.72
N THR E 21 -12.74 14.76 13.82
CA THR E 21 -11.77 14.82 12.75
C THR E 21 -11.17 13.41 12.56
N ALA E 22 -10.80 12.75 13.64
CA ALA E 22 -10.25 11.40 13.52
C ALA E 22 -11.27 10.45 12.87
N ALA E 23 -12.53 10.53 13.34
CA ALA E 23 -13.60 9.71 12.82
C ALA E 23 -13.79 9.89 11.32
N ILE E 24 -13.86 11.12 10.85
CA ILE E 24 -14.04 11.33 9.41
C ILE E 24 -12.94 10.60 8.67
N THR E 25 -11.70 10.88 9.03
CA THR E 25 -10.53 10.26 8.43
C THR E 25 -10.60 8.74 8.35
N THR E 26 -10.94 8.14 9.49
CA THR E 26 -11.05 6.72 9.60
C THR E 26 -12.18 6.13 8.78
N VAL E 27 -13.41 6.51 9.10
CA VAL E 27 -14.56 6.00 8.39
C VAL E 27 -14.46 6.17 6.87
N LEU E 28 -13.92 7.30 6.42
CA LEU E 28 -13.85 7.49 4.98
C LEU E 28 -12.88 6.55 4.31
N ALA E 29 -11.70 6.36 4.89
CA ALA E 29 -10.72 5.44 4.29
C ALA E 29 -11.28 4.00 4.28
N LYS E 30 -11.79 3.61 5.44
CA LYS E 30 -12.36 2.32 5.65
C LYS E 30 -13.46 2.08 4.62
N THR E 31 -14.22 3.10 4.26
CA THR E 31 -15.30 2.92 3.33
C THR E 31 -15.01 3.15 1.85
N TYR E 32 -14.09 4.07 1.55
CA TYR E 32 -13.77 4.39 0.16
C TYR E 32 -12.39 4.14 -0.34
N GLY E 33 -11.52 3.55 0.45
CA GLY E 33 -10.19 3.31 -0.07
C GLY E 33 -9.33 2.59 0.92
N GLY F 1 6.76 36.08 16.22
CA GLY F 1 5.65 36.11 15.29
C GLY F 1 4.41 35.54 15.93
N ILE F 2 3.31 35.51 15.17
CA ILE F 2 2.12 34.99 15.79
C ILE F 2 2.32 33.52 16.06
N THR F 3 1.85 33.08 17.22
CA THR F 3 1.97 31.68 17.59
C THR F 3 0.75 30.96 17.13
N ILE F 4 0.96 29.94 16.32
CA ILE F 4 -0.15 29.22 15.74
C ILE F 4 -0.20 27.68 15.94
N ASN F 5 -1.25 27.17 16.56
CA ASN F 5 -1.35 25.74 16.74
C ASN F 5 -2.41 25.16 15.88
N THR F 6 -2.04 24.30 14.92
CA THR F 6 -3.03 23.69 14.02
C THR F 6 -2.71 22.26 13.63
N SER F 7 -3.73 21.58 13.13
CA SER F 7 -3.67 20.21 12.63
C SER F 7 -4.18 20.32 11.20
N HIS F 8 -3.55 19.61 10.30
CA HIS F 8 -3.99 19.65 8.93
C HIS F 8 -4.03 18.21 8.41
N VAL F 9 -5.22 17.73 8.06
CA VAL F 9 -5.37 16.39 7.53
C VAL F 9 -6.09 16.48 6.19
N GLU F 10 -5.95 15.45 5.37
CA GLU F 10 -6.59 15.45 4.06
C GLU F 10 -7.30 14.13 3.88
N TYR F 11 -8.42 14.15 3.17
CA TYR F 11 -9.19 12.93 2.97
C TYR F 11 -10.07 13.07 1.77
N ASP F 12 -10.58 11.91 1.30
CA ASP F 12 -11.40 11.85 0.09
C ASP F 12 -12.78 11.23 0.16
N THR F 13 -13.67 11.78 -0.65
CA THR F 13 -15.01 11.24 -0.79
C THR F 13 -14.89 10.82 -2.24
N PRO F 14 -15.82 10.00 -2.75
CA PRO F 14 -15.70 9.59 -4.16
C PRO F 14 -15.56 10.73 -5.15
N THR F 15 -16.05 11.92 -4.86
CA THR F 15 -15.91 12.97 -5.85
C THR F 15 -15.03 14.16 -5.53
N ARG F 16 -14.68 14.36 -4.25
CA ARG F 16 -13.86 15.52 -3.90
C ARG F 16 -12.73 15.21 -2.98
N HIS F 17 -11.75 16.11 -2.99
CA HIS F 17 -10.62 15.94 -2.11
C HIS F 17 -10.67 17.05 -1.08
N TYR F 18 -10.54 16.68 0.20
CA TYR F 18 -10.61 17.67 1.27
C TYR F 18 -9.34 17.94 2.09
N ALA F 19 -9.12 19.21 2.40
CA ALA F 19 -8.02 19.65 3.27
C ALA F 19 -8.81 20.13 4.50
N HIS F 20 -8.48 19.64 5.68
CA HIS F 20 -9.25 19.97 6.85
C HIS F 20 -8.41 20.43 8.05
N VAL F 21 -8.64 21.64 8.58
CA VAL F 21 -7.91 22.14 9.77
C VAL F 21 -8.66 21.91 11.08
N ASP F 22 -7.93 21.78 12.17
CA ASP F 22 -8.51 21.58 13.48
C ASP F 22 -7.51 22.29 14.38
N CYS F 23 -7.96 23.15 15.29
CA CYS F 23 -7.02 23.84 16.17
C CYS F 23 -7.33 23.41 17.59
N PRO F 24 -6.32 23.39 18.46
CA PRO F 24 -6.60 22.97 19.84
C PRO F 24 -7.39 23.91 20.69
N GLY F 25 -7.03 25.18 20.69
CA GLY F 25 -7.74 26.13 21.53
C GLY F 25 -8.45 27.29 20.89
N HIS F 26 -9.31 27.95 21.67
CA HIS F 26 -10.06 29.05 21.12
C HIS F 26 -9.15 30.08 20.51
N ALA F 27 -8.08 30.44 21.22
CA ALA F 27 -7.13 31.45 20.74
C ALA F 27 -6.59 31.12 19.34
N ASP F 28 -6.38 29.83 19.13
CA ASP F 28 -5.86 29.35 17.86
C ASP F 28 -6.86 29.64 16.78
N TYR F 29 -8.12 29.27 17.03
CA TYR F 29 -9.17 29.59 16.06
C TYR F 29 -9.17 31.07 15.73
N VAL F 30 -9.13 31.92 16.75
CA VAL F 30 -9.13 33.34 16.47
C VAL F 30 -7.95 33.77 15.60
N LYS F 31 -6.74 33.42 16.01
CA LYS F 31 -5.57 33.79 15.23
C LYS F 31 -5.60 33.25 13.81
N ASN F 32 -5.95 31.98 13.68
CA ASN F 32 -6.04 31.28 12.41
C ASN F 32 -7.03 31.86 11.41
N MET F 33 -8.26 32.06 11.86
CA MET F 33 -9.29 32.60 11.00
C MET F 33 -8.94 33.98 10.54
N ILE F 34 -8.47 34.83 11.45
CA ILE F 34 -8.11 36.20 11.09
C ILE F 34 -6.91 36.28 10.17
N THR F 35 -5.79 35.70 10.57
CA THR F 35 -4.59 35.75 9.73
C THR F 35 -4.76 35.07 8.39
N GLY F 36 -5.87 34.33 8.24
CA GLY F 36 -6.13 33.64 6.99
C GLY F 36 -5.23 32.44 6.82
N ALA F 37 -4.52 32.09 7.89
CA ALA F 37 -3.60 30.95 7.86
C ALA F 37 -4.41 29.75 7.41
N ALA F 38 -5.51 29.52 8.12
CA ALA F 38 -6.43 28.44 7.82
C ALA F 38 -7.66 29.06 7.13
N GLN F 39 -7.67 29.06 5.81
CA GLN F 39 -8.80 29.60 5.05
C GLN F 39 -9.79 28.45 4.85
N MET F 40 -11.09 28.73 4.86
CA MET F 40 -12.12 27.69 4.72
C MET F 40 -13.21 27.96 3.69
N ASP F 41 -13.54 26.96 2.90
CA ASP F 41 -14.59 27.11 1.91
C ASP F 41 -15.91 26.76 2.58
N GLY F 42 -15.82 26.04 3.71
CA GLY F 42 -16.97 25.62 4.48
C GLY F 42 -16.44 25.18 5.83
N ALA F 43 -17.26 25.29 6.88
CA ALA F 43 -16.83 24.88 8.21
C ALA F 43 -17.80 23.86 8.83
N ILE F 44 -17.31 23.02 9.70
CA ILE F 44 -18.16 22.04 10.35
C ILE F 44 -18.25 22.50 11.80
N LEU F 45 -19.39 23.08 12.17
CA LEU F 45 -19.60 23.52 13.54
C LEU F 45 -19.99 22.32 14.36
N VAL F 46 -19.16 21.98 15.32
CA VAL F 46 -19.40 20.83 16.21
C VAL F 46 -20.01 21.36 17.49
N VAL F 47 -21.16 20.82 17.87
CA VAL F 47 -21.85 21.24 19.09
C VAL F 47 -22.23 20.00 19.89
N ALA F 48 -21.66 19.84 21.09
CA ALA F 48 -22.00 18.67 21.89
C ALA F 48 -23.48 18.77 22.29
N ALA F 49 -24.24 17.69 22.07
CA ALA F 49 -25.66 17.67 22.40
C ALA F 49 -25.86 17.78 23.90
N THR F 50 -24.89 17.27 24.67
CA THR F 50 -24.95 17.34 26.13
C THR F 50 -24.89 18.77 26.65
N ASP F 51 -23.94 19.57 26.17
CA ASP F 51 -23.83 20.95 26.66
C ASP F 51 -24.66 21.97 25.89
N GLY F 52 -24.97 21.70 24.63
CA GLY F 52 -25.71 22.70 23.88
C GLY F 52 -24.76 23.82 23.49
N PRO F 53 -25.22 24.86 22.79
CA PRO F 53 -24.29 25.93 22.41
C PRO F 53 -23.53 26.45 23.62
N MET F 54 -22.40 27.09 23.37
CA MET F 54 -21.60 27.64 24.44
C MET F 54 -21.01 28.91 23.92
N PRO F 55 -20.29 29.65 24.76
CA PRO F 55 -19.72 30.90 24.27
C PRO F 55 -18.92 30.80 22.96
N GLN F 56 -17.89 29.93 22.97
CA GLN F 56 -17.05 29.79 21.79
C GLN F 56 -17.88 29.38 20.57
N THR F 57 -18.95 28.60 20.79
CA THR F 57 -19.81 28.22 19.69
C THR F 57 -20.30 29.49 19.00
N ARG F 58 -20.77 30.42 19.80
CA ARG F 58 -21.28 31.67 19.28
C ARG F 58 -20.14 32.45 18.65
N GLU F 59 -19.04 32.59 19.39
CA GLU F 59 -17.91 33.35 18.88
C GLU F 59 -17.36 32.84 17.55
N HIS F 60 -17.25 31.51 17.40
CA HIS F 60 -16.73 30.96 16.16
C HIS F 60 -17.63 31.32 14.99
N ILE F 61 -18.95 31.16 15.16
CA ILE F 61 -19.92 31.52 14.10
C ILE F 61 -19.78 32.98 13.69
N LEU F 62 -19.69 33.83 14.71
CA LEU F 62 -19.51 35.25 14.51
C LEU F 62 -18.24 35.51 13.68
N LEU F 63 -17.17 34.88 14.14
CA LEU F 63 -15.89 34.96 13.48
C LEU F 63 -16.00 34.53 12.01
N GLY F 64 -16.74 33.44 11.79
CA GLY F 64 -16.94 32.95 10.45
C GLY F 64 -17.59 33.99 9.56
N ARG F 65 -18.65 34.63 10.06
CA ARG F 65 -19.31 35.66 9.29
C ARG F 65 -18.27 36.70 8.96
N GLN F 66 -17.56 37.14 9.99
CA GLN F 66 -16.55 38.16 9.82
C GLN F 66 -15.48 37.87 8.78
N VAL F 67 -14.77 36.76 8.92
CA VAL F 67 -13.69 36.44 7.99
C VAL F 67 -14.10 35.89 6.65
N GLY F 68 -15.39 35.65 6.47
CA GLY F 68 -15.86 35.16 5.19
C GLY F 68 -16.08 33.68 4.96
N VAL F 69 -16.37 32.90 5.99
CA VAL F 69 -16.63 31.51 5.73
C VAL F 69 -18.06 31.48 5.23
N PRO F 70 -18.26 31.12 3.96
CA PRO F 70 -19.58 31.05 3.32
C PRO F 70 -20.60 30.01 3.78
N TYR F 71 -20.16 28.82 4.20
CA TYR F 71 -21.12 27.80 4.60
C TYR F 71 -20.78 27.15 5.87
N ILE F 72 -21.81 26.69 6.57
CA ILE F 72 -21.56 25.97 7.81
C ILE F 72 -22.49 24.80 7.92
N ILE F 73 -21.94 23.63 8.20
CA ILE F 73 -22.72 22.42 8.35
C ILE F 73 -22.63 22.11 9.82
N VAL F 74 -23.65 21.51 10.40
CA VAL F 74 -23.56 21.26 11.83
C VAL F 74 -23.56 19.81 12.19
N PHE F 75 -22.77 19.47 13.20
CA PHE F 75 -22.70 18.10 13.62
C PHE F 75 -22.96 18.07 15.12
N LEU F 76 -24.14 17.57 15.51
CA LEU F 76 -24.52 17.43 16.90
C LEU F 76 -23.79 16.24 17.40
N ASN F 77 -22.81 16.47 18.26
CA ASN F 77 -22.01 15.37 18.76
C ASN F 77 -22.39 14.82 20.13
N LYS F 78 -21.79 13.68 20.48
CA LYS F 78 -22.08 13.05 21.74
C LYS F 78 -23.56 12.65 21.91
N CYS F 79 -24.24 12.29 20.81
CA CYS F 79 -25.65 11.87 20.87
C CYS F 79 -25.72 10.47 21.47
N ASP F 80 -24.57 9.85 21.63
CA ASP F 80 -24.54 8.53 22.21
C ASP F 80 -24.72 8.70 23.73
N MET F 81 -24.94 9.93 24.18
CA MET F 81 -25.15 10.19 25.60
C MET F 81 -26.61 10.53 25.81
N VAL F 82 -27.19 11.23 24.84
CA VAL F 82 -28.59 11.57 24.95
C VAL F 82 -29.44 10.40 24.39
N ASP F 83 -30.68 10.34 24.85
CA ASP F 83 -31.64 9.31 24.43
C ASP F 83 -33.05 9.90 24.51
N ASP F 84 -33.16 11.22 24.37
CA ASP F 84 -34.45 11.88 24.45
C ASP F 84 -34.64 12.70 23.21
N GLU F 85 -35.27 12.08 22.21
CA GLU F 85 -35.49 12.75 20.94
C GLU F 85 -35.97 14.15 21.15
N GLU F 86 -36.61 14.38 22.30
CA GLU F 86 -37.11 15.70 22.58
C GLU F 86 -35.94 16.62 22.93
N LEU F 87 -35.04 16.14 23.79
CA LEU F 87 -33.86 16.92 24.19
C LEU F 87 -33.08 17.41 22.97
N LEU F 88 -32.82 16.50 22.04
CA LEU F 88 -32.10 16.83 20.81
C LEU F 88 -32.83 17.84 19.93
N GLU F 89 -34.14 17.62 19.77
CA GLU F 89 -34.98 18.49 18.99
C GLU F 89 -34.80 19.93 19.49
N LEU F 90 -34.57 20.04 20.80
CA LEU F 90 -34.38 21.33 21.46
C LEU F 90 -33.10 22.05 21.03
N VAL F 91 -31.97 21.41 21.31
CA VAL F 91 -30.64 21.91 20.94
C VAL F 91 -30.62 22.42 19.48
N GLU F 92 -31.17 21.63 18.56
CA GLU F 92 -31.20 22.02 17.16
C GLU F 92 -31.79 23.40 16.93
N MET F 93 -32.95 23.63 17.54
CA MET F 93 -33.66 24.89 17.40
C MET F 93 -32.75 26.02 17.86
N GLU F 94 -32.12 25.79 19.01
CA GLU F 94 -31.19 26.74 19.62
C GLU F 94 -30.14 27.12 18.58
N VAL F 95 -29.46 26.08 18.10
CA VAL F 95 -28.43 26.20 17.10
C VAL F 95 -28.91 26.87 15.77
N ARG F 96 -30.08 26.53 15.25
CA ARG F 96 -30.50 27.16 13.99
C ARG F 96 -30.74 28.65 14.17
N GLU F 97 -31.22 28.99 15.37
CA GLU F 97 -31.52 30.38 15.70
C GLU F 97 -30.21 31.14 15.71
N LEU F 98 -29.28 30.56 16.47
CA LEU F 98 -27.94 31.08 16.65
C LEU F 98 -27.27 31.37 15.31
N LEU F 99 -27.46 30.47 14.35
CA LEU F 99 -26.86 30.67 13.04
C LEU F 99 -27.54 31.84 12.34
N SER F 100 -28.87 31.85 12.44
CA SER F 100 -29.71 32.86 11.81
C SER F 100 -29.33 34.24 12.31
N GLN F 101 -29.01 34.30 13.59
CA GLN F 101 -28.58 35.55 14.20
C GLN F 101 -27.41 36.20 13.50
N TYR F 102 -26.52 35.40 12.90
CA TYR F 102 -25.42 36.00 12.20
C TYR F 102 -25.49 35.86 10.70
N ASP F 103 -26.73 35.83 10.19
CA ASP F 103 -27.00 35.76 8.75
C ASP F 103 -26.73 34.44 8.03
N PHE F 104 -26.62 33.35 8.78
CA PHE F 104 -26.42 32.07 8.13
C PHE F 104 -27.81 31.49 8.07
N PRO F 105 -28.17 30.83 6.96
CA PRO F 105 -29.49 30.23 6.79
C PRO F 105 -29.81 29.15 7.80
N GLY F 106 -30.04 29.53 9.07
CA GLY F 106 -30.32 28.56 10.11
C GLY F 106 -31.37 27.52 9.82
N ASP F 107 -32.25 27.79 8.86
CA ASP F 107 -33.30 26.82 8.55
C ASP F 107 -32.84 25.76 7.56
N ASP F 108 -32.18 26.18 6.50
CA ASP F 108 -31.67 25.24 5.50
C ASP F 108 -30.35 24.58 5.88
N THR F 109 -29.79 24.95 7.04
CA THR F 109 -28.50 24.40 7.45
C THR F 109 -28.62 22.93 7.82
N PRO F 110 -27.77 22.07 7.22
CA PRO F 110 -27.82 20.64 7.53
C PRO F 110 -27.33 20.37 8.94
N ILE F 111 -27.99 19.48 9.66
CA ILE F 111 -27.51 19.16 11.00
C ILE F 111 -27.49 17.65 11.15
N VAL F 112 -26.32 17.10 11.38
CA VAL F 112 -26.23 15.67 11.54
C VAL F 112 -26.16 15.35 13.02
N ARG F 113 -26.86 14.28 13.43
CA ARG F 113 -26.82 13.86 14.82
C ARG F 113 -25.93 12.63 14.86
N GLY F 114 -24.81 12.71 15.56
CA GLY F 114 -23.94 11.55 15.59
C GLY F 114 -23.10 11.42 16.83
N SER F 115 -22.10 10.56 16.73
CA SER F 115 -21.22 10.35 17.85
C SER F 115 -19.84 10.08 17.25
N ALA F 116 -18.96 11.06 17.38
CA ALA F 116 -17.62 10.94 16.85
C ALA F 116 -16.89 9.82 17.57
N LEU F 117 -17.21 9.64 18.84
CA LEU F 117 -16.53 8.63 19.63
C LEU F 117 -16.89 7.22 19.18
N LYS F 118 -18.17 6.89 19.23
CA LYS F 118 -18.62 5.57 18.79
C LYS F 118 -18.18 5.24 17.34
N ALA F 119 -18.38 6.20 16.44
CA ALA F 119 -17.99 6.01 15.06
C ALA F 119 -16.52 5.59 14.98
N LEU F 120 -15.69 6.24 15.79
CA LEU F 120 -14.28 5.96 15.81
C LEU F 120 -14.02 4.57 16.37
N GLU F 121 -14.88 4.12 17.26
CA GLU F 121 -14.72 2.80 17.86
C GLU F 121 -15.14 1.68 16.90
N GLY F 122 -15.85 2.02 15.83
CA GLY F 122 -16.21 0.99 14.88
C GLY F 122 -17.69 0.69 14.79
N ASP F 123 -18.47 1.12 15.77
CA ASP F 123 -19.91 0.89 15.75
C ASP F 123 -20.48 1.45 14.43
N ALA F 124 -20.84 0.58 13.50
CA ALA F 124 -21.34 0.98 12.18
C ALA F 124 -22.65 1.79 12.13
N GLU F 125 -23.46 1.67 13.17
CA GLU F 125 -24.70 2.42 13.21
C GLU F 125 -24.36 3.91 13.27
N TRP F 126 -23.23 4.20 13.92
CA TRP F 126 -22.72 5.56 14.12
C TRP F 126 -21.81 6.01 12.99
N GLU F 127 -21.08 5.07 12.39
CA GLU F 127 -20.22 5.36 11.26
C GLU F 127 -21.10 5.92 10.15
N ALA F 128 -22.35 5.45 10.14
CA ALA F 128 -23.32 5.87 9.15
C ALA F 128 -23.48 7.40 9.16
N LYS F 129 -23.57 7.97 10.35
CA LYS F 129 -23.73 9.41 10.48
C LYS F 129 -22.52 10.17 9.92
N ILE F 130 -21.33 9.60 10.06
CA ILE F 130 -20.12 10.21 9.50
C ILE F 130 -20.29 10.27 7.97
N LEU F 131 -20.77 9.18 7.37
CA LEU F 131 -20.98 9.20 5.92
C LEU F 131 -22.05 10.21 5.53
N GLU F 132 -23.03 10.41 6.40
CA GLU F 132 -24.09 11.35 6.10
C GLU F 132 -23.49 12.76 6.07
N LEU F 133 -22.61 13.02 7.01
CA LEU F 133 -21.92 14.31 7.08
C LEU F 133 -21.11 14.56 5.79
N ALA F 134 -20.37 13.53 5.38
CA ALA F 134 -19.55 13.61 4.18
C ALA F 134 -20.41 13.91 2.98
N GLY F 135 -21.62 13.34 2.99
CA GLY F 135 -22.55 13.59 1.91
C GLY F 135 -22.86 15.07 1.86
N PHE F 136 -23.03 15.69 3.02
CA PHE F 136 -23.33 17.11 3.06
C PHE F 136 -22.14 17.95 2.64
N LEU F 137 -20.94 17.50 2.97
CA LEU F 137 -19.74 18.26 2.57
C LEU F 137 -19.77 18.31 1.05
N ASP F 138 -20.07 17.16 0.46
CA ASP F 138 -20.11 17.03 -1.02
C ASP F 138 -21.23 17.80 -1.70
N SER F 139 -22.42 17.82 -1.10
CA SER F 139 -23.57 18.49 -1.70
C SER F 139 -23.80 19.91 -1.30
N TYR F 140 -23.67 20.20 -0.01
CA TYR F 140 -23.93 21.52 0.52
C TYR F 140 -22.90 22.58 0.19
N ILE F 141 -21.62 22.27 0.31
CA ILE F 141 -20.59 23.24 -0.02
C ILE F 141 -20.36 23.20 -1.52
N PRO F 142 -20.67 24.30 -2.21
CA PRO F 142 -20.45 24.27 -3.65
C PRO F 142 -18.96 24.31 -3.93
N GLU F 143 -18.60 23.73 -5.07
CA GLU F 143 -17.23 23.68 -5.53
C GLU F 143 -16.69 25.11 -5.55
N PRO F 144 -15.55 25.38 -4.87
CA PRO F 144 -14.98 26.74 -4.84
C PRO F 144 -14.34 27.18 -6.16
N GLU F 145 -14.19 28.50 -6.37
CA GLU F 145 -13.62 29.08 -7.62
C GLU F 145 -12.09 29.17 -7.57
N ARG F 146 -11.46 28.69 -8.66
CA ARG F 146 -10.01 28.66 -8.78
C ARG F 146 -9.35 30.02 -8.95
N ALA F 147 -8.10 30.15 -8.51
CA ALA F 147 -7.35 31.40 -8.61
C ALA F 147 -7.29 31.97 -10.02
N ILE F 148 -6.94 31.11 -10.97
CA ILE F 148 -6.83 31.50 -12.37
C ILE F 148 -8.12 31.96 -13.01
N ASP F 149 -9.25 31.54 -12.46
CA ASP F 149 -10.53 31.92 -13.05
C ASP F 149 -10.99 33.27 -12.51
N LYS F 150 -10.29 33.78 -11.50
CA LYS F 150 -10.64 35.08 -10.91
C LYS F 150 -10.03 36.19 -11.76
N PRO F 151 -10.52 37.43 -11.60
CA PRO F 151 -10.00 38.57 -12.37
C PRO F 151 -8.53 38.86 -12.03
N PHE F 152 -7.78 39.37 -13.03
CA PHE F 152 -6.36 39.68 -12.91
C PHE F 152 -6.00 40.69 -11.81
N LEU F 153 -5.00 40.35 -11.01
CA LEU F 153 -4.52 41.20 -9.94
C LEU F 153 -3.04 40.92 -9.78
N LEU F 154 -2.21 41.96 -9.82
CA LEU F 154 -0.77 41.78 -9.67
C LEU F 154 -0.15 42.84 -8.77
N PRO F 155 0.32 42.46 -7.57
CA PRO F 155 0.93 43.44 -6.68
C PRO F 155 2.32 43.77 -7.22
N ILE F 156 2.56 45.04 -7.53
CA ILE F 156 3.83 45.52 -8.06
C ILE F 156 4.92 45.41 -7.03
N GLU F 157 5.95 44.64 -7.32
CA GLU F 157 7.04 44.52 -6.36
C GLU F 157 8.23 45.39 -6.71
N ASP F 158 8.38 45.74 -7.98
CA ASP F 158 9.50 46.59 -8.39
C ASP F 158 9.19 47.15 -9.76
N VAL F 159 9.96 48.17 -10.16
CA VAL F 159 9.76 48.80 -11.46
C VAL F 159 11.10 49.01 -12.14
N PHE F 160 11.09 48.84 -13.46
CA PHE F 160 12.28 49.02 -14.27
C PHE F 160 11.91 49.69 -15.58
N SER F 161 12.90 50.33 -16.19
CA SER F 161 12.69 50.97 -17.49
C SER F 161 13.78 50.38 -18.35
N ILE F 162 13.39 49.54 -19.30
CA ILE F 162 14.40 48.97 -20.18
C ILE F 162 14.41 49.75 -21.47
N SER F 163 15.62 50.07 -21.94
CA SER F 163 15.82 50.92 -23.11
C SER F 163 14.99 50.74 -24.38
N GLY F 164 14.36 51.85 -24.74
CA GLY F 164 13.52 51.92 -25.92
C GLY F 164 12.24 51.12 -25.95
N ARG F 165 12.06 50.22 -24.99
CA ARG F 165 10.86 49.38 -24.92
C ARG F 165 9.78 49.92 -23.98
N GLY F 166 10.22 50.53 -22.88
CA GLY F 166 9.28 51.06 -21.93
C GLY F 166 9.52 50.68 -20.49
N THR F 167 8.43 50.73 -19.75
CA THR F 167 8.43 50.44 -18.32
C THR F 167 7.97 49.01 -18.02
N VAL F 168 8.73 48.32 -17.16
CA VAL F 168 8.45 46.95 -16.75
C VAL F 168 8.14 46.87 -15.25
N VAL F 169 6.94 46.38 -14.88
CA VAL F 169 6.61 46.22 -13.46
C VAL F 169 6.72 44.72 -13.16
N THR F 170 7.30 44.39 -12.02
CA THR F 170 7.47 42.99 -11.68
C THR F 170 6.65 42.56 -10.47
N GLY F 171 6.47 41.26 -10.36
CA GLY F 171 5.71 40.71 -9.25
C GLY F 171 5.10 39.36 -9.59
N ARG F 172 4.47 38.76 -8.60
CA ARG F 172 3.82 37.46 -8.77
C ARG F 172 2.36 37.73 -9.02
N VAL F 173 1.82 37.18 -10.11
CA VAL F 173 0.42 37.37 -10.41
C VAL F 173 -0.33 36.68 -9.28
N GLU F 174 -1.14 37.44 -8.54
CA GLU F 174 -1.88 36.88 -7.42
C GLU F 174 -3.04 36.03 -7.92
N ARG F 175 -3.70 36.51 -8.96
CA ARG F 175 -4.83 35.78 -9.52
C ARG F 175 -5.19 36.23 -10.93
N GLY F 176 -5.85 35.34 -11.66
CA GLY F 176 -6.26 35.66 -13.02
C GLY F 176 -5.17 35.43 -14.04
N ILE F 177 -5.36 36.05 -15.20
CA ILE F 177 -4.43 35.95 -16.31
C ILE F 177 -4.30 37.28 -17.03
N ILE F 178 -3.09 37.58 -17.48
CA ILE F 178 -2.84 38.81 -18.22
C ILE F 178 -2.22 38.42 -19.57
N LYS F 179 -2.84 38.87 -20.65
CA LYS F 179 -2.35 38.59 -22.00
C LYS F 179 -1.87 39.87 -22.70
N VAL F 180 -0.80 39.75 -23.47
CA VAL F 180 -0.26 40.90 -24.18
C VAL F 180 -1.38 41.56 -24.97
N GLY F 181 -1.48 42.88 -24.87
CA GLY F 181 -2.52 43.58 -25.58
C GLY F 181 -3.67 44.01 -24.70
N GLU F 182 -3.92 43.27 -23.63
CA GLU F 182 -5.01 43.57 -22.70
C GLU F 182 -4.78 44.91 -21.99
N GLU F 183 -5.87 45.59 -21.66
CA GLU F 183 -5.79 46.86 -20.94
C GLU F 183 -5.84 46.58 -19.45
N VAL F 184 -5.06 47.33 -18.69
CA VAL F 184 -4.99 47.15 -17.25
C VAL F 184 -5.12 48.46 -16.53
N GLU F 185 -5.42 48.40 -15.24
CA GLU F 185 -5.51 49.60 -14.43
C GLU F 185 -4.44 49.51 -13.35
N ILE F 186 -3.92 50.67 -12.95
CA ILE F 186 -2.93 50.79 -11.91
C ILE F 186 -3.74 51.43 -10.79
N VAL F 187 -4.08 50.69 -9.75
CA VAL F 187 -4.87 51.29 -8.69
C VAL F 187 -4.19 51.36 -7.31
N GLY F 188 -4.54 52.41 -6.57
CA GLY F 188 -4.01 52.64 -5.24
C GLY F 188 -3.07 53.84 -5.14
N ILE F 189 -3.00 54.41 -3.93
CA ILE F 189 -2.15 55.57 -3.64
C ILE F 189 -2.59 56.80 -4.42
N LYS F 190 -2.17 56.87 -5.68
CA LYS F 190 -2.54 58.00 -6.56
C LYS F 190 -3.94 57.80 -7.14
N GLU F 191 -4.19 58.38 -8.30
CA GLU F 191 -5.45 58.30 -8.99
C GLU F 191 -5.36 57.14 -9.95
N THR F 192 -6.43 56.35 -10.05
CA THR F 192 -6.45 55.20 -10.95
C THR F 192 -6.00 55.62 -12.36
N GLN F 193 -4.95 54.98 -12.86
CA GLN F 193 -4.42 55.28 -14.19
C GLN F 193 -4.71 54.04 -15.06
N LYS F 194 -4.92 54.23 -16.36
CA LYS F 194 -5.16 53.09 -17.25
C LYS F 194 -3.98 52.92 -18.19
N SER F 195 -3.77 51.71 -18.71
CA SER F 195 -2.66 51.48 -19.63
C SER F 195 -2.91 50.19 -20.39
N THR F 196 -1.95 49.83 -21.24
CA THR F 196 -2.09 48.62 -22.04
C THR F 196 -0.86 47.76 -21.87
N CYS F 197 -1.10 46.45 -21.75
CA CYS F 197 0.00 45.52 -21.60
C CYS F 197 0.59 45.34 -22.99
N THR F 198 1.83 45.73 -23.15
CA THR F 198 2.46 45.58 -24.44
C THR F 198 3.43 44.42 -24.41
N GLY F 199 3.38 43.62 -23.34
CA GLY F 199 4.26 42.49 -23.23
C GLY F 199 4.39 41.85 -21.86
N VAL F 200 4.84 40.60 -21.85
CA VAL F 200 5.03 39.85 -20.63
C VAL F 200 6.33 39.12 -20.82
N GLU F 201 7.31 39.38 -19.96
CA GLU F 201 8.59 38.69 -20.09
C GLU F 201 8.92 37.98 -18.79
N MET F 202 9.81 37.00 -18.88
CA MET F 202 10.23 36.23 -17.71
C MET F 202 11.65 35.70 -17.98
N PHE F 203 12.66 36.41 -17.50
CA PHE F 203 14.07 36.01 -17.71
C PHE F 203 14.34 36.01 -19.21
N ARG F 204 14.08 37.16 -19.81
CA ARG F 204 14.22 37.42 -21.24
C ARG F 204 13.22 36.63 -22.13
N LYS F 205 12.87 35.40 -21.77
CA LYS F 205 11.91 34.65 -22.57
C LYS F 205 10.59 35.42 -22.60
N LEU F 206 10.21 35.92 -23.77
CA LEU F 206 8.97 36.66 -23.86
C LEU F 206 7.81 35.68 -23.81
N LEU F 207 6.76 36.10 -23.13
CA LEU F 207 5.60 35.26 -23.01
C LEU F 207 4.40 35.97 -23.62
N ASP F 208 3.36 35.20 -23.86
CA ASP F 208 2.10 35.66 -24.44
C ASP F 208 1.16 36.12 -23.33
N GLU F 209 1.21 35.39 -22.22
CA GLU F 209 0.40 35.73 -21.07
C GLU F 209 1.07 35.37 -19.74
N GLY F 210 0.58 36.02 -18.69
CA GLY F 210 1.08 35.79 -17.35
C GLY F 210 -0.06 35.14 -16.60
N ARG F 211 0.24 34.05 -15.91
CA ARG F 211 -0.78 33.30 -15.17
C ARG F 211 -0.62 33.36 -13.65
N ALA F 212 -1.75 33.29 -12.95
CA ALA F 212 -1.75 33.31 -11.50
C ALA F 212 -0.66 32.38 -10.98
N GLY F 213 0.17 32.88 -10.07
CA GLY F 213 1.22 32.05 -9.49
C GLY F 213 2.61 32.27 -10.07
N GLU F 214 2.64 32.81 -11.28
CA GLU F 214 3.90 33.07 -11.96
C GLU F 214 4.49 34.45 -11.63
N ASN F 215 5.82 34.45 -11.46
CA ASN F 215 6.60 35.68 -11.17
C ASN F 215 6.95 36.21 -12.54
N VAL F 216 6.22 37.22 -12.99
CA VAL F 216 6.49 37.78 -14.31
C VAL F 216 6.81 39.27 -14.30
N GLY F 217 7.08 39.81 -15.48
CA GLY F 217 7.37 41.21 -15.65
C GLY F 217 6.39 41.68 -16.69
N VAL F 218 5.64 42.73 -16.38
CA VAL F 218 4.67 43.22 -17.33
C VAL F 218 5.13 44.54 -17.94
N LEU F 219 5.09 44.62 -19.26
CA LEU F 219 5.50 45.81 -19.97
C LEU F 219 4.29 46.73 -20.21
N LEU F 220 4.43 48.00 -19.86
CA LEU F 220 3.33 48.95 -20.02
C LEU F 220 3.59 50.04 -21.06
N ARG F 221 2.54 50.36 -21.81
CA ARG F 221 2.60 51.37 -22.84
C ARG F 221 2.60 52.76 -22.24
N GLY F 222 3.65 53.52 -22.55
CA GLY F 222 3.79 54.89 -22.09
C GLY F 222 3.34 55.24 -20.67
N ILE F 223 4.17 54.89 -19.68
CA ILE F 223 3.91 55.17 -18.27
C ILE F 223 5.31 55.23 -17.65
N LYS F 224 5.70 56.42 -17.21
CA LYS F 224 7.02 56.63 -16.66
C LYS F 224 7.32 55.82 -15.42
N ARG F 225 8.50 55.21 -15.43
CA ARG F 225 8.96 54.40 -14.31
C ARG F 225 8.77 55.14 -12.99
N GLU F 226 8.54 56.45 -13.08
CA GLU F 226 8.36 57.31 -11.90
C GLU F 226 6.90 57.48 -11.49
N GLU F 227 5.97 57.14 -12.38
CA GLU F 227 4.55 57.31 -12.06
C GLU F 227 4.00 56.15 -11.23
N ILE F 228 4.85 55.16 -11.01
CA ILE F 228 4.51 53.96 -10.24
C ILE F 228 4.90 54.13 -8.77
N GLU F 229 3.90 54.14 -7.89
CA GLU F 229 4.15 54.27 -6.46
C GLU F 229 4.07 52.91 -5.75
N ARG F 230 4.91 52.71 -4.75
CA ARG F 230 4.92 51.47 -4.00
C ARG F 230 3.52 51.28 -3.39
N GLY F 231 2.99 50.06 -3.45
CA GLY F 231 1.67 49.81 -2.88
C GLY F 231 0.58 49.74 -3.90
N GLN F 232 0.90 50.09 -5.15
CA GLN F 232 -0.09 50.04 -6.20
C GLN F 232 -0.17 48.64 -6.76
N VAL F 233 -1.27 48.31 -7.41
CA VAL F 233 -1.42 46.99 -8.01
C VAL F 233 -1.92 47.11 -9.44
N LEU F 234 -1.64 46.08 -10.24
CA LEU F 234 -2.08 46.03 -11.63
C LEU F 234 -3.34 45.18 -11.58
N ALA F 235 -4.41 45.60 -12.25
CA ALA F 235 -5.64 44.82 -12.21
C ALA F 235 -6.54 44.94 -13.43
N LYS F 236 -7.34 43.92 -13.70
CA LYS F 236 -8.26 43.99 -14.82
C LYS F 236 -9.12 45.20 -14.50
N PRO F 237 -9.26 46.10 -15.45
CA PRO F 237 -10.05 47.31 -15.24
C PRO F 237 -11.41 47.11 -14.56
N GLY F 238 -11.70 48.00 -13.61
CA GLY F 238 -12.96 47.96 -12.90
C GLY F 238 -13.24 46.74 -12.05
N THR F 239 -12.21 45.97 -11.72
CA THR F 239 -12.43 44.77 -10.92
C THR F 239 -12.13 44.99 -9.44
N ILE F 240 -11.30 45.98 -9.13
CA ILE F 240 -10.97 46.28 -7.75
C ILE F 240 -10.89 47.80 -7.63
N LYS F 241 -11.68 48.37 -6.72
CA LYS F 241 -11.70 49.81 -6.53
C LYS F 241 -10.96 50.23 -5.25
N PRO F 242 -10.29 51.39 -5.28
CA PRO F 242 -9.54 51.91 -4.12
C PRO F 242 -10.47 52.40 -3.01
N HIS F 243 -10.09 52.14 -1.75
CA HIS F 243 -10.90 52.58 -0.61
C HIS F 243 -10.01 53.09 0.48
N THR F 244 -10.62 53.71 1.48
CA THR F 244 -9.87 54.25 2.60
C THR F 244 -10.49 53.95 3.96
N LYS F 245 -11.80 53.68 3.98
CA LYS F 245 -12.46 53.35 5.23
C LYS F 245 -13.06 51.94 5.15
N PHE F 246 -12.69 51.09 6.12
CA PHE F 246 -13.17 49.72 6.17
C PHE F 246 -13.33 49.24 7.60
N GLU F 247 -14.15 48.22 7.75
CA GLU F 247 -14.42 47.64 9.03
C GLU F 247 -13.52 46.40 9.01
N SER F 248 -13.03 45.97 10.16
CA SER F 248 -12.15 44.80 10.19
C SER F 248 -12.08 44.13 11.54
N GLU F 249 -11.58 42.90 11.52
CA GLU F 249 -11.39 42.13 12.74
C GLU F 249 -9.88 42.04 12.88
N VAL F 250 -9.33 42.32 14.06
CA VAL F 250 -7.89 42.25 14.21
C VAL F 250 -7.47 41.53 15.45
N TYR F 251 -6.26 40.98 15.38
CA TYR F 251 -5.66 40.27 16.51
C TYR F 251 -4.42 41.08 16.84
N ILE F 252 -4.26 41.39 18.13
CA ILE F 252 -3.12 42.15 18.57
C ILE F 252 -2.16 41.18 19.24
N LEU F 253 -0.96 41.04 18.68
CA LEU F 253 0.02 40.12 19.26
C LEU F 253 0.25 40.37 20.72
N SER F 254 0.52 39.29 21.44
CA SER F 254 0.78 39.37 22.86
C SER F 254 2.23 39.79 22.98
N LYS F 255 2.68 40.09 24.19
CA LYS F 255 4.05 40.52 24.40
C LYS F 255 5.01 39.44 23.91
N ASP F 256 4.73 38.20 24.33
CA ASP F 256 5.51 37.02 23.99
C ASP F 256 5.64 36.81 22.50
N GLU F 257 4.58 37.10 21.75
CA GLU F 257 4.63 36.92 20.30
C GLU F 257 5.45 38.03 19.67
N GLY F 258 5.96 38.91 20.53
CA GLY F 258 6.78 39.99 20.04
C GLY F 258 6.03 41.24 19.69
N GLY F 259 4.86 41.43 20.31
CA GLY F 259 4.06 42.61 20.07
C GLY F 259 4.30 43.65 21.14
N ARG F 260 3.33 44.56 21.30
CA ARG F 260 3.40 45.64 22.27
C ARG F 260 3.45 45.11 23.70
N HIS F 261 3.97 45.93 24.62
CA HIS F 261 4.04 45.55 26.02
C HIS F 261 2.89 46.19 26.74
N THR F 262 2.48 47.33 26.20
CA THR F 262 1.41 48.11 26.79
C THR F 262 0.23 48.22 25.87
N PRO F 263 -0.98 48.36 26.45
CA PRO F 263 -2.18 48.49 25.63
C PRO F 263 -2.12 49.81 24.89
N PHE F 264 -2.99 49.99 23.91
CA PHE F 264 -3.05 51.26 23.20
C PHE F 264 -4.46 51.79 23.41
N PHE F 265 -4.65 53.10 23.18
CA PHE F 265 -5.95 53.73 23.41
C PHE F 265 -6.51 54.40 22.18
N LYS F 266 -7.71 54.96 22.30
CA LYS F 266 -8.30 55.66 21.17
C LYS F 266 -7.25 56.64 20.65
N GLY F 267 -7.25 56.91 19.36
CA GLY F 267 -6.26 57.85 18.86
C GLY F 267 -4.92 57.25 18.47
N TYR F 268 -4.84 55.92 18.51
CA TYR F 268 -3.64 55.17 18.12
C TYR F 268 -3.63 55.33 16.61
N ARG F 269 -2.48 55.68 16.07
CA ARG F 269 -2.40 55.89 14.65
C ARG F 269 -1.20 55.10 14.14
N PRO F 270 -1.37 53.79 13.95
CA PRO F 270 -0.29 52.92 13.47
C PRO F 270 -0.24 52.81 11.94
N GLN F 271 0.61 51.94 11.44
CA GLN F 271 0.69 51.76 10.01
C GLN F 271 0.06 50.43 9.65
N PHE F 272 -0.63 50.40 8.52
CA PHE F 272 -1.27 49.19 8.04
C PHE F 272 -0.56 48.67 6.80
N TYR F 273 -0.01 47.46 6.91
CA TYR F 273 0.72 46.84 5.82
C TYR F 273 -0.22 46.10 4.89
N PHE F 274 -0.34 46.63 3.67
CA PHE F 274 -1.19 46.05 2.62
C PHE F 274 -0.34 45.60 1.43
N ARG F 275 -0.12 44.30 1.34
CA ARG F 275 0.69 43.69 0.28
C ARG F 275 2.14 44.18 0.24
N THR F 276 2.37 45.46 -0.07
CA THR F 276 3.74 45.95 -0.19
C THR F 276 4.18 47.17 0.61
N THR F 277 3.26 47.95 1.17
CA THR F 277 3.68 49.12 1.97
C THR F 277 2.85 49.34 3.19
N ASP F 278 3.32 50.27 4.00
CA ASP F 278 2.62 50.67 5.19
C ASP F 278 1.81 51.88 4.74
N VAL F 279 0.68 52.07 5.39
CA VAL F 279 -0.18 53.21 5.10
C VAL F 279 -0.76 53.58 6.44
N THR F 280 -0.52 54.81 6.88
CA THR F 280 -1.01 55.21 8.19
C THR F 280 -2.53 55.35 8.23
N GLY F 281 -3.11 55.10 9.39
CA GLY F 281 -4.54 55.20 9.50
C GLY F 281 -5.03 55.47 10.89
N THR F 282 -6.28 55.89 10.99
CA THR F 282 -6.85 56.21 12.28
C THR F 282 -7.75 55.07 12.69
N ILE F 283 -7.96 54.97 13.99
CA ILE F 283 -8.72 53.88 14.56
C ILE F 283 -9.96 54.23 15.39
N GLU F 284 -11.08 53.60 15.07
CA GLU F 284 -12.33 53.81 15.80
C GLU F 284 -12.66 52.51 16.49
N LEU F 285 -12.51 52.48 17.81
CA LEU F 285 -12.84 51.25 18.53
C LEU F 285 -14.33 51.18 18.71
N PRO F 286 -14.85 50.01 19.08
CA PRO F 286 -16.29 49.95 19.27
C PRO F 286 -16.68 50.71 20.54
N GLU F 287 -17.98 50.99 20.67
CA GLU F 287 -18.49 51.72 21.83
C GLU F 287 -18.20 50.97 23.12
N GLY F 288 -17.60 51.64 24.09
CA GLY F 288 -17.37 50.98 25.35
C GLY F 288 -15.93 50.60 25.60
N VAL F 289 -15.15 50.43 24.55
CA VAL F 289 -13.77 50.07 24.73
C VAL F 289 -12.88 51.30 24.61
N GLU F 290 -12.08 51.50 25.64
CA GLU F 290 -11.18 52.64 25.67
C GLU F 290 -9.74 52.28 25.43
N MET F 291 -9.40 51.02 25.69
CA MET F 291 -8.05 50.51 25.46
C MET F 291 -8.06 49.05 25.03
N VAL F 292 -7.12 48.70 24.14
CA VAL F 292 -6.98 47.35 23.61
C VAL F 292 -5.70 46.74 24.19
N MET F 293 -5.83 45.58 24.81
CA MET F 293 -4.73 44.85 25.42
C MET F 293 -3.93 43.97 24.44
N PRO F 294 -2.64 43.74 24.71
CA PRO F 294 -1.90 42.88 23.78
C PRO F 294 -2.52 41.50 23.94
N GLY F 295 -2.78 40.83 22.83
CA GLY F 295 -3.40 39.51 22.88
C GLY F 295 -4.92 39.48 22.66
N ASP F 296 -5.53 40.64 22.48
CA ASP F 296 -6.95 40.71 22.27
C ASP F 296 -7.24 40.76 20.79
N ASN F 297 -8.48 40.38 20.45
CA ASN F 297 -8.92 40.49 19.05
C ASN F 297 -10.13 41.44 19.19
N ILE F 298 -10.23 42.40 18.26
CA ILE F 298 -11.29 43.37 18.39
C ILE F 298 -11.79 43.83 17.02
N LYS F 299 -13.07 44.24 16.98
CA LYS F 299 -13.72 44.75 15.78
C LYS F 299 -13.14 46.16 15.72
N MET F 300 -12.79 46.65 14.53
CA MET F 300 -12.15 47.95 14.47
C MET F 300 -12.36 48.64 13.13
N VAL F 301 -12.83 49.89 13.16
CA VAL F 301 -13.04 50.64 11.91
C VAL F 301 -11.81 51.46 11.65
N VAL F 302 -11.27 51.34 10.44
CA VAL F 302 -10.03 52.03 10.10
C VAL F 302 -10.19 53.01 8.96
N THR F 303 -9.49 54.13 9.05
CA THR F 303 -9.53 55.11 7.98
C THR F 303 -8.10 55.37 7.55
N LEU F 304 -7.83 55.08 6.28
CA LEU F 304 -6.50 55.26 5.76
C LEU F 304 -6.25 56.66 5.23
N ILE F 305 -4.97 57.04 5.28
CA ILE F 305 -4.44 58.32 4.79
C ILE F 305 -4.52 58.33 3.26
N HIS F 306 -4.14 57.22 2.65
CA HIS F 306 -4.17 57.11 1.20
C HIS F 306 -5.06 55.96 0.86
N PRO F 307 -5.66 55.98 -0.35
CA PRO F 307 -6.53 54.87 -0.71
C PRO F 307 -5.72 53.66 -1.22
N ILE F 308 -6.21 52.47 -0.90
CA ILE F 308 -5.56 51.25 -1.36
C ILE F 308 -6.58 50.32 -2.01
N ALA F 309 -6.13 49.61 -3.05
CA ALA F 309 -7.00 48.70 -3.76
C ALA F 309 -7.38 47.55 -2.81
N MET F 310 -8.66 47.43 -2.50
CA MET F 310 -9.07 46.38 -1.59
C MET F 310 -10.51 45.89 -1.74
N ASP F 311 -10.76 44.65 -1.32
CA ASP F 311 -12.09 44.09 -1.31
C ASP F 311 -12.24 43.25 -0.03
N ASP F 312 -13.47 42.89 0.31
CA ASP F 312 -13.73 42.11 1.51
C ASP F 312 -12.78 40.94 1.59
N GLY F 313 -12.29 40.65 2.79
CA GLY F 313 -11.39 39.52 2.97
C GLY F 313 -9.89 39.72 2.85
N LEU F 314 -9.45 40.88 2.36
CA LEU F 314 -8.03 41.12 2.24
C LEU F 314 -7.38 41.14 3.65
N ARG F 315 -6.21 40.51 3.76
CA ARG F 315 -5.49 40.44 5.03
C ARG F 315 -4.45 41.55 5.10
N PHE F 316 -4.09 41.95 6.31
CA PHE F 316 -3.09 43.02 6.49
C PHE F 316 -2.41 42.91 7.84
N ALA F 317 -1.29 43.62 7.98
CA ALA F 317 -0.57 43.64 9.24
C ALA F 317 -0.60 45.03 9.81
N ILE F 318 -0.50 45.14 11.13
CA ILE F 318 -0.49 46.43 11.77
C ILE F 318 0.93 46.48 12.30
N ARG F 319 1.64 47.54 11.90
CA ARG F 319 3.05 47.72 12.26
C ARG F 319 3.32 49.03 12.96
N GLU F 320 4.26 48.98 13.90
CA GLU F 320 4.68 50.15 14.65
C GLU F 320 6.16 50.29 14.35
N GLY F 321 6.46 51.11 13.34
CA GLY F 321 7.85 51.31 12.97
C GLY F 321 8.51 49.98 12.65
N GLY F 322 8.12 49.40 11.52
CA GLY F 322 8.70 48.13 11.11
C GLY F 322 8.26 46.90 11.90
N ARG F 323 8.11 47.03 13.21
CA ARG F 323 7.69 45.88 14.02
C ARG F 323 6.21 45.59 13.85
N THR F 324 5.88 44.30 13.77
CA THR F 324 4.51 43.88 13.60
C THR F 324 3.85 43.73 14.95
N VAL F 325 2.73 44.43 15.13
CA VAL F 325 2.04 44.39 16.40
C VAL F 325 0.67 43.71 16.35
N GLY F 326 0.15 43.54 15.14
CA GLY F 326 -1.16 42.91 15.01
C GLY F 326 -1.47 42.48 13.59
N ALA F 327 -2.51 41.67 13.43
CA ALA F 327 -2.89 41.19 12.11
C ALA F 327 -4.39 41.31 12.01
N GLY F 328 -4.85 41.53 10.78
CA GLY F 328 -6.27 41.67 10.60
C GLY F 328 -6.74 41.33 9.20
N VAL F 329 -8.06 41.30 9.06
CA VAL F 329 -8.69 41.02 7.80
C VAL F 329 -9.79 42.08 7.59
N VAL F 330 -9.94 42.52 6.35
CA VAL F 330 -10.96 43.50 6.01
C VAL F 330 -12.32 42.82 6.02
N ALA F 331 -13.14 43.12 7.02
CA ALA F 331 -14.47 42.51 7.13
C ALA F 331 -15.45 43.05 6.07
N LYS F 332 -15.39 44.35 5.81
CA LYS F 332 -16.26 44.97 4.80
C LYS F 332 -15.75 46.38 4.54
N VAL F 333 -15.64 46.76 3.27
CA VAL F 333 -15.17 48.12 2.99
C VAL F 333 -16.35 49.10 3.16
N LEU F 334 -16.04 50.34 3.49
CA LEU F 334 -17.07 51.38 3.69
C LEU F 334 -16.93 52.57 2.73
N GLY F 335 -15.71 52.95 2.38
CA GLY F 335 -15.53 54.07 1.48
C GLY F 335 -14.15 54.02 0.86
N THR G 1 15.20 38.51 22.02
CA THR G 1 14.22 37.45 21.62
C THR G 1 14.80 36.05 21.60
N LYS G 2 13.98 35.11 22.10
CA LYS G 2 14.32 33.69 22.21
C LYS G 2 14.70 32.98 20.94
N PRO G 3 15.68 32.06 21.02
CA PRO G 3 16.07 31.33 19.82
C PRO G 3 14.88 30.46 19.45
N HIS G 4 14.77 30.17 18.16
CA HIS G 4 13.67 29.36 17.69
C HIS G 4 14.23 28.02 17.17
N VAL G 5 13.69 26.93 17.66
CA VAL G 5 14.15 25.60 17.26
C VAL G 5 12.99 24.74 16.75
N ASN G 6 13.21 24.03 15.64
CA ASN G 6 12.20 23.16 15.07
C ASN G 6 12.46 21.71 15.43
N VAL G 7 11.49 21.10 16.07
CA VAL G 7 11.64 19.71 16.43
C VAL G 7 10.40 18.94 16.01
N GLY G 8 10.39 17.64 16.29
CA GLY G 8 9.24 16.85 15.92
C GLY G 8 9.37 15.49 16.54
N THR G 9 8.27 14.74 16.58
CA THR G 9 8.31 13.39 17.14
C THR G 9 8.26 12.39 16.00
N ILE G 10 9.20 11.44 16.00
CA ILE G 10 9.23 10.38 14.97
C ILE G 10 9.15 9.07 15.71
N GLY G 11 9.00 7.99 14.98
CA GLY G 11 8.88 6.71 15.65
C GLY G 11 7.75 5.86 15.09
N HIS G 12 7.72 4.60 15.53
CA HIS G 12 6.73 3.63 15.06
C HIS G 12 5.32 4.01 15.47
N VAL G 13 4.35 3.59 14.67
CA VAL G 13 2.98 3.93 14.99
C VAL G 13 2.57 3.34 16.34
N ASP G 14 1.67 4.05 17.00
CA ASP G 14 1.16 3.70 18.32
C ASP G 14 2.14 3.62 19.49
N HIS G 15 3.37 4.08 19.29
CA HIS G 15 4.34 4.10 20.38
C HIS G 15 4.18 5.29 21.31
N GLY G 16 3.33 6.25 20.92
CA GLY G 16 3.07 7.40 21.78
C GLY G 16 3.49 8.79 21.34
N LYS G 17 3.90 8.94 20.09
CA LYS G 17 4.33 10.25 19.61
C LYS G 17 3.34 11.38 19.88
N THR G 18 2.07 11.16 19.60
CA THR G 18 1.07 12.21 19.81
C THR G 18 0.74 12.45 21.30
N THR G 19 0.74 11.37 22.09
CA THR G 19 0.44 11.54 23.51
C THR G 19 1.57 12.34 24.16
N LEU G 20 2.81 12.00 23.79
CA LEU G 20 3.98 12.70 24.32
C LEU G 20 3.90 14.17 23.89
N THR G 21 3.48 14.43 22.67
CA THR G 21 3.39 15.80 22.19
C THR G 21 2.43 16.56 23.12
N ALA G 22 1.29 15.98 23.44
CA ALA G 22 0.34 16.64 24.33
C ALA G 22 0.97 16.91 25.70
N ALA G 23 1.62 15.89 26.22
CA ALA G 23 2.28 15.97 27.52
C ALA G 23 3.30 17.10 27.58
N ILE G 24 4.15 17.21 26.56
CA ILE G 24 5.15 18.26 26.57
C ILE G 24 4.45 19.61 26.70
N THR G 25 3.50 19.87 25.82
CA THR G 25 2.79 21.15 25.83
C THR G 25 2.14 21.47 27.17
N THR G 26 1.49 20.47 27.76
CA THR G 26 0.82 20.61 29.05
C THR G 26 1.81 20.88 30.19
N VAL G 27 2.68 19.91 30.45
CA VAL G 27 3.65 20.04 31.51
C VAL G 27 4.49 21.31 31.43
N LEU G 28 4.86 21.72 30.22
CA LEU G 28 5.66 22.93 30.10
C LEU G 28 4.89 24.18 30.50
N ALA G 29 3.65 24.33 30.01
CA ALA G 29 2.82 25.50 30.35
C ALA G 29 2.57 25.54 31.85
N LYS G 30 2.18 24.38 32.36
CA LYS G 30 1.89 24.17 33.77
C LYS G 30 3.08 24.58 34.62
N THR G 31 4.28 24.28 34.13
CA THR G 31 5.47 24.59 34.89
C THR G 31 6.17 25.91 34.65
N TYR G 32 6.11 26.45 33.43
CA TYR G 32 6.80 27.71 33.14
C TYR G 32 5.94 28.89 32.66
N GLY G 33 4.62 28.80 32.68
CA GLY G 33 3.80 29.92 32.23
C GLY G 33 2.30 29.69 32.33
N GLY H 1 -1.86 17.50 -5.64
CA GLY H 1 -0.55 17.68 -5.06
C GLY H 1 -0.26 16.64 -4.01
N ILE H 2 0.87 16.78 -3.33
CA ILE H 2 1.27 15.84 -2.30
C ILE H 2 0.23 15.92 -1.20
N THR H 3 -0.21 14.79 -0.68
CA THR H 3 -1.18 14.78 0.38
C THR H 3 -0.40 14.73 1.67
N ILE H 4 -0.58 15.75 2.51
CA ILE H 4 0.18 15.78 3.74
C ILE H 4 -0.62 15.98 5.04
N ASN H 5 -0.47 15.07 5.98
CA ASN H 5 -1.15 15.13 7.27
C ASN H 5 -0.19 15.51 8.39
N THR H 6 -0.38 16.67 8.99
CA THR H 6 0.54 17.11 10.03
C THR H 6 -0.10 17.90 11.14
N SER H 7 0.58 17.94 12.28
CA SER H 7 0.18 18.68 13.47
C SER H 7 1.31 19.62 13.73
N HIS H 8 1.01 20.86 14.07
CA HIS H 8 2.08 21.79 14.36
C HIS H 8 1.74 22.51 15.66
N VAL H 9 2.53 22.31 16.69
CA VAL H 9 2.28 23.04 17.94
C VAL H 9 3.55 23.77 18.35
N GLU H 10 3.42 24.77 19.21
CA GLU H 10 4.56 25.56 19.65
C GLU H 10 4.59 25.60 21.17
N TYR H 11 5.77 25.67 21.77
CA TYR H 11 5.87 25.73 23.20
C TYR H 11 7.20 26.32 23.61
N ASP H 12 7.30 26.67 24.91
CA ASP H 12 8.49 27.33 25.42
C ASP H 12 9.16 26.70 26.64
N THR H 13 10.48 26.83 26.67
CA THR H 13 11.25 26.41 27.82
C THR H 13 11.77 27.80 28.26
N PRO H 14 12.36 27.91 29.46
CA PRO H 14 12.83 29.22 29.87
C PRO H 14 13.73 29.92 28.91
N THR H 15 14.45 29.19 28.08
CA THR H 15 15.35 29.88 27.17
C THR H 15 15.10 29.81 25.70
N ARG H 16 14.28 28.86 25.25
CA ARG H 16 14.03 28.69 23.82
C ARG H 16 12.59 28.55 23.46
N HIS H 17 12.31 28.84 22.18
CA HIS H 17 10.96 28.69 21.67
C HIS H 17 10.96 27.55 20.67
N TYR H 18 10.03 26.60 20.82
CA TYR H 18 9.97 25.46 19.92
C TYR H 18 8.74 25.36 19.03
N ALA H 19 8.97 24.90 17.79
CA ALA H 19 7.92 24.61 16.80
C ALA H 19 8.06 23.07 16.65
N HIS H 20 6.97 22.35 16.88
CA HIS H 20 7.02 20.90 16.91
C HIS H 20 6.03 20.18 15.97
N VAL H 21 6.49 19.37 15.01
CA VAL H 21 5.57 18.62 14.14
C VAL H 21 5.32 17.20 14.62
N ASP H 22 4.16 16.66 14.28
CA ASP H 22 3.75 15.30 14.66
C ASP H 22 2.87 14.91 13.49
N CYS H 23 3.09 13.72 12.93
CA CYS H 23 2.28 13.28 11.80
C CYS H 23 1.57 12.02 12.24
N PRO H 24 0.38 11.78 11.69
CA PRO H 24 -0.35 10.58 12.10
C PRO H 24 0.23 9.28 11.62
N GLY H 25 0.46 9.13 10.32
CA GLY H 25 1.01 7.87 9.85
C GLY H 25 2.41 7.84 9.21
N HIS H 26 2.92 6.61 9.03
CA HIS H 26 4.23 6.41 8.46
C HIS H 26 4.41 7.15 7.16
N ALA H 27 3.43 7.03 6.27
CA ALA H 27 3.50 7.68 4.97
C ALA H 27 3.67 9.19 5.07
N ASP H 28 3.10 9.76 6.13
CA ASP H 28 3.16 11.20 6.36
C ASP H 28 4.58 11.57 6.68
N TYR H 29 5.18 10.80 7.59
CA TYR H 29 6.57 11.03 7.94
C TYR H 29 7.42 11.03 6.69
N VAL H 30 7.30 9.95 5.90
CA VAL H 30 8.06 9.88 4.67
C VAL H 30 7.89 11.12 3.77
N LYS H 31 6.64 11.44 3.41
CA LYS H 31 6.44 12.59 2.53
C LYS H 31 6.95 13.90 3.12
N ASN H 32 6.72 14.10 4.43
CA ASN H 32 7.10 15.32 5.11
C ASN H 32 8.58 15.55 5.23
N MET H 33 9.30 14.49 5.61
CA MET H 33 10.72 14.57 5.76
C MET H 33 11.37 14.84 4.41
N ILE H 34 10.93 14.12 3.38
CA ILE H 34 11.51 14.34 2.07
C ILE H 34 11.15 15.71 1.47
N THR H 35 9.87 16.03 1.35
CA THR H 35 9.51 17.33 0.76
C THR H 35 10.01 18.52 1.54
N GLY H 36 10.56 18.26 2.72
CA GLY H 36 11.08 19.32 3.56
C GLY H 36 9.97 20.18 4.13
N ALA H 37 8.74 19.72 3.99
CA ALA H 37 7.60 20.47 4.50
C ALA H 37 7.85 20.71 5.99
N ALA H 38 8.13 19.62 6.69
CA ALA H 38 8.45 19.60 8.13
C ALA H 38 9.95 19.42 8.26
N GLN H 39 10.68 20.52 8.39
CA GLN H 39 12.12 20.47 8.53
C GLN H 39 12.42 20.49 10.04
N MET H 40 13.44 19.74 10.47
CA MET H 40 13.77 19.63 11.88
C MET H 40 15.21 19.89 12.21
N ASP H 41 15.44 20.58 13.32
CA ASP H 41 16.78 20.89 13.79
C ASP H 41 17.20 19.76 14.72
N GLY H 42 16.21 18.99 15.14
CA GLY H 42 16.43 17.88 16.02
C GLY H 42 15.14 17.09 16.06
N ALA H 43 15.21 15.82 16.38
CA ALA H 43 13.99 15.01 16.41
C ALA H 43 13.90 14.23 17.73
N ILE H 44 12.68 13.89 18.13
CA ILE H 44 12.48 13.14 19.36
C ILE H 44 12.00 11.77 18.92
N LEU H 45 12.88 10.77 18.99
CA LEU H 45 12.53 9.42 18.60
C LEU H 45 11.81 8.81 19.79
N VAL H 46 10.54 8.46 19.59
CA VAL H 46 9.72 7.84 20.61
C VAL H 46 9.73 6.36 20.37
N VAL H 47 10.06 5.59 21.41
CA VAL H 47 10.11 4.13 21.30
C VAL H 47 9.38 3.56 22.52
N ALA H 48 8.29 2.85 22.28
CA ALA H 48 7.55 2.25 23.38
C ALA H 48 8.45 1.18 24.02
N ALA H 49 8.62 1.24 25.34
CA ALA H 49 9.46 0.27 26.05
C ALA H 49 8.85 -1.14 25.98
N THR H 50 7.53 -1.19 25.88
CA THR H 50 6.79 -2.44 25.76
C THR H 50 7.14 -3.18 24.44
N ASP H 51 7.10 -2.50 23.29
CA ASP H 51 7.40 -3.16 22.02
C ASP H 51 8.86 -3.13 21.61
N GLY H 52 9.63 -2.18 22.11
CA GLY H 52 11.01 -2.09 21.68
C GLY H 52 11.05 -1.56 20.25
N PRO H 53 12.23 -1.47 19.64
CA PRO H 53 12.25 -0.95 18.26
C PRO H 53 11.31 -1.69 17.34
N MET H 54 10.93 -1.05 16.23
CA MET H 54 10.04 -1.67 15.28
C MET H 54 10.47 -1.19 13.92
N PRO H 55 9.86 -1.71 12.86
CA PRO H 55 10.27 -1.28 11.52
C PRO H 55 10.34 0.22 11.31
N GLN H 56 9.22 0.90 11.57
CA GLN H 56 9.17 2.35 11.38
C GLN H 56 10.23 3.10 12.20
N THR H 57 10.53 2.56 13.38
CA THR H 57 11.56 3.14 14.24
C THR H 57 12.86 3.22 13.43
N ARG H 58 13.23 2.09 12.83
CA ARG H 58 14.43 2.01 12.01
C ARG H 58 14.31 2.92 10.77
N GLU H 59 13.18 2.83 10.09
CA GLU H 59 12.98 3.61 8.90
C GLU H 59 13.10 5.09 9.15
N HIS H 60 12.52 5.54 10.26
CA HIS H 60 12.54 6.96 10.57
C HIS H 60 13.95 7.44 10.79
N ILE H 61 14.74 6.70 11.58
CA ILE H 61 16.13 7.05 11.82
C ILE H 61 16.91 7.13 10.50
N LEU H 62 16.71 6.12 9.66
CA LEU H 62 17.38 6.12 8.37
C LEU H 62 16.98 7.37 7.59
N LEU H 63 15.69 7.64 7.54
CA LEU H 63 15.20 8.82 6.83
C LEU H 63 15.86 10.08 7.38
N GLY H 64 16.02 10.11 8.72
CA GLY H 64 16.64 11.25 9.37
C GLY H 64 18.03 11.47 8.82
N ARG H 65 18.80 10.39 8.78
CA ARG H 65 20.17 10.47 8.26
C ARG H 65 20.09 11.03 6.87
N GLN H 66 19.23 10.41 6.06
CA GLN H 66 19.04 10.82 4.68
C GLN H 66 18.72 12.31 4.45
N VAL H 67 17.63 12.79 5.05
CA VAL H 67 17.18 14.18 4.86
C VAL H 67 17.95 15.25 5.64
N GLY H 68 18.84 14.80 6.53
CA GLY H 68 19.66 15.74 7.27
C GLY H 68 19.27 16.14 8.66
N VAL H 69 18.57 15.31 9.40
CA VAL H 69 18.22 15.71 10.77
C VAL H 69 19.49 15.44 11.54
N PRO H 70 20.11 16.49 12.06
CA PRO H 70 21.37 16.41 12.83
C PRO H 70 21.40 15.77 14.19
N TYR H 71 20.31 15.88 14.94
CA TYR H 71 20.31 15.29 16.28
C TYR H 71 19.08 14.50 16.61
N ILE H 72 19.22 13.52 17.47
CA ILE H 72 18.07 12.75 17.86
C ILE H 72 18.13 12.45 19.33
N ILE H 73 17.07 12.72 20.05
CA ILE H 73 16.97 12.49 21.47
C ILE H 73 15.99 11.36 21.58
N VAL H 74 16.13 10.51 22.55
CA VAL H 74 15.21 9.39 22.63
C VAL H 74 14.35 9.41 23.85
N PHE H 75 13.08 9.05 23.68
CA PHE H 75 12.17 8.99 24.81
C PHE H 75 11.56 7.59 24.85
N LEU H 76 11.97 6.79 25.84
CA LEU H 76 11.43 5.46 26.03
C LEU H 76 10.11 5.68 26.69
N ASN H 77 9.06 5.37 25.96
CA ASN H 77 7.72 5.61 26.46
C ASN H 77 7.04 4.38 27.05
N LYS H 78 5.90 4.61 27.71
CA LYS H 78 5.13 3.52 28.29
C LYS H 78 5.90 2.77 29.36
N CYS H 79 6.78 3.47 30.07
CA CYS H 79 7.55 2.84 31.13
C CYS H 79 6.67 2.60 32.34
N ASP H 80 5.47 3.14 32.29
CA ASP H 80 4.55 2.94 33.40
C ASP H 80 3.97 1.54 33.26
N MET H 81 4.46 0.79 32.27
CA MET H 81 3.99 -0.56 32.01
C MET H 81 5.05 -1.54 32.47
N VAL H 82 6.29 -1.21 32.20
CA VAL H 82 7.39 -2.08 32.58
C VAL H 82 7.80 -1.79 34.02
N ASP H 83 8.46 -2.76 34.66
CA ASP H 83 8.97 -2.60 36.03
C ASP H 83 10.12 -3.59 36.20
N ASP H 84 10.90 -3.69 35.14
CA ASP H 84 12.06 -4.58 35.11
C ASP H 84 13.23 -3.77 34.61
N GLU H 85 14.03 -3.23 35.51
CA GLU H 85 15.18 -2.43 35.11
C GLU H 85 16.01 -3.14 34.04
N GLU H 86 16.04 -4.46 34.14
CA GLU H 86 16.78 -5.29 33.19
C GLU H 86 16.20 -5.14 31.78
N LEU H 87 14.89 -5.34 31.64
CA LEU H 87 14.24 -5.23 30.34
C LEU H 87 14.48 -3.87 29.68
N LEU H 88 14.31 -2.82 30.48
CA LEU H 88 14.53 -1.47 30.00
C LEU H 88 15.97 -1.36 29.51
N GLU H 89 16.92 -1.77 30.33
CA GLU H 89 18.32 -1.69 29.95
C GLU H 89 18.54 -2.36 28.61
N LEU H 90 17.75 -3.39 28.36
CA LEU H 90 17.89 -4.14 27.14
C LEU H 90 17.45 -3.31 25.95
N VAL H 91 16.26 -2.75 26.05
CA VAL H 91 15.73 -1.91 24.99
C VAL H 91 16.70 -0.78 24.65
N GLU H 92 17.23 -0.10 25.67
CA GLU H 92 18.18 0.99 25.44
C GLU H 92 19.34 0.59 24.55
N MET H 93 19.98 -0.50 24.93
CA MET H 93 21.13 -1.03 24.23
C MET H 93 20.75 -1.23 22.76
N GLU H 94 19.58 -1.82 22.54
CA GLU H 94 19.09 -2.07 21.20
C GLU H 94 19.05 -0.77 20.41
N VAL H 95 18.30 0.19 20.95
CA VAL H 95 18.17 1.50 20.32
C VAL H 95 19.52 2.20 20.02
N ARG H 96 20.41 2.25 21.04
CA ARG H 96 21.71 2.90 20.88
C ARG H 96 22.48 2.28 19.71
N GLU H 97 22.37 0.96 19.58
CA GLU H 97 23.07 0.29 18.50
C GLU H 97 22.43 0.71 17.21
N LEU H 98 21.10 0.67 17.21
CA LEU H 98 20.28 1.05 16.07
C LEU H 98 20.65 2.45 15.57
N LEU H 99 20.85 3.36 16.51
CA LEU H 99 21.24 4.72 16.12
C LEU H 99 22.64 4.72 15.51
N SER H 100 23.56 4.03 16.18
CA SER H 100 24.95 3.94 15.74
C SER H 100 25.03 3.36 14.32
N GLN H 101 24.12 2.42 14.04
CA GLN H 101 24.06 1.81 12.72
C GLN H 101 23.91 2.85 11.62
N TYR H 102 23.23 3.96 11.91
CA TYR H 102 23.07 4.97 10.89
C TYR H 102 23.87 6.24 11.12
N ASP H 103 24.98 6.08 11.83
CA ASP H 103 25.94 7.16 12.10
C ASP H 103 25.55 8.21 13.13
N PHE H 104 24.58 7.89 13.97
CA PHE H 104 24.21 8.82 15.03
C PHE H 104 24.98 8.30 16.24
N PRO H 105 25.48 9.20 17.07
CA PRO H 105 26.23 8.81 18.25
C PRO H 105 25.42 8.03 19.27
N GLY H 106 25.09 6.79 18.95
CA GLY H 106 24.31 5.98 19.86
C GLY H 106 24.75 5.93 21.31
N ASP H 107 26.00 6.26 21.59
CA ASP H 107 26.46 6.19 22.98
C ASP H 107 26.16 7.48 23.74
N ASP H 108 26.43 8.62 23.11
CA ASP H 108 26.16 9.92 23.72
C ASP H 108 24.73 10.39 23.59
N THR H 109 23.89 9.62 22.90
CA THR H 109 22.50 10.02 22.72
C THR H 109 21.72 9.96 24.02
N PRO H 110 21.01 11.06 24.37
CA PRO H 110 20.24 11.08 25.61
C PRO H 110 19.03 10.20 25.50
N ILE H 111 18.72 9.44 26.55
CA ILE H 111 17.52 8.61 26.51
C ILE H 111 16.74 8.83 27.79
N VAL H 112 15.52 9.31 27.68
CA VAL H 112 14.74 9.55 28.85
C VAL H 112 13.72 8.43 28.97
N ARG H 113 13.53 7.92 30.20
CA ARG H 113 12.53 6.87 30.48
C ARG H 113 11.32 7.57 31.07
N GLY H 114 10.18 7.48 30.39
CA GLY H 114 9.02 8.15 30.95
C GLY H 114 7.72 7.54 30.54
N SER H 115 6.67 8.29 30.77
CA SER H 115 5.34 7.85 30.43
C SER H 115 4.57 9.08 30.03
N ALA H 116 4.32 9.19 28.73
CA ALA H 116 3.58 10.32 28.19
C ALA H 116 2.15 10.35 28.73
N LEU H 117 1.61 9.16 28.95
CA LEU H 117 0.25 9.02 29.44
C LEU H 117 0.13 9.56 30.86
N LYS H 118 0.86 8.95 31.79
CA LYS H 118 0.81 9.39 33.18
C LYS H 118 1.11 10.88 33.33
N ALA H 119 2.15 11.36 32.67
CA ALA H 119 2.54 12.77 32.74
C ALA H 119 1.35 13.64 32.36
N LEU H 120 0.62 13.19 31.35
CA LEU H 120 -0.54 13.94 30.87
C LEU H 120 -1.66 13.92 31.90
N GLU H 121 -1.73 12.83 32.66
CA GLU H 121 -2.76 12.69 33.68
C GLU H 121 -2.46 13.55 34.92
N GLY H 122 -1.24 14.03 35.06
CA GLY H 122 -0.94 14.86 36.20
C GLY H 122 0.03 14.28 37.21
N ASP H 123 0.25 12.98 37.15
CA ASP H 123 1.17 12.33 38.06
C ASP H 123 2.54 13.06 37.96
N ALA H 124 2.88 13.86 38.97
CA ALA H 124 4.13 14.64 38.97
C ALA H 124 5.44 13.87 38.94
N GLU H 125 5.41 12.62 39.39
CA GLU H 125 6.60 11.80 39.39
C GLU H 125 7.00 11.58 37.92
N TRP H 126 6.00 11.56 37.06
CA TRP H 126 6.19 11.33 35.63
C TRP H 126 6.34 12.63 34.84
N GLU H 127 5.73 13.69 35.34
CA GLU H 127 5.83 15.00 34.70
C GLU H 127 7.31 15.39 34.75
N ALA H 128 8.00 14.87 35.77
CA ALA H 128 9.41 15.14 35.95
C ALA H 128 10.19 14.75 34.71
N LYS H 129 9.94 13.56 34.22
CA LYS H 129 10.65 13.07 33.07
C LYS H 129 10.41 13.96 31.85
N ILE H 130 9.23 14.55 31.74
CA ILE H 130 8.94 15.46 30.62
C ILE H 130 9.88 16.67 30.74
N LEU H 131 10.05 17.17 31.97
CA LEU H 131 10.94 18.28 32.18
C LEU H 131 12.38 17.90 31.83
N GLU H 132 12.76 16.67 32.12
CA GLU H 132 14.10 16.15 31.84
C GLU H 132 14.34 16.17 30.33
N LEU H 133 13.33 15.74 29.59
CA LEU H 133 13.38 15.72 28.13
C LEU H 133 13.59 17.13 27.60
N ALA H 134 12.82 18.06 28.16
CA ALA H 134 12.86 19.46 27.77
C ALA H 134 14.27 20.00 27.99
N GLY H 135 14.89 19.54 29.09
CA GLY H 135 16.23 19.97 29.41
C GLY H 135 17.18 19.53 28.28
N PHE H 136 16.98 18.30 27.79
CA PHE H 136 17.82 17.82 26.71
C PHE H 136 17.58 18.56 25.41
N LEU H 137 16.33 18.95 25.16
CA LEU H 137 16.04 19.70 23.94
C LEU H 137 16.88 20.98 24.01
N ASP H 138 16.92 21.59 25.21
CA ASP H 138 17.65 22.83 25.45
C ASP H 138 19.16 22.70 25.39
N SER H 139 19.69 21.61 25.94
CA SER H 139 21.13 21.40 26.00
C SER H 139 21.75 20.65 24.85
N TYR H 140 21.11 19.54 24.46
CA TYR H 140 21.63 18.70 23.39
C TYR H 140 21.53 19.27 21.96
N ILE H 141 20.40 19.87 21.59
CA ILE H 141 20.30 20.45 20.26
C ILE H 141 20.92 21.83 20.29
N PRO H 142 22.00 22.03 19.56
CA PRO H 142 22.60 23.37 19.59
C PRO H 142 21.72 24.32 18.85
N GLU H 143 21.79 25.59 19.24
CA GLU H 143 21.03 26.67 18.64
C GLU H 143 21.29 26.64 17.15
N PRO H 144 20.24 26.51 16.33
CA PRO H 144 20.45 26.47 14.87
C PRO H 144 20.93 27.83 14.39
N GLU H 145 21.82 27.79 13.48
CA GLU H 145 22.34 29.01 12.97
C GLU H 145 21.24 29.74 12.20
N ARG H 146 21.15 31.05 12.42
CA ARG H 146 20.16 31.88 11.75
C ARG H 146 20.47 32.15 10.27
N ALA H 147 19.44 32.40 9.47
CA ALA H 147 19.59 32.63 8.04
C ALA H 147 20.59 33.74 7.71
N ILE H 148 20.45 34.87 8.37
CA ILE H 148 21.33 36.03 8.14
C ILE H 148 22.79 35.82 8.50
N ASP H 149 23.06 34.84 9.35
CA ASP H 149 24.43 34.58 9.75
C ASP H 149 25.11 33.64 8.76
N LYS H 150 24.34 33.03 7.86
CA LYS H 150 24.93 32.13 6.87
C LYS H 150 25.46 32.95 5.68
N PRO H 151 26.32 32.34 4.88
CA PRO H 151 26.89 33.04 3.72
C PRO H 151 25.82 33.44 2.75
N PHE H 152 26.04 34.59 2.16
CA PHE H 152 25.09 35.10 1.19
C PHE H 152 24.84 34.11 0.05
N LEU H 153 23.55 34.01 -0.31
CA LEU H 153 23.10 33.16 -1.40
C LEU H 153 21.82 33.81 -1.91
N LEU H 154 21.79 34.06 -3.23
CA LEU H 154 20.62 34.66 -3.86
C LEU H 154 20.31 34.00 -5.18
N PRO H 155 19.18 33.30 -5.26
CA PRO H 155 18.80 32.64 -6.51
C PRO H 155 18.29 33.71 -7.44
N ILE H 156 18.94 33.83 -8.60
CA ILE H 156 18.59 34.82 -9.61
C ILE H 156 17.24 34.50 -10.26
N GLU H 157 16.28 35.41 -10.12
CA GLU H 157 14.98 35.21 -10.71
C GLU H 157 14.80 35.91 -12.04
N ASP H 158 15.54 36.98 -12.27
CA ASP H 158 15.43 37.70 -13.53
C ASP H 158 16.64 38.59 -13.68
N VAL H 159 16.83 39.09 -14.90
CA VAL H 159 17.96 39.98 -15.17
C VAL H 159 17.53 41.17 -15.98
N PHE H 160 18.15 42.29 -15.69
CA PHE H 160 17.86 43.54 -16.38
C PHE H 160 19.13 44.35 -16.58
N SER H 161 19.06 45.25 -17.54
CA SER H 161 20.17 46.14 -17.81
C SER H 161 19.53 47.51 -17.84
N ILE H 162 19.70 48.28 -16.78
CA ILE H 162 19.11 49.59 -16.88
C ILE H 162 20.18 50.61 -17.36
N SER H 163 19.70 51.56 -18.17
CA SER H 163 20.46 52.65 -18.83
C SER H 163 21.72 53.24 -18.18
N GLY H 164 22.89 52.93 -18.75
CA GLY H 164 24.16 53.48 -18.26
C GLY H 164 24.69 53.09 -16.87
N ARG H 165 23.91 52.36 -16.09
CA ARG H 165 24.34 51.94 -14.74
C ARG H 165 24.84 50.47 -14.73
N GLY H 166 24.28 49.62 -15.59
CA GLY H 166 24.76 48.25 -15.63
C GLY H 166 23.72 47.15 -15.61
N THR H 167 24.16 45.96 -15.16
CA THR H 167 23.30 44.79 -15.08
C THR H 167 22.74 44.59 -13.67
N VAL H 168 21.43 44.37 -13.59
CA VAL H 168 20.71 44.15 -12.32
C VAL H 168 20.08 42.76 -12.26
N VAL H 169 20.45 41.96 -11.26
CA VAL H 169 19.86 40.63 -11.11
C VAL H 169 18.87 40.75 -9.97
N THR H 170 17.69 40.14 -10.12
CA THR H 170 16.71 40.23 -9.05
C THR H 170 16.40 38.89 -8.41
N GLY H 171 15.83 38.94 -7.21
CA GLY H 171 15.50 37.74 -6.48
C GLY H 171 15.39 37.99 -5.00
N ARG H 172 15.01 36.96 -4.27
CA ARG H 172 14.86 37.06 -2.83
C ARG H 172 16.14 36.48 -2.23
N VAL H 173 16.81 37.25 -1.35
CA VAL H 173 18.03 36.76 -0.71
C VAL H 173 17.59 35.59 0.13
N GLU H 174 18.15 34.43 -0.15
CA GLU H 174 17.82 33.21 0.59
C GLU H 174 18.44 33.23 1.98
N ARG H 175 19.70 33.65 2.02
CA ARG H 175 20.39 33.72 3.29
C ARG H 175 21.59 34.65 3.25
N GLY H 176 21.98 35.13 4.43
CA GLY H 176 23.12 36.01 4.53
C GLY H 176 22.79 37.46 4.25
N ILE H 177 23.84 38.22 3.97
CA ILE H 177 23.72 39.64 3.70
C ILE H 177 24.68 40.03 2.59
N ILE H 178 24.25 40.97 1.75
CA ILE H 178 25.10 41.46 0.68
C ILE H 178 25.19 42.97 0.82
N LYS H 179 26.41 43.50 0.89
CA LYS H 179 26.64 44.93 1.02
C LYS H 179 27.33 45.50 -0.22
N VAL H 180 26.94 46.71 -0.59
CA VAL H 180 27.53 47.35 -1.76
C VAL H 180 29.04 47.31 -1.64
N GLY H 181 29.71 46.91 -2.70
CA GLY H 181 31.15 46.86 -2.66
C GLY H 181 31.70 45.45 -2.50
N GLU H 182 30.92 44.57 -1.89
CA GLU H 182 31.36 43.19 -1.68
C GLU H 182 31.48 42.42 -3.00
N GLU H 183 32.40 41.47 -3.01
CA GLU H 183 32.66 40.63 -4.17
C GLU H 183 31.74 39.41 -4.09
N VAL H 184 31.18 39.00 -5.23
CA VAL H 184 30.29 37.85 -5.27
C VAL H 184 30.65 36.91 -6.40
N GLU H 185 30.14 35.69 -6.34
CA GLU H 185 30.40 34.72 -7.39
C GLU H 185 29.06 34.35 -7.99
N ILE H 186 29.07 34.04 -9.28
CA ILE H 186 27.88 33.62 -9.99
C ILE H 186 28.19 32.16 -10.25
N VAL H 187 27.50 31.25 -9.57
CA VAL H 187 27.79 29.84 -9.76
C VAL H 187 26.63 29.00 -10.32
N GLY H 188 27.02 27.99 -11.11
CA GLY H 188 26.08 27.10 -11.74
C GLY H 188 25.99 27.23 -13.26
N ILE H 189 25.59 26.15 -13.93
CA ILE H 189 25.44 26.08 -15.39
C ILE H 189 26.77 26.26 -16.11
N LYS H 190 27.20 27.53 -16.22
CA LYS H 190 28.47 27.94 -16.85
C LYS H 190 29.61 27.68 -15.89
N GLU H 191 30.71 28.41 -16.10
CA GLU H 191 31.85 28.28 -15.23
C GLU H 191 31.73 29.44 -14.26
N THR H 192 32.10 29.18 -13.01
CA THR H 192 32.02 30.19 -11.96
C THR H 192 32.67 31.52 -12.40
N GLN H 193 31.88 32.59 -12.36
CA GLN H 193 32.35 33.92 -12.74
C GLN H 193 32.40 34.74 -11.44
N LYS H 194 33.30 35.70 -11.36
CA LYS H 194 33.43 36.57 -10.17
C LYS H 194 33.00 37.99 -10.56
N SER H 195 32.54 38.77 -9.59
CA SER H 195 32.12 40.15 -9.88
C SER H 195 32.05 40.94 -8.58
N THR H 196 31.65 42.20 -8.69
CA THR H 196 31.55 43.05 -7.53
C THR H 196 30.20 43.70 -7.47
N CYS H 197 29.62 43.73 -6.27
CA CYS H 197 28.32 44.34 -6.10
C CYS H 197 28.56 45.82 -6.11
N THR H 198 27.98 46.51 -7.07
CA THR H 198 28.16 47.95 -7.12
C THR H 198 26.87 48.65 -6.69
N GLY H 199 25.95 47.88 -6.12
CA GLY H 199 24.71 48.47 -5.68
C GLY H 199 23.60 47.50 -5.35
N VAL H 200 22.66 47.98 -4.55
CA VAL H 200 21.51 47.20 -4.12
C VAL H 200 20.34 48.17 -4.19
N GLU H 201 19.35 47.86 -5.04
CA GLU H 201 18.17 48.71 -5.18
C GLU H 201 16.89 47.94 -4.89
N MET H 202 15.85 48.64 -4.45
CA MET H 202 14.59 48.01 -4.14
C MET H 202 13.45 49.01 -4.37
N PHE H 203 12.87 48.99 -5.57
CA PHE H 203 11.78 49.89 -5.93
C PHE H 203 12.29 51.32 -5.98
N ARG H 204 13.33 51.51 -6.80
CA ARG H 204 14.01 52.78 -6.99
C ARG H 204 14.81 53.20 -5.75
N LYS H 205 14.26 52.97 -4.55
CA LYS H 205 14.94 53.30 -3.28
C LYS H 205 16.28 52.55 -3.20
N LEU H 206 17.40 53.27 -3.28
CA LEU H 206 18.65 52.55 -3.21
C LEU H 206 19.07 52.25 -1.79
N LEU H 207 19.65 51.08 -1.64
CA LEU H 207 20.08 50.64 -0.35
C LEU H 207 21.56 50.33 -0.29
N ASP H 208 21.96 50.15 0.94
CA ASP H 208 23.32 49.88 1.37
C ASP H 208 23.66 48.38 1.32
N GLU H 209 22.69 47.58 1.79
CA GLU H 209 22.80 46.12 1.89
C GLU H 209 21.47 45.39 1.62
N GLY H 210 21.60 44.12 1.24
CA GLY H 210 20.43 43.29 1.01
C GLY H 210 20.48 42.21 2.07
N ARG H 211 19.35 42.01 2.75
CA ARG H 211 19.30 41.00 3.81
C ARG H 211 18.43 39.80 3.51
N ALA H 212 18.78 38.67 4.11
CA ALA H 212 18.01 37.44 3.97
C ALA H 212 16.52 37.75 4.10
N GLY H 213 15.72 37.28 3.15
CA GLY H 213 14.30 37.51 3.21
C GLY H 213 13.79 38.63 2.34
N GLU H 214 14.67 39.57 2.01
CA GLU H 214 14.28 40.71 1.18
C GLU H 214 14.39 40.42 -0.30
N ASN H 215 13.42 40.94 -1.05
CA ASN H 215 13.38 40.80 -2.50
C ASN H 215 14.10 42.04 -3.01
N VAL H 216 15.33 41.87 -3.42
CA VAL H 216 16.13 43.00 -3.89
C VAL H 216 16.63 42.86 -5.31
N GLY H 217 17.36 43.87 -5.75
CA GLY H 217 17.96 43.86 -7.07
C GLY H 217 19.42 44.15 -6.82
N VAL H 218 20.30 43.31 -7.34
CA VAL H 218 21.72 43.53 -7.13
C VAL H 218 22.40 44.00 -8.43
N LEU H 219 23.15 45.10 -8.31
CA LEU H 219 23.87 45.67 -9.46
C LEU H 219 25.26 45.06 -9.54
N LEU H 220 25.62 44.58 -10.71
CA LEU H 220 26.92 43.98 -10.93
C LEU H 220 27.84 44.75 -11.86
N ARG H 221 29.11 44.79 -11.47
CA ARG H 221 30.14 45.48 -12.24
C ARG H 221 30.54 44.69 -13.48
N GLY H 222 30.38 45.34 -14.64
CA GLY H 222 30.74 44.73 -15.90
C GLY H 222 30.46 43.26 -16.14
N ILE H 223 29.21 42.96 -16.48
CA ILE H 223 28.84 41.60 -16.82
C ILE H 223 27.53 41.74 -17.60
N LYS H 224 27.61 41.39 -18.88
CA LYS H 224 26.50 41.51 -19.83
C LYS H 224 25.26 40.75 -19.42
N ARG H 225 24.13 41.44 -19.46
CA ARG H 225 22.85 40.86 -19.12
C ARG H 225 22.66 39.50 -19.79
N GLU H 226 23.52 39.19 -20.76
CA GLU H 226 23.42 37.92 -21.48
C GLU H 226 24.32 36.81 -20.94
N GLU H 227 25.26 37.16 -20.06
CA GLU H 227 26.17 36.16 -19.48
C GLU H 227 25.53 35.42 -18.29
N ILE H 228 24.31 35.84 -17.95
CA ILE H 228 23.53 35.27 -16.84
C ILE H 228 22.57 34.20 -17.34
N GLU H 229 22.79 32.95 -16.93
CA GLU H 229 21.92 31.86 -17.34
C GLU H 229 20.94 31.50 -16.23
N ARG H 230 19.72 31.12 -16.62
CA ARG H 230 18.70 30.75 -15.64
C ARG H 230 19.25 29.57 -14.82
N GLY H 231 19.02 29.61 -13.50
CA GLY H 231 19.49 28.53 -12.65
C GLY H 231 20.76 28.86 -11.91
N GLN H 232 21.35 29.99 -12.24
CA GLN H 232 22.57 30.39 -11.56
C GLN H 232 22.20 31.11 -10.27
N VAL H 233 23.15 31.17 -9.34
CA VAL H 233 22.89 31.88 -8.08
C VAL H 233 24.06 32.82 -7.77
N LEU H 234 23.78 33.82 -6.96
CA LEU H 234 24.77 34.80 -6.53
C LEU H 234 25.19 34.30 -5.15
N ALA H 235 26.48 34.24 -4.86
CA ALA H 235 26.89 33.76 -3.53
C ALA H 235 28.21 34.31 -3.03
N LYS H 236 28.38 34.36 -1.71
CA LYS H 236 29.64 34.83 -1.16
C LYS H 236 30.67 33.88 -1.77
N PRO H 237 31.73 34.44 -2.34
CA PRO H 237 32.76 33.61 -2.96
C PRO H 237 33.24 32.42 -2.13
N GLY H 238 33.40 31.28 -2.82
CA GLY H 238 33.87 30.06 -2.19
C GLY H 238 32.99 29.47 -1.12
N THR H 239 31.71 29.84 -1.06
CA THR H 239 30.83 29.29 -0.03
C THR H 239 29.95 28.16 -0.56
N ILE H 240 29.74 28.09 -1.86
CA ILE H 240 28.94 27.02 -2.44
C ILE H 240 29.56 26.54 -3.78
N LYS H 241 29.77 25.20 -3.95
CA LYS H 241 30.38 24.58 -5.17
C LYS H 241 29.38 23.87 -6.09
N PRO H 242 29.54 24.00 -7.43
CA PRO H 242 28.64 23.37 -8.40
C PRO H 242 28.90 21.87 -8.53
N HIS H 243 27.82 21.08 -8.67
CA HIS H 243 27.95 19.63 -8.82
C HIS H 243 27.00 19.12 -9.87
N THR H 244 27.17 17.84 -10.21
CA THR H 244 26.33 17.24 -11.21
C THR H 244 25.84 15.85 -10.84
N LYS H 245 26.57 15.19 -9.94
CA LYS H 245 26.18 13.85 -9.50
C LYS H 245 25.93 13.83 -8.00
N PHE H 246 24.74 13.40 -7.60
CA PHE H 246 24.37 13.33 -6.19
C PHE H 246 23.46 12.16 -5.93
N GLU H 247 23.42 11.76 -4.67
CA GLU H 247 22.59 10.67 -4.26
C GLU H 247 21.41 11.38 -3.62
N SER H 248 20.22 10.79 -3.66
CA SER H 248 19.06 11.45 -3.08
C SER H 248 17.94 10.49 -2.72
N GLU H 249 17.01 11.01 -1.94
CA GLU H 249 15.83 10.23 -1.54
C GLU H 249 14.68 10.93 -2.25
N VAL H 250 13.81 10.19 -2.93
CA VAL H 250 12.71 10.85 -3.62
C VAL H 250 11.35 10.20 -3.40
N TYR H 251 10.32 11.02 -3.51
CA TYR H 251 8.96 10.55 -3.36
C TYR H 251 8.33 10.82 -4.71
N ILE H 252 7.66 9.81 -5.23
CA ILE H 252 7.00 9.92 -6.52
C ILE H 252 5.50 10.02 -6.29
N LEU H 253 4.93 11.17 -6.66
CA LEU H 253 3.52 11.39 -6.45
C LEU H 253 2.70 10.29 -7.00
N SER H 254 1.61 10.00 -6.31
CA SER H 254 0.67 8.98 -6.70
C SER H 254 -0.16 9.61 -7.82
N LYS H 255 -1.00 8.80 -8.45
CA LYS H 255 -1.82 9.33 -9.55
C LYS H 255 -2.76 10.42 -9.03
N ASP H 256 -3.38 10.14 -7.88
CA ASP H 256 -4.31 11.06 -7.24
C ASP H 256 -3.67 12.38 -6.89
N GLU H 257 -2.41 12.37 -6.48
CA GLU H 257 -1.73 13.62 -6.16
C GLU H 257 -1.39 14.37 -7.43
N GLY H 258 -1.79 13.82 -8.56
CA GLY H 258 -1.54 14.46 -9.82
C GLY H 258 -0.22 14.11 -10.46
N GLY H 259 0.29 12.93 -10.12
CA GLY H 259 1.56 12.49 -10.70
C GLY H 259 1.33 11.55 -11.88
N ARG H 260 2.34 10.74 -12.19
CA ARG H 260 2.26 9.80 -13.29
C ARG H 260 1.19 8.74 -13.08
N HIS H 261 0.70 8.14 -14.17
CA HIS H 261 -0.30 7.08 -14.08
C HIS H 261 0.39 5.75 -14.18
N THR H 262 1.52 5.74 -14.88
CA THR H 262 2.31 4.53 -15.08
C THR H 262 3.68 4.66 -14.46
N PRO H 263 4.24 3.53 -14.04
CA PRO H 263 5.58 3.52 -13.43
C PRO H 263 6.61 3.89 -14.49
N PHE H 264 7.83 4.23 -14.08
CA PHE H 264 8.85 4.56 -15.05
C PHE H 264 9.94 3.52 -14.87
N PHE H 265 10.85 3.37 -15.84
CA PHE H 265 11.90 2.36 -15.68
C PHE H 265 13.28 2.97 -15.83
N LYS H 266 14.32 2.13 -15.75
CA LYS H 266 15.71 2.58 -15.90
C LYS H 266 15.76 3.42 -17.17
N GLY H 267 16.59 4.44 -17.21
CA GLY H 267 16.64 5.20 -18.44
C GLY H 267 15.64 6.34 -18.53
N TYR H 268 14.95 6.58 -17.43
CA TYR H 268 13.99 7.68 -17.36
C TYR H 268 14.88 8.93 -17.26
N ARG H 269 14.59 9.94 -18.07
CA ARG H 269 15.41 11.13 -18.08
C ARG H 269 14.49 12.31 -17.92
N PRO H 270 14.08 12.61 -16.68
CA PRO H 270 13.18 13.73 -16.41
C PRO H 270 13.93 15.01 -16.12
N GLN H 271 13.19 16.04 -15.72
CA GLN H 271 13.86 17.27 -15.40
C GLN H 271 13.81 17.48 -13.88
N PHE H 272 14.88 18.05 -13.36
CA PHE H 272 15.00 18.32 -11.94
C PHE H 272 14.93 19.81 -11.70
N TYR H 273 13.91 20.23 -10.95
CA TYR H 273 13.73 21.63 -10.61
C TYR H 273 14.52 22.02 -9.37
N PHE H 274 15.52 22.86 -9.59
CA PHE H 274 16.40 23.37 -8.54
C PHE H 274 16.25 24.88 -8.42
N ARG H 275 15.53 25.32 -7.40
CA ARG H 275 15.31 26.74 -7.14
C ARG H 275 14.57 27.47 -8.27
N THR H 276 15.20 27.61 -9.43
CA THR H 276 14.58 28.38 -10.49
C THR H 276 14.41 27.77 -11.89
N THR H 277 15.09 26.67 -12.19
CA THR H 277 14.94 26.04 -13.51
C THR H 277 14.95 24.53 -13.46
N ASP H 278 14.64 23.95 -14.61
CA ASP H 278 14.66 22.51 -14.77
C ASP H 278 16.04 22.23 -15.33
N VAL H 279 16.56 21.06 -15.00
CA VAL H 279 17.86 20.64 -15.50
C VAL H 279 17.69 19.16 -15.73
N THR H 280 17.87 18.71 -16.97
CA THR H 280 17.69 17.29 -17.25
C THR H 280 18.75 16.43 -16.61
N GLY H 281 18.38 15.19 -16.27
CA GLY H 281 19.34 14.30 -15.66
C GLY H 281 19.03 12.84 -15.87
N THR H 282 20.04 12.00 -15.64
CA THR H 282 19.88 10.56 -15.80
C THR H 282 19.71 9.94 -14.43
N ILE H 283 19.08 8.77 -14.42
CA ILE H 283 18.74 8.10 -13.20
C ILE H 283 19.32 6.72 -13.00
N GLU H 284 19.91 6.49 -11.84
CA GLU H 284 20.46 5.19 -11.52
C GLU H 284 19.68 4.64 -10.35
N LEU H 285 18.84 3.64 -10.58
CA LEU H 285 18.05 3.07 -9.49
C LEU H 285 18.93 2.11 -8.72
N PRO H 286 18.52 1.73 -7.51
CA PRO H 286 19.34 0.79 -6.75
C PRO H 286 19.31 -0.58 -7.40
N GLU H 287 20.25 -1.45 -7.06
CA GLU H 287 20.23 -2.77 -7.71
C GLU H 287 19.05 -3.57 -7.27
N GLY H 288 18.41 -4.16 -8.26
CA GLY H 288 17.25 -4.97 -7.98
C GLY H 288 15.95 -4.31 -8.42
N VAL H 289 15.93 -2.99 -8.51
CA VAL H 289 14.70 -2.32 -8.93
C VAL H 289 14.76 -1.95 -10.42
N GLU H 290 13.75 -2.41 -11.14
CA GLU H 290 13.66 -2.17 -12.58
C GLU H 290 12.64 -1.10 -12.92
N MET H 291 11.66 -0.93 -12.04
CA MET H 291 10.63 0.09 -12.25
C MET H 291 10.18 0.72 -10.93
N VAL H 292 9.85 2.01 -10.99
CA VAL H 292 9.39 2.77 -9.84
C VAL H 292 7.90 3.09 -10.01
N MET H 293 7.08 2.70 -9.03
CA MET H 293 5.62 2.92 -9.04
C MET H 293 5.20 4.32 -8.55
N PRO H 294 4.07 4.84 -9.04
CA PRO H 294 3.68 6.15 -8.53
C PRO H 294 3.32 5.95 -7.05
N GLY H 295 3.79 6.86 -6.18
CA GLY H 295 3.53 6.72 -4.76
C GLY H 295 4.65 6.09 -3.97
N ASP H 296 5.73 5.69 -4.64
CA ASP H 296 6.87 5.07 -3.95
C ASP H 296 7.93 6.10 -3.60
N ASN H 297 8.76 5.79 -2.62
CA ASN H 297 9.87 6.65 -2.31
C ASN H 297 11.07 5.72 -2.59
N ILE H 298 12.14 6.27 -3.15
CA ILE H 298 13.26 5.45 -3.51
C ILE H 298 14.58 6.19 -3.45
N LYS H 299 15.65 5.46 -3.13
CA LYS H 299 17.00 5.99 -3.07
C LYS H 299 17.31 6.13 -4.55
N MET H 300 18.00 7.18 -4.97
CA MET H 300 18.22 7.35 -6.39
C MET H 300 19.45 8.22 -6.70
N VAL H 301 20.35 7.72 -7.55
CA VAL H 301 21.55 8.50 -7.90
C VAL H 301 21.27 9.25 -9.19
N VAL H 302 21.49 10.56 -9.15
CA VAL H 302 21.21 11.39 -10.30
C VAL H 302 22.42 12.06 -10.91
N THR H 303 22.43 12.17 -12.24
CA THR H 303 23.53 12.84 -12.91
C THR H 303 22.93 13.92 -13.80
N LEU H 304 23.29 15.16 -13.49
CA LEU H 304 22.76 16.28 -14.23
C LEU H 304 23.56 16.61 -15.47
N ILE H 305 22.86 17.17 -16.45
CA ILE H 305 23.47 17.57 -17.69
C ILE H 305 24.28 18.87 -17.48
N HIS H 306 23.84 19.77 -16.61
CA HIS H 306 24.61 20.98 -16.33
C HIS H 306 24.84 20.99 -14.83
N PRO H 307 25.92 21.62 -14.38
CA PRO H 307 26.15 21.64 -12.93
C PRO H 307 25.29 22.70 -12.23
N ILE H 308 24.89 22.39 -11.00
CA ILE H 308 24.08 23.32 -10.22
C ILE H 308 24.70 23.52 -8.83
N ALA H 309 24.62 24.75 -8.31
CA ALA H 309 25.17 25.01 -7.00
C ALA H 309 24.34 24.22 -5.95
N MET H 310 24.96 23.30 -5.24
CA MET H 310 24.22 22.51 -4.27
C MET H 310 25.04 21.94 -3.11
N ASP H 311 24.37 21.67 -2.00
CA ASP H 311 25.00 21.06 -0.84
C ASP H 311 23.99 20.08 -0.27
N ASP H 312 24.46 19.19 0.59
CA ASP H 312 23.61 18.19 1.23
C ASP H 312 22.31 18.85 1.74
N GLY H 313 21.19 18.16 1.58
CA GLY H 313 19.94 18.70 2.08
C GLY H 313 19.11 19.60 1.18
N LEU H 314 19.65 20.04 0.05
CA LEU H 314 18.87 20.88 -0.84
C LEU H 314 17.67 20.08 -1.40
N ARG H 315 16.52 20.73 -1.47
CA ARG H 315 15.29 20.08 -1.95
C ARG H 315 15.08 20.36 -3.43
N PHE H 316 14.35 19.50 -4.13
CA PHE H 316 14.10 19.71 -5.56
C PHE H 316 12.85 18.96 -5.98
N ALA H 317 12.35 19.32 -7.17
CA ALA H 317 11.17 18.67 -7.72
C ALA H 317 11.56 17.95 -8.97
N ILE H 318 10.82 16.91 -9.33
CA ILE H 318 11.08 16.18 -10.55
C ILE H 318 9.86 16.51 -11.37
N ARG H 319 10.11 17.06 -12.56
CA ARG H 319 9.04 17.45 -13.46
C ARG H 319 9.11 16.78 -14.83
N GLU H 320 7.94 16.54 -15.39
CA GLU H 320 7.78 15.93 -16.70
C GLU H 320 7.02 16.97 -17.49
N GLY H 321 7.76 17.80 -18.22
CA GLY H 321 7.12 18.82 -19.02
C GLY H 321 6.21 19.68 -18.16
N GLY H 322 6.81 20.50 -17.30
CA GLY H 322 6.04 21.39 -16.45
C GLY H 322 5.32 20.73 -15.29
N ARG H 323 4.75 19.56 -15.52
CA ARG H 323 4.03 18.87 -14.45
C ARG H 323 4.99 18.26 -13.43
N THR H 324 4.61 18.37 -12.16
CA THR H 324 5.43 17.83 -11.06
C THR H 324 5.07 16.39 -10.80
N VAL H 325 6.07 15.51 -10.91
CA VAL H 325 5.81 14.09 -10.70
C VAL H 325 6.46 13.51 -9.44
N GLY H 326 7.38 14.25 -8.83
CA GLY H 326 8.02 13.75 -7.62
C GLY H 326 8.78 14.84 -6.92
N ALA H 327 9.21 14.54 -5.69
CA ALA H 327 9.97 15.50 -4.89
C ALA H 327 11.10 14.77 -4.24
N GLY H 328 12.21 15.46 -4.07
CA GLY H 328 13.35 14.82 -3.43
C GLY H 328 14.26 15.80 -2.69
N VAL H 329 15.23 15.21 -1.99
CA VAL H 329 16.20 15.95 -1.23
C VAL H 329 17.55 15.35 -1.56
N VAL H 330 18.55 16.21 -1.67
CA VAL H 330 19.91 15.77 -1.97
C VAL H 330 20.48 15.15 -0.70
N ALA H 331 20.63 13.83 -0.70
CA ALA H 331 21.17 13.11 0.45
C ALA H 331 22.69 13.33 0.64
N LYS H 332 23.46 13.35 -0.45
CA LYS H 332 24.90 13.59 -0.42
C LYS H 332 25.38 13.84 -1.84
N VAL H 333 26.19 14.88 -2.04
CA VAL H 333 26.69 15.15 -3.38
C VAL H 333 27.86 14.20 -3.66
N LEU H 334 28.06 13.88 -4.93
CA LEU H 334 29.11 12.98 -5.33
C LEU H 334 30.18 13.72 -6.16
N GLY H 335 29.81 14.91 -6.63
CA GLY H 335 30.71 15.73 -7.41
C GLY H 335 30.09 16.02 -8.75
N THR I 1 -45.99 0.17 14.42
CA THR I 1 -46.89 -0.54 13.44
C THR I 1 -46.98 -2.03 13.64
N LYS I 2 -48.18 -2.51 13.48
CA LYS I 2 -48.56 -3.90 13.59
C LYS I 2 -47.85 -4.85 12.63
N PRO I 3 -47.65 -6.12 13.04
CA PRO I 3 -47.01 -7.06 12.12
C PRO I 3 -48.00 -7.27 10.96
N HIS I 4 -47.45 -7.59 9.80
CA HIS I 4 -48.26 -7.78 8.65
C HIS I 4 -48.16 -9.25 8.25
N VAL I 5 -49.31 -9.93 8.12
CA VAL I 5 -49.34 -11.32 7.71
C VAL I 5 -50.24 -11.55 6.47
N ASN I 6 -49.75 -12.36 5.55
CA ASN I 6 -50.49 -12.65 4.34
C ASN I 6 -51.16 -14.01 4.45
N VAL I 7 -52.47 -14.05 4.25
CA VAL I 7 -53.19 -15.32 4.31
C VAL I 7 -54.12 -15.37 3.11
N GLY I 8 -54.91 -16.43 3.05
CA GLY I 8 -55.85 -16.56 1.97
C GLY I 8 -56.69 -17.80 2.24
N THR I 9 -57.77 -17.95 1.48
CA THR I 9 -58.64 -19.09 1.63
C THR I 9 -58.43 -20.04 0.46
N ILE I 10 -58.25 -21.32 0.73
CA ILE I 10 -58.09 -22.30 -0.31
C ILE I 10 -59.16 -23.34 -0.03
N GLY I 11 -59.33 -24.28 -0.95
CA GLY I 11 -60.34 -25.30 -0.79
C GLY I 11 -61.19 -25.52 -2.03
N HIS I 12 -61.98 -26.58 -1.99
CA HIS I 12 -62.80 -26.96 -3.13
C HIS I 12 -63.84 -25.91 -3.50
N VAL I 13 -64.19 -25.86 -4.76
CA VAL I 13 -65.16 -24.87 -5.18
C VAL I 13 -66.48 -25.08 -4.43
N ASP I 14 -67.19 -23.97 -4.24
CA ASP I 14 -68.48 -23.94 -3.53
C ASP I 14 -68.50 -24.36 -2.07
N HIS I 15 -67.34 -24.55 -1.46
CA HIS I 15 -67.30 -24.91 -0.07
C HIS I 15 -67.43 -23.72 0.86
N GLY I 16 -67.36 -22.50 0.31
CA GLY I 16 -67.56 -21.33 1.14
C GLY I 16 -66.41 -20.39 1.34
N LYS I 17 -65.35 -20.55 0.57
CA LYS I 17 -64.20 -19.67 0.69
C LYS I 17 -64.54 -18.15 0.66
N THR I 18 -65.30 -17.73 -0.33
CA THR I 18 -65.63 -16.32 -0.45
C THR I 18 -66.61 -15.82 0.60
N THR I 19 -67.58 -16.65 0.98
CA THR I 19 -68.53 -16.26 2.01
C THR I 19 -67.81 -16.09 3.36
N LEU I 20 -66.89 -17.01 3.66
CA LEU I 20 -66.08 -16.92 4.86
C LEU I 20 -65.23 -15.65 4.82
N THR I 21 -64.72 -15.30 3.64
CA THR I 21 -63.91 -14.12 3.53
C THR I 21 -64.73 -12.91 3.90
N ALA I 22 -65.96 -12.82 3.40
CA ALA I 22 -66.83 -11.70 3.76
C ALA I 22 -67.11 -11.68 5.28
N ALA I 23 -67.40 -12.87 5.84
CA ALA I 23 -67.68 -13.00 7.26
C ALA I 23 -66.53 -12.49 8.12
N ILE I 24 -65.31 -12.88 7.80
CA ILE I 24 -64.17 -12.46 8.59
C ILE I 24 -64.15 -10.95 8.60
N THR I 25 -64.17 -10.37 7.43
CA THR I 25 -64.15 -8.93 7.26
C THR I 25 -65.20 -8.17 8.09
N THR I 26 -66.43 -8.66 8.01
CA THR I 26 -67.56 -8.10 8.71
C THR I 26 -67.41 -8.25 10.22
N VAL I 27 -67.44 -9.49 10.71
CA VAL I 27 -67.33 -9.72 12.14
C VAL I 27 -66.14 -9.02 12.75
N LEU I 28 -65.01 -8.93 12.07
CA LEU I 28 -63.86 -8.28 12.69
C LEU I 28 -64.06 -6.79 12.87
N ALA I 29 -64.57 -6.12 11.86
CA ALA I 29 -64.80 -4.67 11.97
C ALA I 29 -65.83 -4.36 13.05
N LYS I 30 -66.92 -5.10 12.97
CA LYS I 30 -68.02 -4.99 13.90
C LYS I 30 -67.51 -5.19 15.35
N THR I 31 -66.55 -6.09 15.57
CA THR I 31 -66.06 -6.34 16.93
C THR I 31 -64.83 -5.57 17.38
N TYR I 32 -63.98 -5.19 16.45
CA TYR I 32 -62.71 -4.52 16.72
C TYR I 32 -62.56 -3.08 16.29
N GLY I 33 -63.50 -2.56 15.51
CA GLY I 33 -63.30 -1.20 15.05
C GLY I 33 -64.46 -0.69 14.23
N GLY J 1 -50.41 -12.77 -21.51
CA GLY J 1 -49.80 -13.15 -20.25
C GLY J 1 -50.70 -14.08 -19.45
N ILE J 2 -50.26 -14.47 -18.26
CA ILE J 2 -51.09 -15.33 -17.48
C ILE J 2 -52.34 -14.59 -17.09
N THR J 3 -53.45 -15.29 -17.14
CA THR J 3 -54.75 -14.73 -16.77
C THR J 3 -54.94 -15.00 -15.31
N ILE J 4 -55.14 -13.96 -14.54
CA ILE J 4 -55.24 -14.10 -13.09
C ILE J 4 -56.50 -13.52 -12.43
N ASN J 5 -57.34 -14.33 -11.79
CA ASN J 5 -58.51 -13.77 -11.12
C ASN J 5 -58.32 -13.84 -9.62
N THR J 6 -58.24 -12.70 -8.96
CA THR J 6 -58.07 -12.67 -7.50
C THR J 6 -58.84 -11.59 -6.78
N SER J 7 -59.02 -11.78 -5.49
CA SER J 7 -59.66 -10.81 -4.57
C SER J 7 -58.63 -10.54 -3.54
N HIS J 8 -58.49 -9.31 -3.14
CA HIS J 8 -57.53 -8.98 -2.11
C HIS J 8 -58.22 -8.07 -1.10
N VAL J 9 -58.31 -8.53 0.13
CA VAL J 9 -58.96 -7.81 1.19
C VAL J 9 -57.99 -7.68 2.36
N GLU J 10 -58.16 -6.67 3.21
CA GLU J 10 -57.28 -6.49 4.36
C GLU J 10 -58.13 -6.30 5.59
N TYR J 11 -57.63 -6.73 6.75
CA TYR J 11 -58.41 -6.60 7.97
C TYR J 11 -57.50 -6.69 9.17
N ASP J 12 -58.03 -6.37 10.34
CA ASP J 12 -57.23 -6.32 11.56
C ASP J 12 -57.76 -7.05 12.78
N THR J 13 -56.82 -7.59 13.56
CA THR J 13 -57.18 -8.24 14.82
C THR J 13 -56.46 -7.26 15.74
N PRO J 14 -56.71 -7.31 17.06
CA PRO J 14 -56.03 -6.36 17.93
C PRO J 14 -54.52 -6.32 17.80
N THR J 15 -53.90 -7.41 17.39
CA THR J 15 -52.43 -7.36 17.28
C THR J 15 -51.77 -7.43 15.91
N ARG J 16 -52.47 -7.91 14.90
CA ARG J 16 -51.86 -8.02 13.58
C ARG J 16 -52.71 -7.46 12.49
N HIS J 17 -52.04 -7.19 11.36
CA HIS J 17 -52.75 -6.69 10.21
C HIS J 17 -52.68 -7.79 9.15
N TYR J 18 -53.80 -8.10 8.52
CA TYR J 18 -53.84 -9.15 7.53
C TYR J 18 -54.17 -8.75 6.09
N ALA J 19 -53.50 -9.40 5.14
CA ALA J 19 -53.75 -9.22 3.70
C ALA J 19 -54.26 -10.61 3.35
N HIS J 20 -55.43 -10.69 2.74
CA HIS J 20 -56.04 -11.98 2.47
C HIS J 20 -56.52 -12.18 1.02
N VAL J 21 -56.05 -13.21 0.30
CA VAL J 21 -56.47 -13.48 -1.09
C VAL J 21 -57.56 -14.52 -1.15
N ASP J 22 -58.38 -14.43 -2.18
CA ASP J 22 -59.47 -15.36 -2.42
C ASP J 22 -59.56 -15.42 -3.94
N CYS J 23 -59.60 -16.59 -4.53
CA CYS J 23 -59.68 -16.65 -5.99
C CYS J 23 -60.98 -17.37 -6.35
N PRO J 24 -61.55 -17.03 -7.50
CA PRO J 24 -62.80 -17.70 -7.85
C PRO J 24 -62.74 -19.18 -8.23
N GLY J 25 -61.83 -19.55 -9.14
CA GLY J 25 -61.78 -20.95 -9.54
C GLY J 25 -60.50 -21.70 -9.25
N HIS J 26 -60.60 -23.01 -9.38
CA HIS J 26 -59.43 -23.83 -9.13
C HIS J 26 -58.21 -23.41 -9.97
N ALA J 27 -58.42 -23.12 -11.25
CA ALA J 27 -57.34 -22.69 -12.13
C ALA J 27 -56.61 -21.48 -11.57
N ASP J 28 -57.38 -20.59 -10.97
CA ASP J 28 -56.84 -19.39 -10.38
C ASP J 28 -55.89 -19.71 -9.25
N TYR J 29 -56.31 -20.62 -8.39
CA TYR J 29 -55.46 -21.02 -7.29
C TYR J 29 -54.19 -21.59 -7.85
N VAL J 30 -54.31 -22.45 -8.86
CA VAL J 30 -53.08 -23.04 -9.40
C VAL J 30 -52.14 -21.96 -9.93
N LYS J 31 -52.66 -21.07 -10.78
CA LYS J 31 -51.78 -20.06 -11.32
C LYS J 31 -51.17 -19.15 -10.27
N ASN J 32 -52.00 -18.73 -9.32
CA ASN J 32 -51.56 -17.80 -8.29
C ASN J 32 -50.56 -18.37 -7.36
N MET J 33 -50.77 -19.60 -6.92
CA MET J 33 -49.83 -20.21 -6.00
C MET J 33 -48.48 -20.43 -6.67
N ILE J 34 -48.51 -20.90 -7.90
CA ILE J 34 -47.26 -21.12 -8.59
C ILE J 34 -46.54 -19.85 -8.96
N THR J 35 -47.22 -18.93 -9.61
CA THR J 35 -46.55 -17.71 -10.00
C THR J 35 -46.08 -16.87 -8.81
N GLY J 36 -46.53 -17.24 -7.62
CA GLY J 36 -46.18 -16.49 -6.44
C GLY J 36 -46.88 -15.14 -6.41
N ALA J 37 -47.87 -14.95 -7.28
CA ALA J 37 -48.64 -13.70 -7.35
C ALA J 37 -49.19 -13.46 -5.95
N ALA J 38 -49.88 -14.48 -5.49
CA ALA J 38 -50.50 -14.51 -4.17
C ALA J 38 -49.64 -15.40 -3.23
N GLN J 39 -48.79 -14.76 -2.43
CA GLN J 39 -47.94 -15.47 -1.46
C GLN J 39 -48.72 -15.56 -0.14
N MET J 40 -48.53 -16.63 0.60
CA MET J 40 -49.22 -16.79 1.86
C MET J 40 -48.30 -17.25 2.95
N ASP J 41 -48.41 -16.63 4.12
CA ASP J 41 -47.60 -16.98 5.27
C ASP J 41 -48.36 -18.10 5.98
N GLY J 42 -49.63 -18.25 5.63
CA GLY J 42 -50.50 -19.26 6.19
C GLY J 42 -51.75 -19.29 5.34
N ALA J 43 -52.45 -20.40 5.33
CA ALA J 43 -53.65 -20.52 4.52
C ALA J 43 -54.80 -21.03 5.38
N ILE J 44 -56.04 -20.69 4.99
CA ILE J 44 -57.22 -21.14 5.68
C ILE J 44 -57.88 -22.13 4.73
N LEU J 45 -57.74 -23.42 5.01
CA LEU J 45 -58.37 -24.43 4.18
C LEU J 45 -59.83 -24.51 4.61
N VAL J 46 -60.73 -24.22 3.68
CA VAL J 46 -62.16 -24.27 3.92
C VAL J 46 -62.68 -25.59 3.39
N VAL J 47 -63.38 -26.35 4.23
CA VAL J 47 -63.92 -27.65 3.84
C VAL J 47 -65.39 -27.69 4.27
N ALA J 48 -66.33 -27.79 3.32
CA ALA J 48 -67.75 -27.86 3.68
C ALA J 48 -67.98 -29.17 4.43
N ALA J 49 -68.60 -29.10 5.61
CA ALA J 49 -68.85 -30.29 6.43
C ALA J 49 -69.85 -31.21 5.71
N THR J 50 -70.76 -30.62 4.92
CA THR J 50 -71.72 -31.43 4.20
C THR J 50 -71.04 -32.30 3.10
N ASP J 51 -70.08 -31.79 2.32
CA ASP J 51 -69.44 -32.59 1.28
C ASP J 51 -68.19 -33.31 1.76
N GLY J 52 -67.53 -32.78 2.78
CA GLY J 52 -66.28 -33.40 3.23
C GLY J 52 -65.18 -33.05 2.23
N PRO J 53 -63.99 -33.67 2.35
CA PRO J 53 -62.91 -33.34 1.41
C PRO J 53 -63.32 -33.64 0.01
N MET J 54 -62.70 -32.98 -0.95
CA MET J 54 -63.03 -33.17 -2.35
C MET J 54 -61.72 -33.07 -3.09
N PRO J 55 -61.74 -33.35 -4.39
CA PRO J 55 -60.49 -33.28 -5.15
C PRO J 55 -59.67 -32.02 -4.98
N GLN J 56 -60.29 -30.87 -5.21
CA GLN J 56 -59.52 -29.64 -5.09
C GLN J 56 -58.99 -29.42 -3.65
N THR J 57 -59.70 -29.97 -2.66
CA THR J 57 -59.26 -29.86 -1.28
C THR J 57 -57.89 -30.46 -1.22
N ARG J 58 -57.79 -31.66 -1.78
CA ARG J 58 -56.54 -32.38 -1.79
C ARG J 58 -55.47 -31.67 -2.63
N GLU J 59 -55.86 -31.24 -3.82
CA GLU J 59 -54.94 -30.56 -4.73
C GLU J 59 -54.39 -29.28 -4.11
N HIS J 60 -55.24 -28.50 -3.45
CA HIS J 60 -54.75 -27.25 -2.85
C HIS J 60 -53.73 -27.53 -1.75
N ILE J 61 -54.01 -28.51 -0.88
CA ILE J 61 -53.04 -28.86 0.18
C ILE J 61 -51.69 -29.28 -0.43
N LEU J 62 -51.76 -30.13 -1.44
CA LEU J 62 -50.57 -30.58 -2.13
C LEU J 62 -49.82 -29.37 -2.71
N LEU J 63 -50.55 -28.47 -3.37
CA LEU J 63 -49.94 -27.29 -3.95
C LEU J 63 -49.27 -26.46 -2.86
N GLY J 64 -49.94 -26.36 -1.72
CA GLY J 64 -49.40 -25.63 -0.59
C GLY J 64 -48.06 -26.18 -0.19
N ARG J 65 -47.97 -27.50 -0.06
CA ARG J 65 -46.71 -28.14 0.29
C ARG J 65 -45.70 -27.76 -0.77
N GLN J 66 -46.06 -27.95 -2.03
CA GLN J 66 -45.14 -27.66 -3.10
C GLN J 66 -44.61 -26.21 -3.17
N VAL J 67 -45.52 -25.22 -3.15
CA VAL J 67 -45.11 -23.80 -3.23
C VAL J 67 -44.57 -23.18 -1.96
N GLY J 68 -44.66 -23.93 -0.87
CA GLY J 68 -44.11 -23.45 0.38
C GLY J 68 -45.00 -22.78 1.39
N VAL J 69 -46.30 -23.07 1.41
CA VAL J 69 -47.14 -22.45 2.42
C VAL J 69 -46.85 -23.27 3.66
N PRO J 70 -46.26 -22.63 4.67
CA PRO J 70 -45.89 -23.24 5.94
C PRO J 70 -46.97 -23.65 6.91
N TYR J 71 -48.11 -22.97 6.95
CA TYR J 71 -49.13 -23.37 7.91
C TYR J 71 -50.49 -23.41 7.31
N ILE J 72 -51.35 -24.26 7.85
CA ILE J 72 -52.71 -24.35 7.37
C ILE J 72 -53.64 -24.52 8.53
N ILE J 73 -54.66 -23.66 8.61
CA ILE J 73 -55.68 -23.71 9.66
C ILE J 73 -56.92 -24.19 8.94
N VAL J 74 -57.77 -24.95 9.61
CA VAL J 74 -58.94 -25.45 8.91
C VAL J 74 -60.24 -24.88 9.43
N PHE J 75 -61.17 -24.62 8.52
CA PHE J 75 -62.45 -24.09 8.88
C PHE J 75 -63.49 -25.00 8.28
N LEU J 76 -64.10 -25.84 9.13
CA LEU J 76 -65.20 -26.73 8.74
C LEU J 76 -66.42 -25.83 8.55
N ASN J 77 -66.84 -25.64 7.30
CA ASN J 77 -67.93 -24.74 7.00
C ASN J 77 -69.28 -25.39 6.82
N LYS J 78 -70.32 -24.57 6.77
CA LYS J 78 -71.65 -25.12 6.60
C LYS J 78 -72.10 -26.06 7.73
N CYS J 79 -71.60 -25.84 8.95
CA CYS J 79 -71.99 -26.67 10.09
C CYS J 79 -73.42 -26.32 10.51
N ASP J 80 -73.96 -25.26 9.94
CA ASP J 80 -75.31 -24.89 10.25
C ASP J 80 -76.23 -25.85 9.51
N MET J 81 -75.66 -26.86 8.85
CA MET J 81 -76.45 -27.83 8.08
C MET J 81 -76.40 -29.15 8.79
N VAL J 82 -75.27 -29.50 9.36
CA VAL J 82 -75.13 -30.79 10.03
C VAL J 82 -75.50 -30.66 11.49
N ASP J 83 -75.88 -31.76 12.14
CA ASP J 83 -76.23 -31.75 13.58
C ASP J 83 -75.96 -33.12 14.18
N ASP J 84 -74.96 -33.76 13.63
CA ASP J 84 -74.55 -35.03 14.10
C ASP J 84 -73.08 -34.90 14.52
N GLU J 85 -72.85 -34.72 15.81
CA GLU J 85 -71.50 -34.62 16.33
C GLU J 85 -70.62 -35.74 15.83
N GLU J 86 -71.21 -36.90 15.58
CA GLU J 86 -70.47 -38.03 15.11
C GLU J 86 -70.01 -37.79 13.66
N LEU J 87 -70.92 -37.31 12.80
CA LEU J 87 -70.56 -37.02 11.41
C LEU J 87 -69.40 -36.03 11.32
N LEU J 88 -69.48 -34.95 12.10
CA LEU J 88 -68.44 -33.93 12.11
C LEU J 88 -67.11 -34.54 12.54
N GLU J 89 -67.11 -35.31 13.60
CA GLU J 89 -65.88 -35.94 14.07
C GLU J 89 -65.29 -36.78 12.99
N LEU J 90 -66.15 -37.31 12.13
CA LEU J 90 -65.68 -38.13 11.05
C LEU J 90 -64.96 -37.30 9.99
N VAL J 91 -65.59 -36.21 9.52
CA VAL J 91 -64.95 -35.33 8.53
C VAL J 91 -63.61 -34.84 9.06
N GLU J 92 -63.54 -34.39 10.33
CA GLU J 92 -62.26 -33.91 10.85
C GLU J 92 -61.15 -34.92 10.70
N MET J 93 -61.42 -36.15 11.13
CA MET J 93 -60.39 -37.20 11.03
C MET J 93 -59.91 -37.35 9.61
N GLU J 94 -60.86 -37.30 8.66
CA GLU J 94 -60.53 -37.42 7.26
C GLU J 94 -59.53 -36.31 6.90
N VAL J 95 -59.88 -35.07 7.23
CA VAL J 95 -59.04 -33.90 6.97
C VAL J 95 -57.67 -34.01 7.63
N ARG J 96 -57.64 -34.33 8.92
CA ARG J 96 -56.37 -34.40 9.59
C ARG J 96 -55.44 -35.40 8.95
N GLU J 97 -56.03 -36.49 8.45
CA GLU J 97 -55.26 -37.55 7.83
C GLU J 97 -54.70 -37.00 6.48
N LEU J 98 -55.60 -36.36 5.74
CA LEU J 98 -55.29 -35.74 4.46
C LEU J 98 -54.14 -34.75 4.63
N LEU J 99 -54.18 -33.95 5.68
CA LEU J 99 -53.09 -32.99 5.90
C LEU J 99 -51.78 -33.73 6.17
N SER J 100 -51.84 -34.73 7.04
CA SER J 100 -50.66 -35.53 7.44
C SER J 100 -50.03 -36.17 6.21
N GLN J 101 -50.89 -36.54 5.28
CA GLN J 101 -50.44 -37.17 4.07
C GLN J 101 -49.46 -36.31 3.33
N TYR J 102 -49.58 -34.98 3.46
CA TYR J 102 -48.66 -34.09 2.76
C TYR J 102 -47.72 -33.37 3.66
N ASP J 103 -47.45 -34.00 4.80
CA ASP J 103 -46.48 -33.51 5.79
C ASP J 103 -46.89 -32.33 6.63
N PHE J 104 -48.19 -32.07 6.71
CA PHE J 104 -48.64 -30.99 7.56
C PHE J 104 -49.06 -31.70 8.82
N PRO J 105 -48.79 -31.10 9.98
CA PRO J 105 -49.15 -31.67 11.30
C PRO J 105 -50.64 -31.87 11.50
N GLY J 106 -51.23 -32.82 10.80
CA GLY J 106 -52.66 -33.05 10.90
C GLY J 106 -53.24 -33.19 12.30
N ASP J 107 -52.40 -33.51 13.28
CA ASP J 107 -52.90 -33.66 14.63
C ASP J 107 -52.95 -32.34 15.36
N ASP J 108 -51.89 -31.56 15.28
CA ASP J 108 -51.88 -30.25 15.91
C ASP J 108 -52.57 -29.14 15.12
N THR J 109 -53.10 -29.44 13.93
CA THR J 109 -53.77 -28.46 13.10
C THR J 109 -55.09 -28.00 13.74
N PRO J 110 -55.28 -26.68 13.89
CA PRO J 110 -56.54 -26.17 14.48
C PRO J 110 -57.70 -26.34 13.51
N ILE J 111 -58.84 -26.75 14.00
CA ILE J 111 -59.98 -26.88 13.11
C ILE J 111 -61.16 -26.20 13.78
N VAL J 112 -61.72 -25.20 13.13
CA VAL J 112 -62.85 -24.49 13.68
C VAL J 112 -64.11 -24.97 12.99
N ARG J 113 -65.17 -25.22 13.76
CA ARG J 113 -66.44 -25.65 13.20
C ARG J 113 -67.33 -24.39 13.17
N GLY J 114 -67.72 -23.95 11.98
CA GLY J 114 -68.54 -22.77 11.91
C GLY J 114 -69.47 -22.69 10.72
N SER J 115 -70.02 -21.51 10.53
CA SER J 115 -70.89 -21.27 9.44
C SER J 115 -70.65 -19.86 8.96
N ALA J 116 -70.01 -19.76 7.80
CA ALA J 116 -69.68 -18.50 7.22
C ALA J 116 -70.95 -17.73 6.90
N LEU J 117 -71.99 -18.46 6.54
CA LEU J 117 -73.21 -17.85 6.14
C LEU J 117 -73.93 -17.21 7.31
N LYS J 118 -74.24 -18.00 8.34
CA LYS J 118 -74.95 -17.45 9.45
C LYS J 118 -74.16 -16.33 10.13
N ALA J 119 -72.83 -16.50 10.25
CA ALA J 119 -72.01 -15.46 10.87
C ALA J 119 -72.20 -14.15 10.11
N LEU J 120 -72.31 -14.27 8.79
CA LEU J 120 -72.47 -13.10 7.96
C LEU J 120 -73.84 -12.48 8.16
N GLU J 121 -74.81 -13.32 8.48
CA GLU J 121 -76.16 -12.85 8.72
C GLU J 121 -76.31 -12.14 10.04
N GLY J 122 -75.35 -12.33 10.95
CA GLY J 122 -75.40 -11.64 12.22
C GLY J 122 -75.59 -12.52 13.44
N ASP J 123 -76.02 -13.75 13.22
CA ASP J 123 -76.22 -14.69 14.31
C ASP J 123 -74.93 -14.75 15.15
N ALA J 124 -74.93 -14.10 16.31
CA ALA J 124 -73.75 -14.04 17.18
C ALA J 124 -73.20 -15.37 17.68
N GLU J 125 -74.02 -16.41 17.75
CA GLU J 125 -73.47 -17.68 18.22
C GLU J 125 -72.49 -18.24 17.19
N TRP J 126 -72.68 -17.82 15.94
CA TRP J 126 -71.84 -18.22 14.80
C TRP J 126 -70.67 -17.23 14.58
N GLU J 127 -70.91 -15.96 14.88
CA GLU J 127 -69.91 -14.94 14.76
C GLU J 127 -68.78 -15.33 15.72
N ALA J 128 -69.16 -16.01 16.79
CA ALA J 128 -68.18 -16.43 17.76
C ALA J 128 -67.11 -17.27 17.11
N LYS J 129 -67.52 -18.19 16.25
CA LYS J 129 -66.59 -19.08 15.59
C LYS J 129 -65.62 -18.29 14.71
N ILE J 130 -66.10 -17.19 14.14
CA ILE J 130 -65.23 -16.34 13.31
C ILE J 130 -64.15 -15.78 14.20
N LEU J 131 -64.53 -15.30 15.37
CA LEU J 131 -63.54 -14.78 16.29
C LEU J 131 -62.53 -15.88 16.75
N GLU J 132 -62.99 -17.11 16.84
CA GLU J 132 -62.13 -18.21 17.25
C GLU J 132 -61.09 -18.42 16.17
N LEU J 133 -61.54 -18.34 14.92
CA LEU J 133 -60.67 -18.50 13.78
C LEU J 133 -59.58 -17.44 13.81
N ALA J 134 -60.01 -16.21 14.02
CA ALA J 134 -59.10 -15.08 14.06
C ALA J 134 -58.05 -15.25 15.15
N GLY J 135 -58.46 -15.94 16.23
CA GLY J 135 -57.56 -16.17 17.33
C GLY J 135 -56.43 -17.08 16.88
N PHE J 136 -56.80 -18.08 16.08
CA PHE J 136 -55.81 -19.03 15.56
C PHE J 136 -54.89 -18.36 14.54
N LEU J 137 -55.43 -17.41 13.77
CA LEU J 137 -54.61 -16.73 12.80
C LEU J 137 -53.51 -16.06 13.59
N ASP J 138 -53.93 -15.44 14.70
CA ASP J 138 -53.02 -14.72 15.59
C ASP J 138 -52.00 -15.59 16.35
N SER J 139 -52.44 -16.74 16.82
CA SER J 139 -51.57 -17.62 17.59
C SER J 139 -50.85 -18.68 16.80
N TYR J 140 -51.53 -19.31 15.86
CA TYR J 140 -50.93 -20.39 15.12
C TYR J 140 -49.91 -20.01 14.07
N ILE J 141 -50.17 -18.96 13.29
CA ILE J 141 -49.22 -18.55 12.29
C ILE J 141 -48.22 -17.67 12.98
N PRO J 142 -46.95 -18.05 12.96
CA PRO J 142 -45.96 -17.20 13.63
C PRO J 142 -45.68 -16.02 12.78
N GLU J 143 -45.30 -14.92 13.42
CA GLU J 143 -45.00 -13.70 12.67
C GLU J 143 -43.93 -14.04 11.63
N PRO J 144 -44.17 -13.70 10.38
CA PRO J 144 -43.22 -13.98 9.31
C PRO J 144 -41.87 -13.21 9.35
N GLU J 145 -40.83 -13.92 8.77
CA GLU J 145 -39.41 -13.48 8.65
C GLU J 145 -39.24 -12.42 7.57
N ARG J 146 -38.70 -11.28 7.96
CA ARG J 146 -38.51 -10.14 7.06
C ARG J 146 -37.38 -10.33 6.04
N ALA J 147 -37.50 -9.66 4.89
CA ALA J 147 -36.50 -9.77 3.84
C ALA J 147 -35.09 -9.43 4.30
N ILE J 148 -34.96 -8.33 5.03
CA ILE J 148 -33.67 -7.86 5.51
C ILE J 148 -33.00 -8.79 6.48
N ASP J 149 -33.80 -9.62 7.15
CA ASP J 149 -33.24 -10.56 8.13
C ASP J 149 -32.72 -11.84 7.47
N LYS J 150 -33.02 -12.03 6.19
CA LYS J 150 -32.58 -13.21 5.47
C LYS J 150 -31.17 -12.99 4.97
N PRO J 151 -30.49 -14.06 4.57
CA PRO J 151 -29.11 -13.97 4.06
C PRO J 151 -29.02 -13.14 2.75
N PHE J 152 -27.91 -12.36 2.57
CA PHE J 152 -27.69 -11.48 1.39
C PHE J 152 -27.73 -12.19 0.02
N LEU J 153 -28.51 -11.66 -0.92
CA LEU J 153 -28.60 -12.23 -2.25
C LEU J 153 -28.87 -11.08 -3.18
N LEU J 154 -28.09 -10.96 -4.25
CA LEU J 154 -28.28 -9.89 -5.25
C LEU J 154 -28.14 -10.40 -6.67
N PRO J 155 -29.25 -10.42 -7.42
CA PRO J 155 -29.19 -10.89 -8.82
C PRO J 155 -28.53 -9.79 -9.63
N ILE J 156 -27.41 -10.14 -10.27
CA ILE J 156 -26.71 -9.16 -11.07
C ILE J 156 -27.45 -8.80 -12.33
N GLU J 157 -27.73 -7.52 -12.51
CA GLU J 157 -28.44 -7.10 -13.70
C GLU J 157 -27.56 -6.52 -14.76
N ASP J 158 -26.40 -5.97 -14.38
CA ASP J 158 -25.47 -5.40 -15.36
C ASP J 158 -24.10 -5.31 -14.72
N VAL J 159 -23.08 -5.10 -15.54
CA VAL J 159 -21.72 -4.99 -15.03
C VAL J 159 -21.00 -3.84 -15.69
N PHE J 160 -20.18 -3.14 -14.91
CA PHE J 160 -19.39 -2.03 -15.42
C PHE J 160 -18.04 -1.98 -14.75
N SER J 161 -17.19 -1.16 -15.34
CA SER J 161 -15.85 -0.96 -14.80
C SER J 161 -15.70 0.53 -14.74
N ILE J 162 -15.66 1.05 -13.52
CA ILE J 162 -15.50 2.46 -13.32
C ILE J 162 -14.03 2.75 -13.21
N SER J 163 -13.62 3.78 -13.93
CA SER J 163 -12.25 4.24 -14.00
C SER J 163 -11.41 4.25 -12.70
N GLY J 164 -10.39 3.39 -12.66
CA GLY J 164 -9.49 3.32 -11.52
C GLY J 164 -10.02 2.78 -10.19
N ARG J 165 -11.32 2.53 -10.12
CA ARG J 165 -11.89 1.98 -8.90
C ARG J 165 -12.16 0.48 -8.97
N GLY J 166 -12.58 0.02 -10.14
CA GLY J 166 -12.83 -1.41 -10.28
C GLY J 166 -14.10 -1.82 -11.02
N THR J 167 -14.50 -3.07 -10.74
CA THR J 167 -15.70 -3.65 -11.34
C THR J 167 -16.90 -3.42 -10.44
N VAL J 168 -17.99 -2.93 -11.06
CA VAL J 168 -19.25 -2.62 -10.38
C VAL J 168 -20.39 -3.46 -10.92
N VAL J 169 -21.03 -4.23 -10.05
CA VAL J 169 -22.17 -5.04 -10.48
C VAL J 169 -23.42 -4.33 -9.98
N THR J 170 -24.45 -4.25 -10.80
CA THR J 170 -25.67 -3.59 -10.38
C THR J 170 -26.87 -4.52 -10.28
N GLY J 171 -27.87 -4.05 -9.54
CA GLY J 171 -29.09 -4.81 -9.33
C GLY J 171 -29.81 -4.44 -8.04
N ARG J 172 -30.99 -5.02 -7.86
CA ARG J 172 -31.75 -4.77 -6.66
C ARG J 172 -31.44 -5.86 -5.63
N VAL J 173 -31.04 -5.48 -4.42
CA VAL J 173 -30.76 -6.47 -3.41
C VAL J 173 -32.07 -7.16 -3.17
N GLU J 174 -32.11 -8.47 -3.36
CA GLU J 174 -33.34 -9.24 -3.16
C GLU J 174 -33.59 -9.44 -1.68
N ARG J 175 -32.54 -9.71 -0.94
CA ARG J 175 -32.69 -9.91 0.47
C ARG J 175 -31.38 -9.77 1.26
N GLY J 176 -31.49 -9.47 2.55
CA GLY J 176 -30.32 -9.30 3.39
C GLY J 176 -29.70 -7.93 3.30
N ILE J 177 -28.44 -7.86 3.75
CA ILE J 177 -27.67 -6.63 3.75
C ILE J 177 -26.22 -6.85 3.33
N ILE J 178 -25.66 -5.93 2.57
CA ILE J 178 -24.25 -6.04 2.17
C ILE J 178 -23.52 -4.78 2.67
N LYS J 179 -22.45 -4.98 3.44
CA LYS J 179 -21.68 -3.85 3.97
C LYS J 179 -20.29 -3.83 3.34
N VAL J 180 -19.75 -2.64 3.09
CA VAL J 180 -18.42 -2.51 2.50
C VAL J 180 -17.45 -3.29 3.35
N GLY J 181 -16.62 -4.08 2.70
CA GLY J 181 -15.66 -4.88 3.45
C GLY J 181 -16.05 -6.33 3.57
N GLU J 182 -17.35 -6.63 3.55
CA GLU J 182 -17.82 -8.02 3.64
C GLU J 182 -17.42 -8.84 2.41
N GLU J 183 -17.24 -10.14 2.64
CA GLU J 183 -16.85 -11.08 1.60
C GLU J 183 -18.13 -11.61 0.96
N VAL J 184 -18.12 -11.77 -0.36
CA VAL J 184 -19.29 -12.28 -1.06
C VAL J 184 -18.89 -13.42 -2.03
N GLU J 185 -19.88 -14.19 -2.48
CA GLU J 185 -19.60 -15.23 -3.47
C GLU J 185 -20.40 -14.89 -4.70
N ILE J 186 -19.85 -15.26 -5.86
CA ILE J 186 -20.51 -15.05 -7.13
C ILE J 186 -20.87 -16.48 -7.49
N VAL J 187 -22.16 -16.83 -7.44
CA VAL J 187 -22.54 -18.20 -7.77
C VAL J 187 -23.46 -18.37 -8.99
N GLY J 188 -23.23 -19.50 -9.68
CA GLY J 188 -24.01 -19.85 -10.85
C GLY J 188 -23.23 -19.83 -12.15
N ILE J 189 -23.71 -20.58 -13.14
CA ILE J 189 -23.09 -20.70 -14.47
C ILE J 189 -21.68 -21.29 -14.39
N LYS J 190 -20.73 -20.46 -13.99
CA LYS J 190 -19.30 -20.77 -13.82
C LYS J 190 -19.10 -21.53 -12.50
N GLU J 191 -17.87 -21.51 -12.01
CA GLU J 191 -17.58 -22.15 -10.74
C GLU J 191 -17.62 -21.01 -9.73
N THR J 192 -18.13 -21.32 -8.54
CA THR J 192 -18.25 -20.31 -7.49
C THR J 192 -16.92 -19.57 -7.27
N GLN J 193 -16.95 -18.23 -7.40
CA GLN J 193 -15.78 -17.38 -7.18
C GLN J 193 -16.04 -16.60 -5.91
N LYS J 194 -14.98 -16.24 -5.18
CA LYS J 194 -15.14 -15.48 -3.96
C LYS J 194 -14.54 -14.09 -4.18
N SER J 195 -15.01 -13.08 -3.44
CA SER J 195 -14.48 -11.72 -3.59
C SER J 195 -14.82 -10.89 -2.39
N THR J 196 -14.41 -9.64 -2.41
CA THR J 196 -14.69 -8.77 -1.29
C THR J 196 -15.36 -7.49 -1.77
N CYS J 197 -16.37 -7.06 -1.03
CA CYS J 197 -17.08 -5.85 -1.37
C CYS J 197 -16.19 -4.71 -0.94
N THR J 198 -15.74 -3.91 -1.90
CA THR J 198 -14.89 -2.79 -1.57
C THR J 198 -15.69 -1.49 -1.69
N GLY J 199 -17.01 -1.61 -1.83
CA GLY J 199 -17.82 -0.40 -1.94
C GLY J 199 -19.24 -0.62 -2.40
N VAL J 200 -20.10 0.32 -2.05
CA VAL J 200 -21.51 0.29 -2.41
C VAL J 200 -21.82 1.70 -2.83
N GLU J 201 -22.31 1.88 -4.03
CA GLU J 201 -22.57 3.21 -4.48
C GLU J 201 -23.98 3.29 -5.00
N MET J 202 -24.58 4.48 -4.98
CA MET J 202 -25.93 4.65 -5.45
C MET J 202 -26.02 6.08 -5.95
N PHE J 203 -25.94 6.22 -7.25
CA PHE J 203 -25.91 7.52 -7.89
C PHE J 203 -25.03 8.52 -7.17
N ARG J 204 -23.72 8.27 -7.29
CA ARG J 204 -22.64 9.08 -6.71
C ARG J 204 -22.59 9.03 -5.20
N LYS J 205 -23.78 9.13 -4.61
CA LYS J 205 -23.99 9.11 -3.17
C LYS J 205 -23.37 7.88 -2.51
N LEU J 206 -22.44 8.18 -1.64
CA LEU J 206 -21.64 7.28 -0.83
C LEU J 206 -22.38 6.44 0.21
N LEU J 207 -22.37 5.10 0.16
CA LEU J 207 -23.07 4.34 1.20
C LEU J 207 -22.14 3.38 1.91
N ASP J 208 -22.45 3.02 3.15
CA ASP J 208 -21.60 2.02 3.81
C ASP J 208 -22.22 0.62 3.69
N GLU J 209 -23.51 0.54 3.24
CA GLU J 209 -24.24 -0.73 3.04
C GLU J 209 -25.41 -0.69 2.04
N GLY J 210 -25.76 -1.86 1.51
CA GLY J 210 -26.86 -1.98 0.58
C GLY J 210 -27.90 -2.84 1.28
N ARG J 211 -29.14 -2.39 1.27
CA ARG J 211 -30.21 -3.12 1.95
C ARG J 211 -31.23 -3.71 1.01
N ALA J 212 -31.83 -4.81 1.45
CA ALA J 212 -32.89 -5.47 0.69
C ALA J 212 -33.87 -4.40 0.14
N GLY J 213 -34.17 -4.47 -1.15
CA GLY J 213 -35.10 -3.52 -1.72
C GLY J 213 -34.47 -2.39 -2.49
N GLU J 214 -33.21 -2.07 -2.15
CA GLU J 214 -32.49 -0.99 -2.81
C GLU J 214 -31.76 -1.42 -4.07
N ASN J 215 -31.83 -0.55 -5.07
CA ASN J 215 -31.15 -0.73 -6.35
C ASN J 215 -29.77 -0.12 -6.14
N VAL J 216 -28.76 -0.96 -5.89
CA VAL J 216 -27.42 -0.45 -5.68
C VAL J 216 -26.40 -0.97 -6.70
N GLY J 217 -25.17 -0.54 -6.52
CA GLY J 217 -24.08 -0.97 -7.36
C GLY J 217 -23.06 -1.47 -6.37
N VAL J 218 -22.57 -2.68 -6.55
CA VAL J 218 -21.57 -3.21 -5.64
C VAL J 218 -20.19 -3.27 -6.32
N LEU J 219 -19.18 -2.75 -5.64
CA LEU J 219 -17.80 -2.73 -6.14
C LEU J 219 -17.06 -3.94 -5.65
N LEU J 220 -16.43 -4.65 -6.58
CA LEU J 220 -15.71 -5.86 -6.24
C LEU J 220 -14.20 -5.78 -6.41
N ARG J 221 -13.49 -6.36 -5.44
CA ARG J 221 -12.04 -6.39 -5.44
C ARG J 221 -11.50 -7.36 -6.47
N GLY J 222 -10.70 -6.82 -7.39
CA GLY J 222 -10.09 -7.63 -8.41
C GLY J 222 -10.85 -8.78 -9.06
N ILE J 223 -11.78 -8.41 -9.94
CA ILE J 223 -12.52 -9.39 -10.71
C ILE J 223 -12.95 -8.64 -11.93
N LYS J 224 -12.45 -9.12 -13.06
CA LYS J 224 -12.70 -8.51 -14.35
C LYS J 224 -14.15 -8.39 -14.72
N ARG J 225 -14.46 -7.31 -15.38
CA ARG J 225 -15.80 -7.10 -15.84
C ARG J 225 -16.22 -8.25 -16.76
N GLU J 226 -15.26 -9.04 -17.21
CA GLU J 226 -15.52 -10.14 -18.14
C GLU J 226 -15.74 -11.49 -17.48
N GLU J 227 -15.41 -11.60 -16.20
CA GLU J 227 -15.58 -12.87 -15.50
C GLU J 227 -16.99 -13.06 -14.93
N ILE J 228 -17.83 -12.05 -15.13
CA ILE J 228 -19.21 -12.06 -14.67
C ILE J 228 -20.12 -12.47 -15.79
N GLU J 229 -20.79 -13.61 -15.59
CA GLU J 229 -21.73 -14.17 -16.58
C GLU J 229 -23.16 -13.81 -16.21
N ARG J 230 -23.99 -13.58 -17.22
CA ARG J 230 -25.41 -13.29 -17.03
C ARG J 230 -26.04 -14.49 -16.29
N GLY J 231 -26.84 -14.24 -15.27
CA GLY J 231 -27.44 -15.36 -14.58
C GLY J 231 -26.81 -15.63 -13.24
N GLN J 232 -25.68 -14.99 -12.99
CA GLN J 232 -24.99 -15.18 -11.72
C GLN J 232 -25.57 -14.27 -10.66
N VAL J 233 -25.36 -14.62 -9.39
CA VAL J 233 -25.88 -13.78 -8.28
C VAL J 233 -24.79 -13.57 -7.25
N LEU J 234 -24.90 -12.49 -6.51
CA LEU J 234 -23.95 -12.17 -5.46
C LEU J 234 -24.62 -12.68 -4.19
N ALA J 235 -23.88 -13.35 -3.31
CA ALA J 235 -24.52 -13.88 -2.11
C ALA J 235 -23.58 -14.04 -0.92
N LYS J 236 -24.14 -13.98 0.29
CA LYS J 236 -23.35 -14.18 1.49
C LYS J 236 -22.77 -15.57 1.29
N PRO J 237 -21.45 -15.72 1.42
CA PRO J 237 -20.78 -17.00 1.23
C PRO J 237 -21.46 -18.19 1.90
N GLY J 238 -21.55 -19.29 1.16
CA GLY J 238 -22.15 -20.51 1.68
C GLY J 238 -23.62 -20.43 2.03
N THR J 239 -24.36 -19.45 1.54
CA THR J 239 -25.76 -19.39 1.88
C THR J 239 -26.66 -19.93 0.80
N ILE J 240 -26.16 -19.97 -0.43
CA ILE J 240 -26.94 -20.48 -1.55
C ILE J 240 -25.97 -21.20 -2.43
N LYS J 241 -26.30 -22.41 -2.79
CA LYS J 241 -25.39 -23.17 -3.60
C LYS J 241 -25.96 -23.37 -4.98
N PRO J 242 -25.10 -23.52 -5.99
CA PRO J 242 -25.56 -23.72 -7.38
C PRO J 242 -26.08 -25.16 -7.54
N HIS J 243 -27.15 -25.32 -8.33
CA HIS J 243 -27.71 -26.64 -8.61
C HIS J 243 -28.11 -26.77 -10.07
N THR J 244 -28.40 -28.01 -10.47
CA THR J 244 -28.79 -28.26 -11.83
C THR J 244 -30.01 -29.15 -11.96
N LYS J 245 -30.28 -29.95 -10.92
CA LYS J 245 -31.44 -30.85 -10.93
C LYS J 245 -32.40 -30.50 -9.81
N PHE J 246 -33.65 -30.25 -10.16
CA PHE J 246 -34.64 -29.91 -9.16
C PHE J 246 -35.99 -30.44 -9.57
N GLU J 247 -36.86 -30.56 -8.59
CA GLU J 247 -38.22 -31.01 -8.81
C GLU J 247 -39.03 -29.72 -8.77
N SER J 248 -40.09 -29.64 -9.55
CA SER J 248 -40.88 -28.43 -9.56
C SER J 248 -42.34 -28.61 -9.98
N GLU J 249 -43.15 -27.59 -9.70
CA GLU J 249 -44.56 -27.60 -10.06
C GLU J 249 -44.66 -26.53 -11.13
N VAL J 250 -45.29 -26.83 -12.27
CA VAL J 250 -45.38 -25.85 -13.34
C VAL J 250 -46.76 -25.73 -13.90
N TYR J 251 -47.04 -24.56 -14.45
CA TYR J 251 -48.31 -24.28 -15.08
C TYR J 251 -47.93 -23.93 -16.50
N ILE J 252 -48.62 -24.56 -17.44
CA ILE J 252 -48.36 -24.34 -18.85
C ILE J 252 -49.47 -23.45 -19.41
N LEU J 253 -49.11 -22.24 -19.86
CA LEU J 253 -50.10 -21.34 -20.37
C LEU J 253 -50.96 -21.98 -21.42
N SER J 254 -52.21 -21.58 -21.42
CA SER J 254 -53.18 -22.04 -22.41
C SER J 254 -52.91 -21.26 -23.70
N LYS J 255 -53.56 -21.65 -24.79
CA LYS J 255 -53.35 -20.98 -26.07
C LYS J 255 -53.70 -19.49 -25.93
N ASP J 256 -54.86 -19.26 -25.33
CA ASP J 256 -55.38 -17.92 -25.10
C ASP J 256 -54.45 -17.05 -24.30
N GLU J 257 -53.76 -17.63 -23.31
CA GLU J 257 -52.85 -16.81 -22.51
C GLU J 257 -51.60 -16.50 -23.31
N GLY J 258 -51.57 -17.00 -24.55
CA GLY J 258 -50.45 -16.76 -25.45
C GLY J 258 -49.37 -17.81 -25.37
N GLY J 259 -49.76 -19.01 -24.96
CA GLY J 259 -48.81 -20.10 -24.84
C GLY J 259 -48.81 -20.98 -26.07
N ARG J 260 -48.33 -22.21 -25.94
CA ARG J 260 -48.27 -23.16 -27.03
C ARG J 260 -49.66 -23.51 -27.55
N HIS J 261 -49.74 -23.95 -28.81
CA HIS J 261 -51.00 -24.35 -29.45
C HIS J 261 -51.14 -25.85 -29.33
N THR J 262 -49.99 -26.51 -29.33
CA THR J 262 -49.91 -27.97 -29.24
C THR J 262 -49.24 -28.45 -28.00
N PRO J 263 -49.61 -29.65 -27.55
CA PRO J 263 -48.99 -30.21 -26.35
C PRO J 263 -47.56 -30.54 -26.65
N PHE J 264 -46.78 -30.80 -25.62
CA PHE J 264 -45.40 -31.16 -25.83
C PHE J 264 -45.22 -32.57 -25.23
N PHE J 265 -44.17 -33.28 -25.64
CA PHE J 265 -43.97 -34.64 -25.12
C PHE J 265 -42.64 -34.82 -24.45
N LYS J 266 -42.36 -36.05 -24.04
CA LYS J 266 -41.08 -36.35 -23.39
C LYS J 266 -39.99 -35.84 -24.34
N GLY J 267 -38.86 -35.38 -23.80
CA GLY J 267 -37.82 -34.92 -24.70
C GLY J 267 -37.91 -33.45 -25.14
N TYR J 268 -38.84 -32.73 -24.52
CA TYR J 268 -39.01 -31.30 -24.77
C TYR J 268 -37.82 -30.67 -24.06
N ARG J 269 -37.11 -29.78 -24.74
CA ARG J 269 -35.93 -29.15 -24.15
C ARG J 269 -36.09 -27.67 -24.31
N PRO J 270 -36.87 -27.03 -23.42
CA PRO J 270 -37.09 -25.58 -23.51
C PRO J 270 -36.06 -24.81 -22.70
N GLN J 271 -36.30 -23.53 -22.56
CA GLN J 271 -35.39 -22.71 -21.80
C GLN J 271 -36.06 -22.28 -20.50
N PHE J 272 -35.31 -22.28 -19.41
CA PHE J 272 -35.82 -21.89 -18.12
C PHE J 272 -35.25 -20.54 -17.72
N TYR J 273 -36.13 -19.56 -17.54
CA TYR J 273 -35.73 -18.22 -17.15
C TYR J 273 -35.62 -18.08 -15.63
N PHE J 274 -34.40 -17.89 -15.17
CA PHE J 274 -34.09 -17.73 -13.76
C PHE J 274 -33.49 -16.36 -13.49
N ARG J 275 -34.33 -15.46 -12.98
CA ARG J 275 -33.94 -14.10 -12.68
C ARG J 275 -33.50 -13.30 -13.90
N THR J 276 -32.37 -13.65 -14.52
CA THR J 276 -31.89 -12.86 -15.64
C THR J 276 -31.57 -13.51 -16.97
N THR J 277 -31.48 -14.84 -17.03
CA THR J 277 -31.23 -15.49 -18.33
C THR J 277 -32.01 -16.75 -18.51
N ASP J 278 -31.94 -17.26 -19.74
CA ASP J 278 -32.54 -18.52 -20.06
C ASP J 278 -31.41 -19.54 -19.85
N VAL J 279 -31.79 -20.74 -19.45
CA VAL J 279 -30.84 -21.84 -19.30
C VAL J 279 -31.58 -23.05 -19.82
N THR J 280 -31.05 -23.73 -20.84
CA THR J 280 -31.74 -24.89 -21.39
C THR J 280 -31.75 -26.09 -20.44
N GLY J 281 -32.78 -26.91 -20.54
CA GLY J 281 -32.85 -28.03 -19.62
C GLY J 281 -33.64 -29.19 -20.17
N THR J 282 -33.50 -30.35 -19.54
CA THR J 282 -34.24 -31.52 -19.98
C THR J 282 -35.35 -31.73 -18.99
N ILE J 283 -36.38 -32.42 -19.47
CA ILE J 283 -37.60 -32.69 -18.72
C ILE J 283 -37.98 -34.13 -18.45
N GLU J 284 -38.28 -34.44 -17.21
CA GLU J 284 -38.70 -35.79 -16.88
C GLU J 284 -40.11 -35.66 -16.37
N LEU J 285 -41.07 -36.17 -17.12
CA LEU J 285 -42.47 -36.09 -16.70
C LEU J 285 -42.75 -37.21 -15.70
N PRO J 286 -43.86 -37.13 -14.94
CA PRO J 286 -44.11 -38.23 -14.00
C PRO J 286 -44.52 -39.51 -14.74
N GLU J 287 -44.45 -40.63 -14.05
CA GLU J 287 -44.76 -41.86 -14.74
C GLU J 287 -46.19 -41.88 -15.16
N GLY J 288 -46.42 -42.24 -16.42
CA GLY J 288 -47.77 -42.32 -16.90
C GLY J 288 -48.13 -41.20 -17.84
N VAL J 289 -47.44 -40.07 -17.74
CA VAL J 289 -47.76 -38.94 -18.61
C VAL J 289 -46.80 -38.90 -19.79
N GLU J 290 -47.38 -38.86 -20.98
CA GLU J 290 -46.58 -38.87 -22.17
C GLU J 290 -46.58 -37.54 -22.87
N MET J 291 -47.60 -36.75 -22.60
CA MET J 291 -47.76 -35.43 -23.20
C MET J 291 -48.41 -34.45 -22.24
N VAL J 292 -47.97 -33.19 -22.27
CA VAL J 292 -48.54 -32.15 -21.43
C VAL J 292 -49.32 -31.16 -22.31
N MET J 293 -50.58 -30.92 -21.96
CA MET J 293 -51.48 -30.04 -22.68
C MET J 293 -51.34 -28.57 -22.28
N PRO J 294 -51.63 -27.64 -23.21
CA PRO J 294 -51.53 -26.23 -22.79
C PRO J 294 -52.62 -26.05 -21.75
N GLY J 295 -52.32 -25.35 -20.65
CA GLY J 295 -53.31 -25.15 -19.62
C GLY J 295 -53.22 -26.12 -18.45
N ASP J 296 -52.33 -27.10 -18.54
CA ASP J 296 -52.15 -28.07 -17.45
C ASP J 296 -51.09 -27.63 -16.45
N ASN J 297 -51.18 -28.13 -15.23
CA ASN J 297 -50.14 -27.87 -14.27
C ASN J 297 -49.62 -29.31 -14.00
N ILE J 298 -48.31 -29.46 -13.85
CA ILE J 298 -47.74 -30.78 -13.72
C ILE J 298 -46.47 -30.79 -12.88
N LYS J 299 -46.22 -31.88 -12.15
CA LYS J 299 -44.97 -32.01 -11.37
C LYS J 299 -43.96 -32.30 -12.46
N MET J 300 -42.77 -31.77 -12.30
CA MET J 300 -41.80 -31.96 -13.37
C MET J 300 -40.36 -31.88 -12.87
N VAL J 301 -39.53 -32.90 -13.17
CA VAL J 301 -38.13 -32.89 -12.73
C VAL J 301 -37.30 -32.31 -13.87
N VAL J 302 -36.49 -31.32 -13.53
CA VAL J 302 -35.72 -30.64 -14.56
C VAL J 302 -34.22 -30.73 -14.34
N THR J 303 -33.48 -30.84 -15.44
CA THR J 303 -32.04 -30.91 -15.34
C THR J 303 -31.49 -29.82 -16.25
N LEU J 304 -30.74 -28.90 -15.64
CA LEU J 304 -30.18 -27.78 -16.35
C LEU J 304 -28.85 -28.06 -16.95
N ILE J 305 -28.56 -27.40 -18.06
CA ILE J 305 -27.28 -27.49 -18.76
C ILE J 305 -26.19 -26.84 -17.91
N HIS J 306 -26.51 -25.70 -17.31
CA HIS J 306 -25.57 -24.95 -16.48
C HIS J 306 -26.13 -24.83 -15.07
N PRO J 307 -25.27 -24.74 -14.06
CA PRO J 307 -25.83 -24.63 -12.71
C PRO J 307 -26.27 -23.20 -12.42
N ILE J 308 -27.33 -23.09 -11.63
CA ILE J 308 -27.89 -21.79 -11.27
C ILE J 308 -28.02 -21.72 -9.73
N ALA J 309 -27.75 -20.56 -9.15
CA ALA J 309 -27.90 -20.39 -7.68
C ALA J 309 -29.39 -20.48 -7.35
N MET J 310 -29.77 -21.48 -6.57
CA MET J 310 -31.18 -21.65 -6.25
C MET J 310 -31.48 -22.36 -4.95
N ASP J 311 -32.66 -22.10 -4.39
CA ASP J 311 -33.15 -22.77 -3.18
C ASP J 311 -34.63 -23.00 -3.36
N ASP J 312 -35.20 -23.84 -2.49
CA ASP J 312 -36.61 -24.19 -2.56
C ASP J 312 -37.43 -22.92 -2.68
N GLY J 313 -38.49 -22.98 -3.48
CA GLY J 313 -39.35 -21.82 -3.63
C GLY J 313 -39.03 -20.78 -4.71
N LEU J 314 -37.85 -20.85 -5.35
CA LEU J 314 -37.51 -19.90 -6.40
C LEU J 314 -38.45 -20.05 -7.57
N ARG J 315 -38.92 -18.94 -8.13
CA ARG J 315 -39.87 -18.98 -9.26
C ARG J 315 -39.10 -18.86 -10.57
N PHE J 316 -39.69 -19.31 -11.68
CA PHE J 316 -39.02 -19.26 -12.97
C PHE J 316 -40.03 -19.35 -14.09
N ALA J 317 -39.59 -18.97 -15.29
CA ALA J 317 -40.47 -19.04 -16.46
C ALA J 317 -39.91 -20.08 -17.42
N ILE J 318 -40.77 -20.63 -18.24
CA ILE J 318 -40.33 -21.58 -19.24
C ILE J 318 -40.62 -20.83 -20.51
N ARG J 319 -39.57 -20.67 -21.31
CA ARG J 319 -39.68 -19.95 -22.56
C ARG J 319 -39.25 -20.76 -23.79
N GLU J 320 -39.94 -20.50 -24.90
CA GLU J 320 -39.65 -21.11 -26.18
C GLU J 320 -39.26 -19.96 -27.11
N GLY J 321 -37.96 -19.72 -27.21
CA GLY J 321 -37.46 -18.66 -28.04
C GLY J 321 -38.11 -17.36 -27.66
N GLY J 322 -37.73 -16.83 -26.50
CA GLY J 322 -38.27 -15.56 -26.07
C GLY J 322 -39.70 -15.58 -25.56
N ARG J 323 -40.58 -16.31 -26.23
CA ARG J 323 -41.97 -16.44 -25.82
C ARG J 323 -42.13 -17.26 -24.52
N THR J 324 -42.99 -16.78 -23.62
CA THR J 324 -43.21 -17.48 -22.37
C THR J 324 -44.30 -18.51 -22.52
N VAL J 325 -43.99 -19.76 -22.19
CA VAL J 325 -44.98 -20.82 -22.36
C VAL J 325 -45.47 -21.45 -21.07
N GLY J 326 -44.77 -21.17 -20.00
CA GLY J 326 -45.19 -21.71 -18.72
C GLY J 326 -44.48 -21.03 -17.54
N ALA J 327 -44.94 -21.34 -16.34
CA ALA J 327 -44.32 -20.75 -15.17
C ALA J 327 -44.24 -21.85 -14.15
N GLY J 328 -43.23 -21.76 -13.27
CA GLY J 328 -43.07 -22.78 -12.26
C GLY J 328 -42.31 -22.32 -11.05
N VAL J 329 -42.34 -23.16 -10.02
CA VAL J 329 -41.64 -22.87 -8.81
C VAL J 329 -40.82 -24.12 -8.47
N VAL J 330 -39.62 -23.91 -7.91
CA VAL J 330 -38.73 -24.97 -7.53
C VAL J 330 -39.28 -25.60 -6.24
N ALA J 331 -39.82 -26.81 -6.33
CA ALA J 331 -40.38 -27.49 -5.17
C ALA J 331 -39.30 -28.00 -4.23
N LYS J 332 -38.23 -28.57 -4.79
CA LYS J 332 -37.11 -29.06 -3.96
C LYS J 332 -35.92 -29.29 -4.86
N VAL J 333 -34.73 -28.85 -4.43
CA VAL J 333 -33.57 -29.07 -5.30
C VAL J 333 -33.07 -30.49 -5.07
N LEU J 334 -32.44 -31.06 -6.09
CA LEU J 334 -31.93 -32.43 -6.01
C LEU J 334 -30.40 -32.54 -6.22
N GLY J 335 -29.88 -31.80 -7.21
CA GLY J 335 -28.48 -31.86 -7.51
C GLY J 335 -27.96 -30.49 -7.87
N THR K 1 -52.78 -11.52 -31.59
CA THR K 1 -52.44 -10.78 -30.35
C THR K 1 -53.48 -9.67 -30.00
N LYS K 2 -54.42 -9.95 -29.10
CA LYS K 2 -55.49 -9.00 -28.73
C LYS K 2 -55.09 -7.75 -27.96
N PRO K 3 -55.75 -6.64 -28.22
CA PRO K 3 -55.40 -5.43 -27.47
C PRO K 3 -55.87 -5.67 -26.03
N HIS K 4 -55.19 -5.02 -25.10
CA HIS K 4 -55.49 -5.17 -23.70
C HIS K 4 -56.02 -3.87 -23.15
N VAL K 5 -57.19 -3.92 -22.55
CA VAL K 5 -57.79 -2.73 -22.00
C VAL K 5 -58.12 -2.88 -20.52
N ASN K 6 -57.84 -1.86 -19.72
CA ASN K 6 -58.11 -1.87 -18.30
C ASN K 6 -59.37 -1.10 -17.98
N VAL K 7 -60.34 -1.76 -17.36
CA VAL K 7 -61.56 -1.08 -17.00
C VAL K 7 -61.85 -1.41 -15.56
N GLY K 8 -62.99 -0.91 -15.06
CA GLY K 8 -63.38 -1.16 -13.69
C GLY K 8 -64.79 -0.63 -13.50
N THR K 9 -65.42 -1.03 -12.42
CA THR K 9 -66.76 -0.56 -12.10
C THR K 9 -66.66 0.47 -10.99
N ILE K 10 -67.28 1.64 -11.17
CA ILE K 10 -67.30 2.66 -10.12
C ILE K 10 -68.74 2.95 -9.84
N GLY K 11 -69.00 3.69 -8.77
CA GLY K 11 -70.38 4.00 -8.42
C GLY K 11 -70.68 3.87 -6.94
N HIS K 12 -71.89 4.27 -6.59
CA HIS K 12 -72.28 4.29 -5.20
C HIS K 12 -72.39 2.89 -4.65
N VAL K 13 -72.20 2.75 -3.34
CA VAL K 13 -72.28 1.45 -2.72
C VAL K 13 -73.67 0.87 -2.89
N ASP K 14 -73.72 -0.44 -2.97
CA ASP K 14 -74.94 -1.21 -3.15
C ASP K 14 -75.71 -0.99 -4.44
N HIS K 15 -75.14 -0.26 -5.40
CA HIS K 15 -75.83 -0.06 -6.68
C HIS K 15 -75.66 -1.23 -7.66
N GLY K 16 -74.78 -2.19 -7.32
CA GLY K 16 -74.60 -3.37 -8.15
C GLY K 16 -73.27 -3.59 -8.85
N LYS K 17 -72.25 -2.82 -8.49
CA LYS K 17 -70.97 -2.94 -9.12
C LYS K 17 -70.45 -4.37 -9.19
N THR K 18 -70.46 -5.05 -8.06
CA THR K 18 -69.95 -6.41 -8.00
C THR K 18 -70.83 -7.44 -8.73
N THR K 19 -72.14 -7.29 -8.63
CA THR K 19 -73.03 -8.24 -9.30
C THR K 19 -72.86 -8.11 -10.83
N LEU K 20 -72.76 -6.87 -11.31
CA LEU K 20 -72.55 -6.60 -12.72
C LEU K 20 -71.22 -7.24 -13.13
N THR K 21 -70.18 -7.08 -12.30
CA THR K 21 -68.89 -7.67 -12.65
C THR K 21 -69.06 -9.16 -12.87
N ALA K 22 -69.75 -9.85 -11.97
CA ALA K 22 -69.99 -11.29 -12.11
C ALA K 22 -70.74 -11.57 -13.43
N ALA K 23 -71.81 -10.83 -13.66
CA ALA K 23 -72.62 -10.96 -14.85
C ALA K 23 -71.78 -10.85 -16.13
N ILE K 24 -70.95 -9.82 -16.21
CA ILE K 24 -70.12 -9.66 -17.41
C ILE K 24 -69.28 -10.93 -17.63
N THR K 25 -68.52 -11.32 -16.63
CA THR K 25 -67.69 -12.50 -16.82
C THR K 25 -68.46 -13.76 -17.19
N THR K 26 -69.65 -13.95 -16.61
CA THR K 26 -70.47 -15.11 -16.91
C THR K 26 -71.00 -15.07 -18.33
N VAL K 27 -71.85 -14.08 -18.61
CA VAL K 27 -72.42 -13.93 -19.94
C VAL K 27 -71.38 -13.93 -21.08
N LEU K 28 -70.22 -13.35 -20.86
CA LEU K 28 -69.25 -13.32 -21.93
C LEU K 28 -68.66 -14.69 -22.22
N ALA K 29 -68.33 -15.45 -21.18
CA ALA K 29 -67.76 -16.79 -21.37
C ALA K 29 -68.85 -17.70 -22.02
N LYS K 30 -70.05 -17.62 -21.46
CA LYS K 30 -71.17 -18.37 -21.94
C LYS K 30 -71.41 -18.12 -23.42
N THR K 31 -71.22 -16.87 -23.84
CA THR K 31 -71.47 -16.50 -25.23
C THR K 31 -70.29 -16.56 -26.19
N TYR K 32 -69.08 -16.31 -25.75
CA TYR K 32 -67.95 -16.35 -26.67
C TYR K 32 -66.81 -17.36 -26.39
N GLY K 33 -66.97 -18.27 -25.42
CA GLY K 33 -65.91 -19.23 -25.16
C GLY K 33 -66.27 -20.24 -24.09
N GLY L 1 -48.53 0.35 5.39
CA GLY L 1 -48.71 0.93 4.08
C GLY L 1 -50.18 1.18 3.81
N ILE L 2 -50.48 1.70 2.63
CA ILE L 2 -51.87 1.95 2.26
C ILE L 2 -52.62 0.65 2.34
N THR L 3 -53.83 0.71 2.87
CA THR L 3 -54.66 -0.46 2.96
C THR L 3 -55.54 -0.50 1.72
N ILE L 4 -55.42 -1.51 0.87
CA ILE L 4 -56.37 -1.51 -0.24
C ILE L 4 -57.07 -2.81 -0.56
N ASN L 5 -58.37 -2.69 -0.72
CA ASN L 5 -59.24 -3.82 -1.02
C ASN L 5 -59.69 -3.82 -2.48
N THR L 6 -59.29 -4.82 -3.25
CA THR L 6 -59.68 -4.86 -4.65
C THR L 6 -59.95 -6.23 -5.17
N SER L 7 -60.64 -6.28 -6.29
CA SER L 7 -60.95 -7.50 -7.00
C SER L 7 -60.43 -7.28 -8.39
N HIS L 8 -59.76 -8.28 -8.94
CA HIS L 8 -59.25 -8.15 -10.28
C HIS L 8 -59.68 -9.38 -11.13
N VAL L 9 -60.52 -9.18 -12.15
CA VAL L 9 -60.92 -10.28 -13.02
C VAL L 9 -60.57 -9.91 -14.45
N GLU L 10 -60.53 -10.90 -15.33
CA GLU L 10 -60.17 -10.67 -16.71
C GLU L 10 -61.17 -11.40 -17.56
N TYR L 11 -61.47 -10.83 -18.72
CA TYR L 11 -62.43 -11.45 -19.64
C TYR L 11 -62.24 -10.98 -21.07
N ASP L 12 -62.87 -11.70 -21.99
CA ASP L 12 -62.71 -11.43 -23.40
C ASP L 12 -63.95 -11.16 -24.23
N THR L 13 -63.80 -10.30 -25.21
CA THR L 13 -64.85 -10.04 -26.19
C THR L 13 -64.14 -10.58 -27.44
N PRO L 14 -64.85 -10.77 -28.53
CA PRO L 14 -64.16 -11.30 -29.70
C PRO L 14 -62.90 -10.57 -30.12
N THR L 15 -62.78 -9.29 -29.81
CA THR L 15 -61.61 -8.56 -30.28
C THR L 15 -60.67 -7.99 -29.26
N ARG L 16 -61.09 -7.92 -28.00
CA ARG L 16 -60.21 -7.34 -26.99
C ARG L 16 -60.16 -8.17 -25.73
N HIS L 17 -59.10 -7.94 -24.96
CA HIS L 17 -58.95 -8.61 -23.68
C HIS L 17 -59.05 -7.58 -22.59
N TYR L 18 -59.87 -7.84 -21.59
CA TYR L 18 -60.06 -6.87 -20.52
C TYR L 18 -59.60 -7.28 -19.13
N ALA L 19 -59.03 -6.32 -18.40
CA ALA L 19 -58.60 -6.45 -17.00
C ALA L 19 -59.58 -5.50 -16.28
N HIS L 20 -60.30 -6.03 -15.29
CA HIS L 20 -61.35 -5.26 -14.66
C HIS L 20 -61.26 -5.18 -13.14
N VAL L 21 -61.13 -3.98 -12.54
CA VAL L 21 -61.11 -3.85 -11.09
C VAL L 21 -62.48 -3.52 -10.48
N ASP L 22 -62.73 -3.98 -9.25
CA ASP L 22 -63.97 -3.73 -8.54
C ASP L 22 -63.51 -3.60 -7.09
N CYS L 23 -63.90 -2.56 -6.37
CA CYS L 23 -63.48 -2.42 -4.99
C CYS L 23 -64.71 -2.48 -4.12
N PRO L 24 -64.56 -2.97 -2.87
CA PRO L 24 -65.73 -3.07 -2.00
C PRO L 24 -66.30 -1.75 -1.52
N GLY L 25 -65.48 -0.89 -0.90
CA GLY L 25 -66.03 0.37 -0.43
C GLY L 25 -65.53 1.68 -1.02
N HIS L 26 -66.25 2.76 -0.73
CA HIS L 26 -65.87 4.06 -1.26
C HIS L 26 -64.41 4.40 -0.99
N ALA L 27 -63.94 4.16 0.25
CA ALA L 27 -62.54 4.47 0.59
C ALA L 27 -61.54 3.77 -0.33
N ASP L 28 -61.90 2.56 -0.74
CA ASP L 28 -61.06 1.75 -1.61
C ASP L 28 -60.94 2.46 -2.90
N TYR L 29 -62.07 2.85 -3.47
CA TYR L 29 -62.05 3.59 -4.72
C TYR L 29 -61.14 4.80 -4.62
N VAL L 30 -61.33 5.57 -3.55
CA VAL L 30 -60.48 6.73 -3.39
C VAL L 30 -59.01 6.37 -3.38
N LYS L 31 -58.61 5.47 -2.50
CA LYS L 31 -57.19 5.14 -2.43
C LYS L 31 -56.64 4.59 -3.73
N ASN L 32 -57.41 3.72 -4.38
CA ASN L 32 -57.00 3.08 -5.63
C ASN L 32 -56.81 4.00 -6.79
N MET L 33 -57.81 4.86 -7.00
CA MET L 33 -57.72 5.79 -8.10
C MET L 33 -56.56 6.72 -7.92
N ILE L 34 -56.39 7.26 -6.72
CA ILE L 34 -55.27 8.15 -6.50
C ILE L 34 -53.91 7.44 -6.56
N THR L 35 -53.67 6.41 -5.79
CA THR L 35 -52.35 5.78 -5.83
C THR L 35 -52.03 5.16 -7.18
N GLY L 36 -53.02 5.13 -8.06
CA GLY L 36 -52.77 4.58 -9.38
C GLY L 36 -52.63 3.08 -9.33
N ALA L 37 -53.01 2.48 -8.20
CA ALA L 37 -52.91 1.03 -8.08
C ALA L 37 -53.74 0.40 -9.21
N ALA L 38 -54.95 0.93 -9.42
CA ALA L 38 -55.88 0.49 -10.46
C ALA L 38 -56.06 1.60 -11.54
N GLN L 39 -55.27 1.55 -12.62
CA GLN L 39 -55.38 2.54 -13.73
C GLN L 39 -56.49 2.05 -14.63
N MET L 40 -57.25 2.99 -15.18
CA MET L 40 -58.34 2.62 -16.05
C MET L 40 -58.26 3.36 -17.37
N ASP L 41 -58.50 2.61 -18.43
CA ASP L 41 -58.53 3.21 -19.72
C ASP L 41 -59.95 3.70 -19.96
N GLY L 42 -60.90 3.17 -19.17
CA GLY L 42 -62.29 3.54 -19.26
C GLY L 42 -62.95 2.97 -18.01
N ALA L 43 -64.07 3.54 -17.60
CA ALA L 43 -64.74 3.07 -16.39
C ALA L 43 -66.19 2.83 -16.70
N ILE L 44 -66.83 1.94 -15.92
CA ILE L 44 -68.24 1.63 -16.09
C ILE L 44 -68.87 2.19 -14.86
N LEU L 45 -69.60 3.29 -15.04
CA LEU L 45 -70.29 3.89 -13.90
C LEU L 45 -71.62 3.15 -13.73
N VAL L 46 -71.81 2.51 -12.58
CA VAL L 46 -73.02 1.76 -12.30
C VAL L 46 -73.92 2.64 -11.45
N VAL L 47 -75.16 2.83 -11.87
CA VAL L 47 -76.12 3.66 -11.15
C VAL L 47 -77.43 2.88 -11.05
N ALA L 48 -77.85 2.55 -9.83
CA ALA L 48 -79.09 1.81 -9.65
C ALA L 48 -80.22 2.74 -10.09
N ALA L 49 -81.12 2.24 -10.94
CA ALA L 49 -82.25 3.03 -11.46
C ALA L 49 -83.23 3.37 -10.33
N THR L 50 -83.28 2.48 -9.35
CA THR L 50 -84.07 2.61 -8.15
C THR L 50 -83.69 3.87 -7.33
N ASP L 51 -82.43 4.01 -6.96
CA ASP L 51 -81.99 5.16 -6.17
C ASP L 51 -81.60 6.38 -6.98
N GLY L 52 -81.20 6.20 -8.23
CA GLY L 52 -80.72 7.35 -8.99
C GLY L 52 -79.31 7.75 -8.51
N PRO L 53 -78.72 8.83 -9.04
CA PRO L 53 -77.38 9.19 -8.56
C PRO L 53 -77.36 9.32 -7.04
N MET L 54 -76.17 9.24 -6.46
CA MET L 54 -76.00 9.36 -5.02
C MET L 54 -74.69 10.05 -4.80
N PRO L 55 -74.36 10.34 -3.55
CA PRO L 55 -73.09 11.03 -3.33
C PRO L 55 -71.87 10.39 -3.96
N GLN L 56 -71.65 9.11 -3.68
CA GLN L 56 -70.48 8.42 -4.23
C GLN L 56 -70.47 8.42 -5.77
N THR L 57 -71.66 8.39 -6.37
CA THR L 57 -71.78 8.46 -7.82
C THR L 57 -71.09 9.72 -8.29
N ARG L 58 -71.43 10.83 -7.67
CA ARG L 58 -70.81 12.09 -8.05
C ARG L 58 -69.31 12.10 -7.70
N GLU L 59 -68.98 11.66 -6.50
CA GLU L 59 -67.58 11.64 -6.07
C GLU L 59 -66.68 10.83 -7.00
N HIS L 60 -67.16 9.67 -7.42
CA HIS L 60 -66.38 8.83 -8.30
C HIS L 60 -66.12 9.52 -9.63
N ILE L 61 -67.17 10.11 -10.21
CA ILE L 61 -67.00 10.83 -11.48
C ILE L 61 -65.96 11.94 -11.34
N LEU L 62 -66.07 12.68 -10.24
CA LEU L 62 -65.14 13.75 -10.00
C LEU L 62 -63.74 13.19 -9.93
N LEU L 63 -63.60 12.12 -9.15
CA LEU L 63 -62.30 11.49 -9.00
C LEU L 63 -61.74 11.06 -10.34
N GLY L 64 -62.62 10.53 -11.18
CA GLY L 64 -62.22 10.10 -12.50
C GLY L 64 -61.63 11.26 -13.29
N ARG L 65 -62.33 12.41 -13.29
CA ARG L 65 -61.83 13.58 -13.96
C ARG L 65 -60.45 13.90 -13.43
N GLN L 66 -60.35 13.97 -12.11
CA GLN L 66 -59.08 14.28 -11.47
C GLN L 66 -57.92 13.33 -11.77
N VAL L 67 -58.11 12.02 -11.60
CA VAL L 67 -57.02 11.05 -11.84
C VAL L 67 -56.76 10.69 -13.31
N GLY L 68 -57.61 11.19 -14.18
CA GLY L 68 -57.40 10.94 -15.59
C GLY L 68 -58.12 9.81 -16.28
N VAL L 69 -59.28 9.41 -15.83
CA VAL L 69 -59.97 8.35 -16.53
C VAL L 69 -60.63 9.06 -17.67
N PRO L 70 -60.21 8.74 -18.90
CA PRO L 70 -60.72 9.34 -20.14
C PRO L 70 -62.13 9.05 -20.59
N TYR L 71 -62.65 7.86 -20.32
CA TYR L 71 -64.02 7.55 -20.76
C TYR L 71 -64.87 6.89 -19.73
N ILE L 72 -66.17 7.14 -19.81
CA ILE L 72 -67.07 6.54 -18.87
C ILE L 72 -68.29 6.08 -19.58
N ILE L 73 -68.67 4.83 -19.35
CA ILE L 73 -69.86 4.23 -19.96
C ILE L 73 -70.78 4.04 -18.78
N VAL L 74 -72.08 4.14 -19.01
CA VAL L 74 -72.99 4.00 -17.90
C VAL L 74 -73.89 2.79 -17.99
N PHE L 75 -74.11 2.15 -16.87
CA PHE L 75 -74.99 1.02 -16.84
C PHE L 75 -76.06 1.29 -15.76
N LEU L 76 -77.30 1.55 -16.21
CA LEU L 76 -78.44 1.76 -15.31
C LEU L 76 -78.83 0.37 -14.85
N ASN L 77 -78.58 0.11 -13.58
CA ASN L 77 -78.85 -1.20 -13.04
C ASN L 77 -80.16 -1.35 -12.29
N LYS L 78 -80.55 -2.58 -12.00
CA LYS L 78 -81.78 -2.84 -11.27
C LYS L 78 -83.04 -2.37 -12.04
N CYS L 79 -82.99 -2.42 -13.36
CA CYS L 79 -84.13 -2.00 -14.17
C CYS L 79 -85.20 -3.06 -14.11
N ASP L 80 -84.86 -4.19 -13.52
CA ASP L 80 -85.82 -5.27 -13.37
C ASP L 80 -86.73 -4.89 -12.21
N MET L 81 -86.55 -3.69 -11.68
CA MET L 81 -87.34 -3.21 -10.57
C MET L 81 -88.30 -2.15 -11.07
N VAL L 82 -87.79 -1.26 -11.88
CA VAL L 82 -88.61 -0.20 -12.41
C VAL L 82 -89.39 -0.75 -13.61
N ASP L 83 -90.48 -0.06 -13.99
CA ASP L 83 -91.27 -0.40 -15.18
C ASP L 83 -92.01 0.88 -15.52
N ASP L 84 -91.29 1.97 -15.36
CA ASP L 84 -91.82 3.27 -15.64
C ASP L 84 -90.91 3.97 -16.64
N GLU L 85 -91.20 3.84 -17.93
CA GLU L 85 -90.41 4.51 -18.97
C GLU L 85 -90.00 5.91 -18.55
N GLU L 86 -90.97 6.62 -18.02
CA GLU L 86 -90.77 7.99 -17.59
C GLU L 86 -89.71 8.10 -16.48
N LEU L 87 -89.82 7.28 -15.44
CA LEU L 87 -88.86 7.32 -14.33
C LEU L 87 -87.42 7.18 -14.81
N LEU L 88 -87.19 6.14 -15.63
CA LEU L 88 -85.90 5.84 -16.21
C LEU L 88 -85.39 7.03 -16.99
N GLU L 89 -86.22 7.54 -17.91
CA GLU L 89 -85.88 8.69 -18.73
C GLU L 89 -85.41 9.81 -17.82
N LEU L 90 -85.99 9.81 -16.63
CA LEU L 90 -85.68 10.84 -15.67
C LEU L 90 -84.25 10.67 -15.20
N VAL L 91 -83.96 9.47 -14.69
CA VAL L 91 -82.63 9.15 -14.17
C VAL L 91 -81.53 9.43 -15.19
N GLU L 92 -81.72 9.00 -16.44
CA GLU L 92 -80.69 9.24 -17.46
C GLU L 92 -80.30 10.70 -17.56
N MET L 93 -81.31 11.54 -17.68
CA MET L 93 -81.10 12.96 -17.82
C MET L 93 -80.23 13.46 -16.68
N GLU L 94 -80.57 13.00 -15.47
CA GLU L 94 -79.84 13.38 -14.27
C GLU L 94 -78.36 13.08 -14.44
N VAL L 95 -78.12 11.81 -14.76
CA VAL L 95 -76.77 11.29 -14.96
C VAL L 95 -76.00 12.03 -16.04
N ARG L 96 -76.63 12.20 -17.21
CA ARG L 96 -75.92 12.86 -18.30
C ARG L 96 -75.50 14.27 -17.89
N GLU L 97 -76.34 14.93 -17.10
CA GLU L 97 -76.04 16.28 -16.65
C GLU L 97 -74.87 16.21 -15.72
N LEU L 98 -74.98 15.28 -14.78
CA LEU L 98 -73.97 15.01 -13.79
C LEU L 98 -72.61 14.77 -14.44
N LEU L 99 -72.59 14.02 -15.53
CA LEU L 99 -71.33 13.77 -16.22
C LEU L 99 -70.79 15.06 -16.86
N SER L 100 -71.70 15.78 -17.53
CA SER L 100 -71.37 17.05 -18.23
C SER L 100 -70.78 18.04 -17.21
N GLN L 101 -71.29 17.99 -15.99
CA GLN L 101 -70.82 18.83 -14.92
C GLN L 101 -69.34 18.67 -14.71
N TYR L 102 -68.81 17.48 -14.96
CA TYR L 102 -67.39 17.28 -14.76
C TYR L 102 -66.58 17.12 -16.04
N ASP L 103 -67.11 17.72 -17.12
CA ASP L 103 -66.47 17.72 -18.44
C ASP L 103 -66.49 16.44 -19.25
N PHE L 104 -67.37 15.53 -18.89
CA PHE L 104 -67.47 14.30 -19.64
C PHE L 104 -68.64 14.58 -20.57
N PRO L 105 -68.55 14.10 -21.82
CA PRO L 105 -69.61 14.29 -22.82
C PRO L 105 -70.93 13.67 -22.43
N GLY L 106 -71.61 14.21 -21.43
CA GLY L 106 -72.88 13.64 -21.00
C GLY L 106 -73.90 13.32 -22.08
N ASP L 107 -73.77 13.94 -23.24
CA ASP L 107 -74.74 13.66 -24.27
C ASP L 107 -74.39 12.44 -25.10
N ASP L 108 -73.12 12.35 -25.49
CA ASP L 108 -72.65 11.21 -26.27
C ASP L 108 -72.32 9.97 -25.44
N THR L 109 -72.43 10.06 -24.12
CA THR L 109 -72.12 8.93 -23.26
C THR L 109 -73.15 7.79 -23.43
N PRO L 110 -72.66 6.57 -23.65
CA PRO L 110 -73.59 5.46 -23.82
C PRO L 110 -74.22 5.07 -22.48
N ILE L 111 -75.50 4.76 -22.47
CA ILE L 111 -76.11 4.32 -21.24
C ILE L 111 -76.93 3.08 -21.50
N VAL L 112 -76.60 2.00 -20.85
CA VAL L 112 -77.31 0.76 -21.08
C VAL L 112 -78.27 0.57 -19.92
N ARG L 113 -79.47 0.08 -20.21
CA ARG L 113 -80.44 -0.20 -19.17
C ARG L 113 -80.48 -1.69 -18.98
N GLY L 114 -80.13 -2.17 -17.81
CA GLY L 114 -80.16 -3.61 -17.62
C GLY L 114 -80.37 -4.05 -16.19
N SER L 115 -80.07 -5.31 -15.97
CA SER L 115 -80.20 -5.87 -14.66
C SER L 115 -79.09 -6.90 -14.51
N ALA L 116 -78.12 -6.55 -13.67
CA ALA L 116 -77.01 -7.42 -13.42
C ALA L 116 -77.46 -8.71 -12.76
N LEU L 117 -78.50 -8.58 -11.95
CA LEU L 117 -79.02 -9.72 -11.22
C LEU L 117 -79.64 -10.75 -12.15
N LYS L 118 -80.68 -10.33 -12.87
CA LYS L 118 -81.36 -11.22 -13.81
C LYS L 118 -80.38 -11.85 -14.79
N ALA L 119 -79.53 -11.03 -15.39
CA ALA L 119 -78.53 -11.52 -16.34
C ALA L 119 -77.71 -12.65 -15.74
N LEU L 120 -77.35 -12.47 -14.48
CA LEU L 120 -76.57 -13.47 -13.80
C LEU L 120 -77.39 -14.74 -13.58
N GLU L 121 -78.71 -14.57 -13.43
CA GLU L 121 -79.61 -15.70 -13.21
C GLU L 121 -79.83 -16.52 -14.48
N GLY L 122 -79.53 -15.93 -15.64
CA GLY L 122 -79.68 -16.67 -16.88
C GLY L 122 -80.73 -16.14 -17.81
N ASP L 123 -81.62 -15.28 -17.33
CA ASP L 123 -82.67 -14.71 -18.18
C ASP L 123 -81.99 -14.04 -19.39
N ALA L 124 -82.11 -14.66 -20.55
CA ALA L 124 -81.49 -14.17 -21.78
C ALA L 124 -81.94 -12.81 -22.27
N GLU L 125 -83.13 -12.39 -21.91
CA GLU L 125 -83.60 -11.08 -22.34
C GLU L 125 -82.70 -10.02 -21.68
N TRP L 126 -82.18 -10.36 -20.51
CA TRP L 126 -81.32 -9.46 -19.72
C TRP L 126 -79.84 -9.64 -20.05
N GLU L 127 -79.48 -10.88 -20.41
CA GLU L 127 -78.13 -11.20 -20.79
C GLU L 127 -77.80 -10.33 -21.98
N ALA L 128 -78.82 -10.04 -22.76
CA ALA L 128 -78.65 -9.25 -23.95
C ALA L 128 -78.03 -7.91 -23.62
N LYS L 129 -78.54 -7.26 -22.58
CA LYS L 129 -78.01 -5.95 -22.18
C LYS L 129 -76.53 -6.03 -21.80
N ILE L 130 -76.11 -7.16 -21.24
CA ILE L 130 -74.71 -7.33 -20.90
C ILE L 130 -73.89 -7.33 -22.20
N LEU L 131 -74.41 -8.04 -23.20
CA LEU L 131 -73.71 -8.06 -24.47
C LEU L 131 -73.63 -6.65 -25.09
N GLU L 132 -74.69 -5.86 -24.88
CA GLU L 132 -74.76 -4.49 -25.39
C GLU L 132 -73.68 -3.61 -24.75
N LEU L 133 -73.49 -3.84 -23.45
CA LEU L 133 -72.50 -3.11 -22.69
C LEU L 133 -71.09 -3.42 -23.22
N ALA L 134 -70.88 -4.72 -23.46
CA ALA L 134 -69.60 -5.21 -23.96
C ALA L 134 -69.30 -4.56 -25.30
N GLY L 135 -70.36 -4.39 -26.10
CA GLY L 135 -70.23 -3.77 -27.39
C GLY L 135 -69.65 -2.38 -27.21
N PHE L 136 -70.17 -1.65 -26.22
CA PHE L 136 -69.69 -0.29 -25.96
C PHE L 136 -68.29 -0.26 -25.42
N LEU L 137 -67.93 -1.24 -24.60
CA LEU L 137 -66.54 -1.29 -24.11
C LEU L 137 -65.66 -1.40 -25.35
N ASP L 138 -66.06 -2.25 -26.29
CA ASP L 138 -65.30 -2.45 -27.52
C ASP L 138 -65.26 -1.25 -28.47
N SER L 139 -66.39 -0.57 -28.63
CA SER L 139 -66.47 0.56 -29.56
C SER L 139 -66.18 1.93 -28.99
N TYR L 140 -66.71 2.20 -27.80
CA TYR L 140 -66.52 3.48 -27.18
C TYR L 140 -65.12 3.77 -26.64
N ILE L 141 -64.52 2.82 -25.92
CA ILE L 141 -63.18 3.05 -25.40
C ILE L 141 -62.17 2.79 -26.52
N PRO L 142 -61.45 3.81 -26.94
CA PRO L 142 -60.48 3.54 -28.00
C PRO L 142 -59.32 2.73 -27.46
N GLU L 143 -58.67 1.95 -28.34
CA GLU L 143 -57.50 1.14 -27.98
C GLU L 143 -56.47 2.00 -27.32
N PRO L 144 -56.05 1.68 -26.11
CA PRO L 144 -55.06 2.52 -25.45
C PRO L 144 -53.69 2.43 -26.14
N GLU L 145 -52.95 3.50 -26.10
CA GLU L 145 -51.66 3.55 -26.76
C GLU L 145 -50.64 2.69 -26.02
N ARG L 146 -49.89 1.89 -26.77
CA ARG L 146 -48.84 0.98 -26.24
C ARG L 146 -47.58 1.74 -25.78
N ALA L 147 -46.86 1.17 -24.82
CA ALA L 147 -45.65 1.81 -24.30
C ALA L 147 -44.62 2.13 -25.36
N ILE L 148 -44.33 1.14 -26.20
CA ILE L 148 -43.36 1.34 -27.25
C ILE L 148 -43.73 2.38 -28.28
N ASP L 149 -45.00 2.70 -28.40
CA ASP L 149 -45.39 3.71 -29.37
C ASP L 149 -45.26 5.13 -28.83
N LYS L 150 -45.03 5.23 -27.52
CA LYS L 150 -44.89 6.53 -26.87
C LYS L 150 -43.46 7.03 -27.06
N PRO L 151 -43.26 8.34 -26.89
CA PRO L 151 -41.93 8.89 -27.04
C PRO L 151 -40.98 8.30 -26.01
N PHE L 152 -39.75 8.13 -26.43
CA PHE L 152 -38.75 7.61 -25.52
C PHE L 152 -38.65 8.41 -24.23
N LEU L 153 -38.63 7.69 -23.11
CA LEU L 153 -38.48 8.28 -21.79
C LEU L 153 -37.70 7.26 -20.96
N LEU L 154 -36.59 7.69 -20.36
CA LEU L 154 -35.83 6.81 -19.51
C LEU L 154 -35.39 7.51 -18.22
N PRO L 155 -35.92 7.04 -17.07
CA PRO L 155 -35.53 7.67 -15.81
C PRO L 155 -34.14 7.15 -15.44
N ILE L 156 -33.20 8.08 -15.31
CA ILE L 156 -31.83 7.73 -14.98
C ILE L 156 -31.72 7.17 -13.59
N GLU L 157 -31.18 5.98 -13.45
CA GLU L 157 -31.02 5.42 -12.14
C GLU L 157 -29.60 5.52 -11.63
N ASP L 158 -28.63 5.56 -12.53
CA ASP L 158 -27.24 5.69 -12.09
C ASP L 158 -26.43 6.19 -13.27
N VAL L 159 -25.21 6.63 -12.96
CA VAL L 159 -24.33 7.13 -14.00
C VAL L 159 -22.93 6.57 -13.84
N PHE L 160 -22.31 6.30 -14.97
CA PHE L 160 -20.98 5.77 -14.95
C PHE L 160 -20.17 6.35 -16.10
N SER L 161 -18.88 6.17 -15.97
CA SER L 161 -17.91 6.61 -16.94
C SER L 161 -17.05 5.38 -17.24
N ILE L 162 -17.32 4.73 -18.35
CA ILE L 162 -16.53 3.59 -18.74
C ILE L 162 -15.29 4.11 -19.43
N SER L 163 -14.13 3.56 -19.09
CA SER L 163 -12.84 3.95 -19.67
C SER L 163 -12.77 4.17 -21.19
N GLY L 164 -12.41 5.39 -21.57
CA GLY L 164 -12.26 5.73 -22.98
C GLY L 164 -13.45 5.73 -23.93
N ARG L 165 -14.62 5.27 -23.48
CA ARG L 165 -15.77 5.30 -24.37
C ARG L 165 -16.80 6.38 -24.02
N GLY L 166 -16.84 6.83 -22.77
CA GLY L 166 -17.77 7.88 -22.42
C GLY L 166 -18.65 7.67 -21.19
N THR L 167 -19.67 8.53 -21.09
CA THR L 167 -20.60 8.49 -19.98
C THR L 167 -21.77 7.56 -20.29
N VAL L 168 -22.07 6.69 -19.34
CA VAL L 168 -23.16 5.72 -19.45
C VAL L 168 -24.23 5.96 -18.38
N VAL L 169 -25.47 6.20 -18.80
CA VAL L 169 -26.57 6.38 -17.86
C VAL L 169 -27.40 5.09 -17.88
N THR L 170 -27.78 4.60 -16.71
CA THR L 170 -28.54 3.37 -16.67
C THR L 170 -29.96 3.55 -16.19
N GLY L 171 -30.79 2.55 -16.46
CA GLY L 171 -32.18 2.60 -16.07
C GLY L 171 -33.07 1.76 -16.95
N ARG L 172 -34.34 1.65 -16.59
CA ARG L 172 -35.29 0.87 -17.37
C ARG L 172 -36.02 1.85 -18.28
N VAL L 173 -36.03 1.56 -19.58
CA VAL L 173 -36.73 2.44 -20.50
C VAL L 173 -38.17 2.34 -20.11
N GLU L 174 -38.77 3.47 -19.76
CA GLU L 174 -40.17 3.46 -19.34
C GLU L 174 -41.09 3.34 -20.54
N ARG L 175 -40.73 3.99 -21.64
CA ARG L 175 -41.55 3.93 -22.82
C ARG L 175 -40.80 4.35 -24.08
N GLY L 176 -41.26 3.85 -25.23
CA GLY L 176 -40.65 4.19 -26.50
C GLY L 176 -39.45 3.33 -26.83
N ILE L 177 -38.64 3.84 -27.74
CA ILE L 177 -37.43 3.17 -28.21
C ILE L 177 -36.29 4.15 -28.44
N ILE L 178 -35.08 3.73 -28.10
CA ILE L 178 -33.90 4.56 -28.30
C ILE L 178 -32.92 3.78 -29.20
N LYS L 179 -32.52 4.40 -30.31
CA LYS L 179 -31.62 3.80 -31.29
C LYS L 179 -30.26 4.53 -31.28
N VAL L 180 -29.18 3.78 -31.42
CA VAL L 180 -27.85 4.39 -31.44
C VAL L 180 -27.85 5.47 -32.53
N GLY L 181 -27.34 6.64 -32.20
CA GLY L 181 -27.30 7.71 -33.17
C GLY L 181 -28.38 8.75 -32.95
N GLU L 182 -29.52 8.37 -32.36
CA GLU L 182 -30.59 9.34 -32.10
C GLU L 182 -30.19 10.36 -31.07
N GLU L 183 -30.78 11.53 -31.21
CA GLU L 183 -30.53 12.63 -30.31
C GLU L 183 -31.52 12.56 -29.15
N VAL L 184 -31.05 12.89 -27.95
CA VAL L 184 -31.89 12.84 -26.78
C VAL L 184 -31.74 14.09 -25.95
N GLU L 185 -32.70 14.33 -25.06
CA GLU L 185 -32.62 15.47 -24.16
C GLU L 185 -32.55 14.94 -22.76
N ILE L 186 -31.86 15.69 -21.90
CA ILE L 186 -31.74 15.35 -20.49
C ILE L 186 -32.56 16.45 -19.85
N VAL L 187 -33.74 16.11 -19.33
CA VAL L 187 -34.57 17.12 -18.73
C VAL L 187 -34.82 16.96 -17.21
N GLY L 188 -34.97 18.12 -16.55
CA GLY L 188 -35.22 18.17 -15.13
C GLY L 188 -34.08 18.73 -14.30
N ILE L 189 -34.42 19.30 -13.14
CA ILE L 189 -33.47 19.87 -12.19
C ILE L 189 -32.72 21.05 -12.79
N LYS L 190 -31.71 20.77 -13.62
CA LYS L 190 -30.88 21.79 -14.29
C LYS L 190 -31.65 22.29 -15.51
N GLU L 191 -30.91 22.82 -16.48
CA GLU L 191 -31.53 23.32 -17.67
C GLU L 191 -31.41 22.20 -18.68
N THR L 192 -32.45 22.07 -19.50
CA THR L 192 -32.46 21.02 -20.49
C THR L 192 -31.19 21.04 -21.37
N GLN L 193 -30.48 19.91 -21.38
CA GLN L 193 -29.26 19.73 -22.18
C GLN L 193 -29.57 18.73 -23.29
N LYS L 194 -28.90 18.86 -24.43
CA LYS L 194 -29.14 17.92 -25.52
C LYS L 194 -27.90 17.09 -25.73
N SER L 195 -28.06 15.92 -26.33
CA SER L 195 -26.92 15.06 -26.56
C SER L 195 -27.28 14.01 -27.61
N THR L 196 -26.33 13.14 -27.90
CA THR L 196 -26.56 12.11 -28.88
C THR L 196 -26.23 10.75 -28.31
N CYS L 197 -27.10 9.79 -28.62
CA CYS L 197 -26.88 8.44 -28.15
C CYS L 197 -25.80 7.85 -29.03
N THR L 198 -24.67 7.52 -28.43
CA THR L 198 -23.60 6.93 -29.21
C THR L 198 -23.51 5.42 -28.93
N GLY L 199 -24.53 4.88 -28.26
CA GLY L 199 -24.53 3.47 -27.96
C GLY L 199 -25.52 3.00 -26.92
N VAL L 200 -25.83 1.72 -26.97
CA VAL L 200 -26.75 1.10 -26.04
C VAL L 200 -26.12 -0.23 -25.68
N GLU L 201 -25.89 -0.49 -24.41
CA GLU L 201 -25.27 -1.74 -24.00
C GLU L 201 -26.11 -2.41 -22.91
N MET L 202 -26.05 -3.73 -22.84
CA MET L 202 -26.80 -4.42 -21.83
C MET L 202 -26.02 -5.64 -21.41
N PHE L 203 -25.36 -5.56 -20.27
CA PHE L 203 -24.60 -6.69 -19.80
C PHE L 203 -23.57 -7.04 -20.82
N ARG L 204 -22.82 -6.01 -21.22
CA ARG L 204 -21.72 -6.06 -22.18
C ARG L 204 -22.18 -6.21 -23.63
N LYS L 205 -23.17 -7.05 -23.87
CA LYS L 205 -23.61 -7.24 -25.24
C LYS L 205 -24.05 -5.90 -25.77
N LEU L 206 -23.44 -5.46 -26.86
CA LEU L 206 -23.82 -4.18 -27.43
C LEU L 206 -25.09 -4.32 -28.25
N LEU L 207 -26.00 -3.37 -28.08
CA LEU L 207 -27.27 -3.37 -28.80
C LEU L 207 -27.42 -2.20 -29.76
N ASP L 208 -28.35 -2.37 -30.67
CA ASP L 208 -28.62 -1.36 -31.69
C ASP L 208 -29.63 -0.35 -31.16
N GLU L 209 -30.54 -0.85 -30.30
CA GLU L 209 -31.60 -0.05 -29.70
C GLU L 209 -32.05 -0.56 -28.32
N GLY L 210 -32.66 0.35 -27.57
CA GLY L 210 -33.19 0.02 -26.27
C GLY L 210 -34.70 0.14 -26.36
N ARG L 211 -35.42 -0.88 -25.90
CA ARG L 211 -36.87 -0.85 -25.97
C ARG L 211 -37.57 -0.75 -24.62
N ALA L 212 -38.75 -0.16 -24.64
CA ALA L 212 -39.54 0.00 -23.45
C ALA L 212 -39.54 -1.31 -22.62
N GLY L 213 -39.24 -1.23 -21.35
CA GLY L 213 -39.24 -2.41 -20.51
C GLY L 213 -37.87 -2.99 -20.24
N GLU L 214 -36.92 -2.68 -21.11
CA GLU L 214 -35.57 -3.20 -20.96
C GLU L 214 -34.71 -2.32 -20.06
N ASN L 215 -33.91 -3.00 -19.26
CA ASN L 215 -32.99 -2.36 -18.36
C ASN L 215 -31.70 -2.22 -19.17
N VAL L 216 -31.43 -1.03 -19.69
CA VAL L 216 -30.25 -0.80 -20.51
C VAL L 216 -29.32 0.28 -19.98
N GLY L 217 -28.25 0.50 -20.72
CA GLY L 217 -27.28 1.54 -20.38
C GLY L 217 -27.12 2.37 -21.65
N VAL L 218 -27.30 3.66 -21.54
CA VAL L 218 -27.20 4.48 -22.72
C VAL L 218 -25.92 5.29 -22.68
N LEU L 219 -25.16 5.24 -23.78
CA LEU L 219 -23.92 5.98 -23.91
C LEU L 219 -24.16 7.35 -24.53
N LEU L 220 -23.63 8.39 -23.88
CA LEU L 220 -23.82 9.75 -24.36
C LEU L 220 -22.56 10.43 -24.85
N ARG L 221 -22.72 11.17 -25.94
CA ARG L 221 -21.60 11.89 -26.49
C ARG L 221 -21.28 13.16 -25.71
N GLY L 222 -20.03 13.23 -25.27
CA GLY L 222 -19.54 14.37 -24.52
C GLY L 222 -20.45 15.03 -23.50
N ILE L 223 -20.59 14.37 -22.36
CA ILE L 223 -21.38 14.88 -21.24
C ILE L 223 -20.74 14.22 -20.04
N LYS L 224 -20.05 15.01 -19.24
CA LYS L 224 -19.35 14.45 -18.10
C LYS L 224 -20.29 13.83 -17.07
N ARG L 225 -19.82 12.75 -16.50
CA ARG L 225 -20.56 11.99 -15.50
C ARG L 225 -21.07 12.86 -14.37
N GLU L 226 -20.54 14.06 -14.27
CA GLU L 226 -20.95 14.96 -13.19
C GLU L 226 -22.01 15.96 -13.57
N GLU L 227 -22.34 16.04 -14.85
CA GLU L 227 -23.37 16.96 -15.33
C GLU L 227 -24.78 16.36 -15.17
N ILE L 228 -24.83 15.09 -14.75
CA ILE L 228 -26.11 14.45 -14.58
C ILE L 228 -26.53 14.44 -13.11
N GLU L 229 -27.68 15.06 -12.87
CA GLU L 229 -28.26 15.19 -11.54
C GLU L 229 -29.32 14.12 -11.29
N ARG L 230 -29.43 13.63 -10.05
CA ARG L 230 -30.45 12.64 -9.73
C ARG L 230 -31.82 13.26 -9.99
N GLY L 231 -32.75 12.50 -10.58
CA GLY L 231 -34.07 13.05 -10.84
C GLY L 231 -34.27 13.47 -12.27
N GLN L 232 -33.20 13.48 -13.05
CA GLN L 232 -33.33 13.85 -14.45
C GLN L 232 -33.77 12.65 -15.27
N VAL L 233 -34.30 12.89 -16.45
CA VAL L 233 -34.69 11.78 -17.32
C VAL L 233 -34.16 11.99 -18.73
N LEU L 234 -34.01 10.91 -19.48
CA LEU L 234 -33.58 10.96 -20.88
C LEU L 234 -34.88 10.90 -21.68
N ALA L 235 -35.02 11.74 -22.70
CA ALA L 235 -36.24 11.68 -23.46
C ALA L 235 -36.12 12.16 -24.91
N LYS L 236 -37.00 11.66 -25.77
CA LYS L 236 -37.04 12.09 -27.15
C LYS L 236 -37.16 13.60 -27.06
N PRO L 237 -36.30 14.36 -27.77
CA PRO L 237 -36.34 15.83 -27.71
C PRO L 237 -37.73 16.43 -27.90
N GLY L 238 -38.04 17.42 -27.06
CA GLY L 238 -39.31 18.11 -27.12
C GLY L 238 -40.56 17.28 -26.86
N THR L 239 -40.43 16.16 -26.18
CA THR L 239 -41.61 15.36 -25.93
C THR L 239 -42.13 15.52 -24.48
N ILE L 240 -41.26 15.97 -23.58
CA ILE L 240 -41.64 16.16 -22.20
C ILE L 240 -40.93 17.38 -21.69
N LYS L 241 -41.69 18.26 -21.09
CA LYS L 241 -41.09 19.49 -20.60
C LYS L 241 -41.07 19.53 -19.10
N PRO L 242 -40.04 20.18 -18.52
CA PRO L 242 -39.88 20.31 -17.07
C PRO L 242 -40.85 21.34 -16.51
N HIS L 243 -41.43 21.05 -15.33
CA HIS L 243 -42.36 21.98 -14.70
C HIS L 243 -42.09 22.05 -13.22
N THR L 244 -42.71 23.03 -12.56
CA THR L 244 -42.54 23.21 -11.14
C THR L 244 -43.84 23.42 -10.40
N LYS L 245 -44.88 23.85 -11.11
CA LYS L 245 -46.15 24.07 -10.46
C LYS L 245 -47.22 23.24 -11.11
N PHE L 246 -47.91 22.45 -10.30
CA PHE L 246 -48.98 21.59 -10.79
C PHE L 246 -50.11 21.43 -9.78
N GLU L 247 -51.25 21.04 -10.30
CA GLU L 247 -52.40 20.84 -9.46
C GLU L 247 -52.43 19.34 -9.31
N SER L 248 -52.91 18.84 -8.17
CA SER L 248 -52.95 17.38 -7.98
C SER L 248 -53.96 16.94 -6.95
N GLU L 249 -54.24 15.64 -6.95
CA GLU L 249 -55.18 15.03 -6.01
C GLU L 249 -54.29 14.15 -5.13
N VAL L 250 -54.43 14.24 -3.81
CA VAL L 250 -53.57 13.44 -2.96
C VAL L 250 -54.29 12.75 -1.88
N TYR L 251 -53.71 11.64 -1.45
CA TYR L 251 -54.27 10.85 -0.35
C TYR L 251 -53.20 10.89 0.73
N ILE L 252 -53.62 11.20 1.94
CA ILE L 252 -52.70 11.26 3.06
C ILE L 252 -52.89 10.02 3.92
N LEU L 253 -51.86 9.19 4.03
CA LEU L 253 -52.00 7.96 4.78
C LEU L 253 -52.49 8.24 6.16
N SER L 254 -53.26 7.30 6.69
CA SER L 254 -53.79 7.37 8.04
C SER L 254 -52.64 6.97 8.97
N LYS L 255 -52.86 7.09 10.27
CA LYS L 255 -51.82 6.75 11.22
C LYS L 255 -51.46 5.27 11.07
N ASP L 256 -52.51 4.43 10.99
CA ASP L 256 -52.38 2.98 10.85
C ASP L 256 -51.62 2.58 9.63
N GLU L 257 -51.81 3.30 8.53
CA GLU L 257 -51.08 2.95 7.32
C GLU L 257 -49.61 3.35 7.44
N GLY L 258 -49.27 3.92 8.59
CA GLY L 258 -47.91 4.32 8.82
C GLY L 258 -47.63 5.72 8.40
N GLY L 259 -48.66 6.56 8.37
CA GLY L 259 -48.47 7.95 8.02
C GLY L 259 -48.32 8.83 9.25
N ARG L 260 -48.59 10.13 9.08
CA ARG L 260 -48.53 11.11 10.17
C ARG L 260 -49.54 10.82 11.30
N HIS L 261 -49.23 11.31 12.49
CA HIS L 261 -50.10 11.12 13.65
C HIS L 261 -50.95 12.35 13.77
N THR L 262 -50.36 13.46 13.38
CA THR L 262 -51.01 14.76 13.49
C THR L 262 -51.28 15.39 12.16
N PRO L 263 -52.34 16.20 12.06
CA PRO L 263 -52.65 16.88 10.79
C PRO L 263 -51.57 17.87 10.46
N PHE L 264 -51.53 18.36 9.23
CA PHE L 264 -50.54 19.37 8.89
C PHE L 264 -51.32 20.62 8.47
N PHE L 265 -50.67 21.78 8.47
CA PHE L 265 -51.33 23.04 8.11
C PHE L 265 -50.72 23.72 6.92
N LYS L 266 -51.32 24.82 6.49
CA LYS L 266 -50.75 25.57 5.39
C LYS L 266 -49.25 25.81 5.74
N GLY L 267 -48.40 25.90 4.74
CA GLY L 267 -47.00 26.13 5.04
C GLY L 267 -46.20 24.86 5.27
N TYR L 268 -46.84 23.73 5.04
CA TYR L 268 -46.21 22.42 5.16
C TYR L 268 -45.30 22.35 3.93
N ARG L 269 -44.05 21.98 4.14
CA ARG L 269 -43.10 21.92 3.03
C ARG L 269 -42.44 20.55 3.06
N PRO L 270 -43.12 19.52 2.54
CA PRO L 270 -42.57 18.17 2.53
C PRO L 270 -41.79 17.90 1.24
N GLN L 271 -41.39 16.65 1.05
CA GLN L 271 -40.66 16.29 -0.15
C GLN L 271 -41.56 15.47 -1.01
N PHE L 272 -41.44 15.68 -2.32
CA PHE L 272 -42.23 14.97 -3.31
C PHE L 272 -41.35 14.02 -4.08
N TYR L 273 -41.63 12.73 -3.96
CA TYR L 273 -40.85 11.70 -4.64
C TYR L 273 -41.36 11.49 -6.08
N PHE L 274 -40.52 11.86 -7.03
CA PHE L 274 -40.81 11.74 -8.44
C PHE L 274 -39.84 10.76 -9.11
N ARG L 275 -40.31 9.54 -9.38
CA ARG L 275 -39.50 8.51 -10.00
C ARG L 275 -38.28 8.10 -9.19
N THR L 276 -37.30 9.00 -9.05
CA THR L 276 -36.07 8.66 -8.34
C THR L 276 -35.55 9.52 -7.21
N THR L 277 -36.07 10.72 -7.02
CA THR L 277 -35.63 11.56 -5.90
C THR L 277 -36.74 12.33 -5.27
N ASP L 278 -36.39 12.94 -4.14
CA ASP L 278 -37.30 13.79 -3.41
C ASP L 278 -37.00 15.19 -3.95
N VAL L 279 -38.02 16.04 -3.96
CA VAL L 279 -37.88 17.42 -4.38
C VAL L 279 -38.80 18.20 -3.46
N THR L 280 -38.24 19.13 -2.70
CA THR L 280 -39.09 19.87 -1.79
C THR L 280 -40.05 20.78 -2.50
N GLY L 281 -41.21 21.02 -1.88
CA GLY L 281 -42.21 21.87 -2.50
C GLY L 281 -43.14 22.54 -1.49
N THR L 282 -43.81 23.58 -1.95
CA THR L 282 -44.71 24.31 -1.08
C THR L 282 -46.10 23.89 -1.44
N ILE L 283 -47.01 24.06 -0.50
CA ILE L 283 -48.37 23.64 -0.68
C ILE L 283 -49.44 24.70 -0.55
N GLU L 284 -50.36 24.73 -1.50
CA GLU L 284 -51.48 25.66 -1.44
C GLU L 284 -52.73 24.82 -1.30
N LEU L 285 -53.39 24.89 -0.15
CA LEU L 285 -54.62 24.13 0.04
C LEU L 285 -55.79 24.90 -0.56
N PRO L 286 -56.91 24.22 -0.79
CA PRO L 286 -58.03 24.94 -1.35
C PRO L 286 -58.55 25.96 -0.33
N GLU L 287 -59.33 26.92 -0.79
CA GLU L 287 -59.79 27.91 0.15
C GLU L 287 -60.81 27.33 1.10
N GLY L 288 -60.57 27.65 2.37
CA GLY L 288 -61.45 27.18 3.41
C GLY L 288 -60.82 26.10 4.27
N VAL L 289 -59.80 25.41 3.74
CA VAL L 289 -59.13 24.35 4.48
C VAL L 289 -57.85 24.89 5.10
N GLU L 290 -57.75 24.72 6.41
CA GLU L 290 -56.62 25.21 7.17
C GLU L 290 -55.67 24.09 7.58
N MET L 291 -56.22 22.89 7.70
CA MET L 291 -55.44 21.72 8.05
C MET L 291 -55.95 20.44 7.39
N VAL L 292 -55.01 19.55 7.08
CA VAL L 292 -55.34 18.28 6.44
C VAL L 292 -55.10 17.15 7.44
N MET L 293 -56.13 16.31 7.64
CA MET L 293 -56.09 15.17 8.54
C MET L 293 -55.48 13.90 7.95
N PRO L 294 -54.86 13.05 8.77
CA PRO L 294 -54.30 11.84 8.16
C PRO L 294 -55.51 11.04 7.70
N GLY L 295 -55.44 10.46 6.50
CA GLY L 295 -56.54 9.69 5.95
C GLY L 295 -57.44 10.48 4.99
N ASP L 296 -57.15 11.77 4.80
CA ASP L 296 -57.98 12.56 3.90
C ASP L 296 -57.37 12.58 2.53
N ASN L 297 -58.20 12.84 1.53
CA ASN L 297 -57.71 13.05 0.19
C ASN L 297 -58.11 14.52 -0.11
N ILE L 298 -57.21 15.29 -0.73
CA ILE L 298 -57.53 16.69 -0.97
C ILE L 298 -56.86 17.22 -2.27
N LYS L 299 -57.52 18.21 -2.90
CA LYS L 299 -57.00 18.87 -4.12
C LYS L 299 -55.85 19.72 -3.57
N MET L 300 -54.75 19.82 -4.27
CA MET L 300 -53.63 20.54 -3.69
C MET L 300 -52.70 21.07 -4.78
N VAL L 301 -52.37 22.35 -4.72
CA VAL L 301 -51.49 22.94 -5.73
C VAL L 301 -50.10 22.95 -5.14
N VAL L 302 -49.16 22.42 -5.91
CA VAL L 302 -47.79 22.31 -5.44
C VAL L 302 -46.80 23.10 -6.27
N THR L 303 -45.81 23.67 -5.60
CA THR L 303 -44.78 24.40 -6.30
C THR L 303 -43.44 23.78 -5.88
N LEU L 304 -42.71 23.26 -6.86
CA LEU L 304 -41.44 22.62 -6.56
C LEU L 304 -40.26 23.56 -6.60
N ILE L 305 -39.25 23.23 -5.79
CA ILE L 305 -38.02 23.98 -5.71
C ILE L 305 -37.21 23.83 -7.00
N HIS L 306 -37.20 22.64 -7.57
CA HIS L 306 -36.50 22.40 -8.83
C HIS L 306 -37.48 21.86 -9.81
N PRO L 307 -37.24 22.07 -11.09
CA PRO L 307 -38.18 21.55 -12.09
C PRO L 307 -38.00 20.04 -12.34
N ILE L 308 -39.11 19.36 -12.59
CA ILE L 308 -39.11 17.92 -12.85
C ILE L 308 -39.84 17.65 -14.16
N ALA L 309 -39.34 16.70 -14.94
CA ALA L 309 -40.00 16.33 -16.19
C ALA L 309 -41.35 15.67 -15.82
N MET L 310 -42.45 16.27 -16.26
CA MET L 310 -43.75 15.71 -15.92
C MET L 310 -44.90 16.09 -16.87
N ASP L 311 -45.91 15.23 -16.90
CA ASP L 311 -47.11 15.45 -17.69
C ASP L 311 -48.28 14.99 -16.85
N ASP L 312 -49.48 15.36 -17.28
CA ASP L 312 -50.71 15.02 -16.58
C ASP L 312 -50.71 13.53 -16.28
N GLY L 313 -51.16 13.16 -15.09
CA GLY L 313 -51.24 11.75 -14.72
C GLY L 313 -50.04 11.14 -14.05
N LEU L 314 -48.90 11.81 -14.01
CA LEU L 314 -47.75 11.22 -13.33
C LEU L 314 -48.05 11.04 -11.82
N ARG L 315 -47.63 9.91 -11.26
CA ARG L 315 -47.86 9.59 -9.86
C ARG L 315 -46.66 9.98 -9.00
N PHE L 316 -46.85 10.25 -7.72
CA PHE L 316 -45.73 10.62 -6.85
C PHE L 316 -46.09 10.32 -5.39
N ALA L 317 -45.07 10.34 -4.53
CA ALA L 317 -45.27 10.09 -3.12
C ALA L 317 -44.88 11.35 -2.40
N ILE L 318 -45.43 11.52 -1.20
CA ILE L 318 -45.07 12.66 -0.40
C ILE L 318 -44.37 12.02 0.75
N ARG L 319 -43.15 12.45 1.01
CA ARG L 319 -42.37 11.89 2.10
C ARG L 319 -41.89 12.93 3.08
N GLU L 320 -41.76 12.51 4.33
CA GLU L 320 -41.27 13.36 5.42
C GLU L 320 -40.05 12.63 5.96
N GLY L 321 -38.88 13.05 5.48
CA GLY L 321 -37.66 12.40 5.90
C GLY L 321 -37.71 10.89 5.64
N GLY L 322 -37.65 10.51 4.37
CA GLY L 322 -37.69 9.10 4.05
C GLY L 322 -39.02 8.39 4.22
N ARG L 323 -39.76 8.71 5.28
CA ARG L 323 -41.04 8.04 5.48
C ARG L 323 -42.11 8.60 4.55
N THR L 324 -42.96 7.71 4.05
CA THR L 324 -44.00 8.06 3.13
C THR L 324 -45.25 8.44 3.88
N VAL L 325 -45.75 9.65 3.63
CA VAL L 325 -46.93 10.13 4.32
C VAL L 325 -48.17 10.30 3.43
N GLY L 326 -47.96 10.25 2.13
CA GLY L 326 -49.07 10.41 1.23
C GLY L 326 -48.71 10.06 -0.20
N ALA L 327 -49.73 9.97 -1.04
CA ALA L 327 -49.53 9.65 -2.45
C ALA L 327 -50.45 10.52 -3.27
N GLY L 328 -49.99 10.87 -4.47
CA GLY L 328 -50.82 11.69 -5.30
C GLY L 328 -50.56 11.47 -6.78
N VAL L 329 -51.38 12.14 -7.58
CA VAL L 329 -51.26 12.09 -9.00
C VAL L 329 -51.33 13.55 -9.51
N VAL L 330 -50.57 13.85 -10.54
CA VAL L 330 -50.56 15.18 -11.11
C VAL L 330 -51.83 15.34 -11.93
N ALA L 331 -52.76 16.17 -11.47
CA ALA L 331 -54.00 16.35 -12.21
C ALA L 331 -53.84 17.23 -13.44
N LYS L 332 -53.02 18.29 -13.33
CA LYS L 332 -52.74 19.17 -14.47
C LYS L 332 -51.54 20.03 -14.15
N VAL L 333 -50.62 20.16 -15.09
CA VAL L 333 -49.45 20.98 -14.81
C VAL L 333 -49.84 22.44 -15.05
N LEU L 334 -49.16 23.34 -14.37
CA LEU L 334 -49.44 24.77 -14.48
C LEU L 334 -48.25 25.58 -14.96
N GLY L 335 -47.07 25.25 -14.45
CA GLY L 335 -45.87 25.97 -14.83
C GLY L 335 -44.66 25.09 -14.68
#